data_7JMY
#
_entry.id   7JMY
#
_entity_poly.entity_id   1
_entity_poly.type   'polypeptide(L)'
_entity_poly.pdbx_seq_one_letter_code
;HHHHHHSHMGKQASASYDSEEEEEGLPMSYDEKRQLSLDINRLPGEKLGRVVHIIQSREPSLRDSNPDEIEIDFETLKPT
TLRELERYVKSCLQKK
;
_entity_poly.pdbx_strand_id   A
#
# COMPACT_ATOMS: atom_id res chain seq x y z
N HIS A 1 -31.79 13.46 -10.73
CA HIS A 1 -31.82 14.83 -11.30
C HIS A 1 -33.08 15.58 -10.81
N HIS A 2 -32.99 16.11 -9.59
CA HIS A 2 -34.03 16.96 -8.96
C HIS A 2 -33.33 17.95 -8.01
N HIS A 3 -33.74 19.24 -8.07
CA HIS A 3 -33.13 20.37 -7.31
C HIS A 3 -31.68 20.61 -7.81
N HIS A 4 -31.50 21.70 -8.57
CA HIS A 4 -30.22 22.00 -9.28
C HIS A 4 -29.42 23.12 -8.60
N HIS A 5 -30.01 23.81 -7.61
CA HIS A 5 -29.37 24.98 -6.95
C HIS A 5 -28.78 24.58 -5.58
N HIS A 6 -27.44 24.55 -5.50
CA HIS A 6 -26.70 24.32 -4.24
C HIS A 6 -25.41 25.15 -4.30
N SER A 7 -25.43 26.28 -3.60
CA SER A 7 -24.28 27.17 -3.47
C SER A 7 -23.16 26.52 -2.61
N HIS A 8 -21.90 26.80 -2.96
CA HIS A 8 -20.73 26.17 -2.32
C HIS A 8 -19.48 27.07 -2.44
N MET A 9 -18.87 27.38 -1.29
CA MET A 9 -17.56 28.05 -1.19
C MET A 9 -16.74 27.39 -0.08
N GLY A 10 -15.42 27.29 -0.28
CA GLY A 10 -14.51 26.73 0.72
C GLY A 10 -13.26 27.60 0.83
N LYS A 11 -13.21 28.41 1.89
CA LYS A 11 -12.13 29.38 2.14
C LYS A 11 -11.94 29.59 3.65
N GLN A 12 -10.89 28.94 4.19
CA GLN A 12 -10.37 29.09 5.57
C GLN A 12 -9.14 28.16 5.72
N ALA A 13 -7.95 28.74 5.55
CA ALA A 13 -6.67 28.03 5.73
C ALA A 13 -6.20 28.20 7.19
N SER A 14 -6.45 27.18 8.02
CA SER A 14 -6.12 27.20 9.46
C SER A 14 -4.64 26.87 9.71
N ALA A 15 -4.21 25.65 9.31
CA ALA A 15 -2.86 25.14 9.56
C ALA A 15 -2.54 23.96 8.62
N SER A 16 -1.72 24.24 7.59
CA SER A 16 -1.26 23.22 6.62
C SER A 16 0.24 22.97 6.81
N TYR A 17 0.76 21.91 6.17
CA TYR A 17 2.21 21.58 6.20
C TYR A 17 2.69 21.19 4.79
N ASP A 18 4.02 21.09 4.64
CA ASP A 18 4.67 20.72 3.38
C ASP A 18 5.97 19.96 3.72
N SER A 19 5.87 18.63 3.81
CA SER A 19 7.01 17.74 4.15
C SER A 19 7.61 17.08 2.90
N GLU A 20 8.76 16.43 3.09
CA GLU A 20 9.48 15.68 2.04
C GLU A 20 8.94 14.24 1.94
N GLU A 21 9.57 13.43 1.07
CA GLU A 21 9.09 12.07 0.72
C GLU A 21 9.69 11.04 1.69
N GLU A 22 11.03 10.85 1.56
CA GLU A 22 11.83 9.82 2.24
C GLU A 22 11.44 8.40 1.78
N GLU A 23 12.31 7.45 2.09
CA GLU A 23 12.08 6.03 1.80
C GLU A 23 11.39 5.39 3.01
N GLU A 24 11.95 5.68 4.22
CA GLU A 24 11.50 5.09 5.50
C GLU A 24 11.51 3.56 5.41
N GLY A 25 12.57 3.04 4.75
CA GLY A 25 12.69 1.64 4.41
C GLY A 25 12.82 0.71 5.60
N LEU A 26 11.67 0.40 6.20
CA LEU A 26 11.54 -0.44 7.39
C LEU A 26 10.69 -1.67 7.03
N PRO A 27 11.19 -2.92 7.25
CA PRO A 27 10.36 -4.14 7.16
C PRO A 27 9.20 -4.06 8.17
N MET A 28 8.05 -3.55 7.71
CA MET A 28 6.86 -3.32 8.56
C MET A 28 6.22 -4.65 8.98
N SER A 29 5.30 -4.56 9.96
CA SER A 29 4.59 -5.71 10.53
C SER A 29 3.64 -6.35 9.48
N TYR A 30 3.22 -7.60 9.75
CA TYR A 30 2.21 -8.32 8.95
C TYR A 30 0.90 -7.53 8.90
N ASP A 31 0.54 -6.93 10.05
CA ASP A 31 -0.68 -6.11 10.19
C ASP A 31 -0.69 -4.92 9.22
N GLU A 32 0.49 -4.33 8.97
CA GLU A 32 0.64 -3.20 8.01
C GLU A 32 0.44 -3.71 6.57
N LYS A 33 1.03 -4.87 6.27
CA LYS A 33 1.02 -5.48 4.93
C LYS A 33 -0.40 -5.93 4.51
N ARG A 34 -1.13 -6.56 5.44
CA ARG A 34 -2.50 -7.02 5.18
C ARG A 34 -3.49 -5.84 5.19
N GLN A 35 -3.09 -4.74 5.87
CA GLN A 35 -3.83 -3.46 5.85
C GLN A 35 -3.73 -2.82 4.47
N LEU A 36 -2.53 -2.92 3.85
CA LEU A 36 -2.31 -2.49 2.46
C LEU A 36 -3.16 -3.31 1.50
N SER A 37 -3.11 -4.66 1.64
CA SER A 37 -3.92 -5.61 0.84
C SER A 37 -5.43 -5.25 0.91
N LEU A 38 -5.86 -4.79 2.09
CA LEU A 38 -7.25 -4.42 2.39
C LEU A 38 -7.62 -3.06 1.76
N ASP A 39 -6.74 -2.06 1.91
CA ASP A 39 -6.97 -0.68 1.41
C ASP A 39 -6.93 -0.64 -0.12
N ILE A 40 -5.93 -1.35 -0.68
CA ILE A 40 -5.74 -1.51 -2.12
C ILE A 40 -6.94 -2.25 -2.75
N ASN A 41 -7.54 -3.17 -1.96
CA ASN A 41 -8.70 -3.99 -2.40
C ASN A 41 -9.94 -3.09 -2.59
N ARG A 42 -9.98 -2.00 -1.82
CA ARG A 42 -11.05 -0.98 -1.88
C ARG A 42 -10.85 -0.02 -3.06
N LEU A 43 -9.57 0.20 -3.43
CA LEU A 43 -9.18 1.17 -4.48
C LEU A 43 -9.70 0.75 -5.88
N PRO A 44 -9.85 1.73 -6.83
CA PRO A 44 -10.13 1.46 -8.28
C PRO A 44 -9.27 0.35 -8.92
N GLY A 45 -9.71 -0.12 -10.12
CA GLY A 45 -8.90 -1.03 -10.94
C GLY A 45 -7.63 -0.35 -11.43
N GLU A 46 -7.73 0.99 -11.66
CA GLU A 46 -6.59 1.87 -11.96
C GLU A 46 -5.59 1.84 -10.80
N LYS A 47 -6.10 2.11 -9.59
CA LYS A 47 -5.28 2.25 -8.39
C LYS A 47 -4.76 0.90 -7.87
N LEU A 48 -5.37 -0.21 -8.32
CA LEU A 48 -4.83 -1.57 -8.10
C LEU A 48 -3.66 -1.79 -9.08
N GLY A 49 -3.88 -1.40 -10.35
CA GLY A 49 -2.83 -1.49 -11.37
C GLY A 49 -1.68 -0.52 -11.10
N ARG A 50 -1.96 0.52 -10.27
CA ARG A 50 -1.01 1.57 -9.94
C ARG A 50 -0.01 1.08 -8.89
N VAL A 51 -0.51 0.33 -7.87
CA VAL A 51 0.38 -0.33 -6.86
C VAL A 51 1.39 -1.26 -7.55
N VAL A 52 0.96 -1.86 -8.68
CA VAL A 52 1.83 -2.71 -9.49
C VAL A 52 2.82 -1.85 -10.26
N HIS A 53 2.33 -0.72 -10.81
CA HIS A 53 3.18 0.24 -11.56
C HIS A 53 4.33 0.78 -10.67
N ILE A 54 4.06 0.86 -9.34
CA ILE A 54 5.03 1.26 -8.31
C ILE A 54 6.11 0.17 -8.12
N ILE A 55 5.71 -1.12 -7.95
CA ILE A 55 6.68 -2.24 -7.80
C ILE A 55 7.46 -2.46 -9.11
N GLN A 56 6.86 -2.04 -10.24
CA GLN A 56 7.47 -2.15 -11.58
C GLN A 56 8.52 -1.04 -11.78
N SER A 57 8.27 0.15 -11.19
CA SER A 57 9.27 1.25 -11.17
C SER A 57 10.48 0.85 -10.30
N ARG A 58 10.19 0.11 -9.21
CA ARG A 58 11.20 -0.39 -8.25
C ARG A 58 11.98 -1.58 -8.82
N GLU A 59 11.26 -2.47 -9.52
CA GLU A 59 11.83 -3.70 -10.11
C GLU A 59 11.64 -3.67 -11.65
N PRO A 60 12.67 -3.22 -12.43
CA PRO A 60 12.70 -3.34 -13.92
C PRO A 60 12.52 -4.81 -14.41
N SER A 61 12.89 -5.77 -13.55
CA SER A 61 12.69 -7.21 -13.78
C SER A 61 11.21 -7.60 -13.82
N LEU A 62 10.33 -6.68 -13.38
CA LEU A 62 8.87 -6.90 -13.40
C LEU A 62 8.15 -5.81 -14.22
N ARG A 63 8.91 -4.84 -14.71
CA ARG A 63 8.33 -3.62 -15.30
C ARG A 63 7.66 -3.94 -16.65
N ASP A 64 8.29 -4.86 -17.40
CA ASP A 64 7.79 -5.29 -18.72
C ASP A 64 6.71 -6.38 -18.57
N SER A 65 6.56 -6.95 -17.35
CA SER A 65 5.63 -8.07 -17.10
C SER A 65 4.19 -7.57 -16.94
N ASN A 66 3.23 -8.47 -17.24
CA ASN A 66 1.80 -8.19 -17.14
C ASN A 66 1.38 -7.99 -15.68
N PRO A 67 0.85 -6.78 -15.29
CA PRO A 67 0.37 -6.51 -13.92
C PRO A 67 -0.84 -7.39 -13.52
N ASP A 68 -1.58 -7.88 -14.52
CA ASP A 68 -2.73 -8.79 -14.34
C ASP A 68 -2.27 -10.21 -13.92
N GLU A 69 -1.06 -10.60 -14.36
CA GLU A 69 -0.53 -11.97 -14.14
C GLU A 69 -0.10 -12.17 -12.68
N ILE A 70 0.49 -11.13 -12.09
CA ILE A 70 1.08 -11.20 -10.74
C ILE A 70 0.31 -10.31 -9.76
N GLU A 71 0.27 -10.71 -8.47
CA GLU A 71 -0.29 -9.87 -7.41
C GLU A 71 0.86 -9.25 -6.61
N ILE A 72 0.55 -8.23 -5.80
CA ILE A 72 1.56 -7.49 -5.04
C ILE A 72 1.72 -8.09 -3.64
N ASP A 73 2.74 -8.94 -3.50
CA ASP A 73 3.19 -9.44 -2.21
C ASP A 73 4.13 -8.39 -1.58
N PHE A 74 3.77 -7.94 -0.39
CA PHE A 74 4.42 -6.81 0.31
C PHE A 74 5.73 -7.22 1.02
N GLU A 75 6.09 -8.52 0.94
CA GLU A 75 7.31 -9.05 1.58
C GLU A 75 8.43 -9.27 0.53
N THR A 76 8.04 -9.56 -0.73
CA THR A 76 9.01 -9.86 -1.81
C THR A 76 9.62 -8.58 -2.40
N LEU A 77 8.86 -7.47 -2.35
CA LEU A 77 9.35 -6.14 -2.79
C LEU A 77 10.28 -5.52 -1.74
N LYS A 78 10.96 -4.41 -2.10
CA LYS A 78 11.92 -3.72 -1.22
C LYS A 78 11.29 -3.25 0.12
N PRO A 79 12.11 -3.06 1.20
CA PRO A 79 11.63 -2.52 2.51
C PRO A 79 11.09 -1.08 2.38
N THR A 80 11.48 -0.41 1.28
CA THR A 80 11.05 0.94 0.94
C THR A 80 9.75 0.93 0.13
N THR A 81 9.57 -0.12 -0.71
CA THR A 81 8.43 -0.22 -1.63
C THR A 81 7.13 -0.44 -0.86
N LEU A 82 7.15 -1.32 0.17
CA LEU A 82 5.99 -1.56 1.06
C LEU A 82 5.59 -0.26 1.79
N ARG A 83 6.60 0.57 2.08
CA ARG A 83 6.44 1.84 2.80
C ARG A 83 5.90 2.92 1.86
N GLU A 84 6.33 2.86 0.59
CA GLU A 84 5.88 3.75 -0.48
C GLU A 84 4.43 3.44 -0.82
N LEU A 85 4.06 2.14 -0.74
CA LEU A 85 2.68 1.68 -0.86
C LEU A 85 1.83 2.12 0.34
N GLU A 86 2.44 2.07 1.54
CA GLU A 86 1.78 2.40 2.81
C GLU A 86 1.18 3.81 2.77
N ARG A 87 2.00 4.73 2.27
CA ARG A 87 1.67 6.16 2.24
C ARG A 87 0.78 6.48 1.02
N TYR A 88 1.09 5.82 -0.12
CA TYR A 88 0.33 5.94 -1.39
C TYR A 88 -1.19 5.70 -1.21
N VAL A 89 -1.55 4.58 -0.53
CA VAL A 89 -2.98 4.21 -0.37
C VAL A 89 -3.71 5.25 0.47
N LYS A 90 -3.00 5.75 1.47
CA LYS A 90 -3.49 6.76 2.40
C LYS A 90 -3.47 8.17 1.76
N SER A 91 -2.75 8.30 0.65
CA SER A 91 -2.81 9.48 -0.22
C SER A 91 -3.97 9.36 -1.23
N CYS A 92 -4.38 8.10 -1.55
CA CYS A 92 -5.39 7.81 -2.59
C CYS A 92 -6.84 7.79 -2.04
N LEU A 93 -7.11 6.94 -1.04
CA LEU A 93 -8.49 6.77 -0.49
C LEU A 93 -8.87 7.92 0.46
N GLN A 94 -7.91 8.33 1.29
CA GLN A 94 -8.01 9.55 2.12
C GLN A 94 -6.92 10.51 1.64
N LYS A 95 -6.89 11.73 2.18
CA LYS A 95 -5.98 12.79 1.68
C LYS A 95 -5.11 13.32 2.83
N LYS A 96 -3.85 13.58 2.51
CA LYS A 96 -2.83 14.03 3.46
C LYS A 96 -2.09 15.25 2.89
N HIS A 1 -8.77 -24.67 -9.73
CA HIS A 1 -10.20 -24.35 -9.94
C HIS A 1 -10.57 -23.13 -9.08
N HIS A 2 -10.43 -21.92 -9.65
CA HIS A 2 -10.76 -20.66 -8.97
C HIS A 2 -12.28 -20.51 -8.83
N HIS A 3 -12.74 -20.34 -7.59
CA HIS A 3 -14.17 -20.18 -7.25
C HIS A 3 -14.33 -19.15 -6.12
N HIS A 4 -13.27 -18.97 -5.30
CA HIS A 4 -13.24 -17.95 -4.23
C HIS A 4 -13.10 -16.52 -4.80
N HIS A 5 -13.24 -15.53 -3.89
CA HIS A 5 -13.00 -14.10 -4.17
C HIS A 5 -12.09 -13.51 -3.06
N HIS A 6 -11.50 -12.33 -3.34
CA HIS A 6 -10.48 -11.68 -2.47
C HIS A 6 -10.97 -11.42 -1.03
N SER A 7 -12.21 -10.91 -0.90
CA SER A 7 -12.86 -10.58 0.40
C SER A 7 -12.05 -9.54 1.22
N HIS A 8 -11.08 -10.01 2.03
CA HIS A 8 -10.25 -9.18 2.95
C HIS A 8 -11.14 -8.30 3.86
N MET A 9 -11.70 -8.89 4.93
CA MET A 9 -12.45 -8.14 5.96
C MET A 9 -11.50 -7.77 7.12
N GLY A 10 -10.98 -8.80 7.82
CA GLY A 10 -10.01 -8.62 8.91
C GLY A 10 -10.55 -7.84 10.11
N LYS A 11 -9.63 -7.20 10.87
CA LYS A 11 -9.96 -6.31 12.00
C LYS A 11 -9.02 -5.09 11.98
N GLN A 12 -9.50 -3.97 11.41
CA GLN A 12 -8.71 -2.73 11.26
C GLN A 12 -9.62 -1.49 11.35
N ALA A 13 -9.15 -0.46 12.04
CA ALA A 13 -9.87 0.82 12.20
C ALA A 13 -9.29 1.86 11.23
N SER A 14 -7.95 1.87 11.11
CA SER A 14 -7.21 2.69 10.13
C SER A 14 -5.75 2.19 10.03
N ALA A 15 -5.18 1.83 11.22
CA ALA A 15 -3.89 1.10 11.35
C ALA A 15 -2.73 1.75 10.55
N SER A 16 -2.48 3.04 10.83
CA SER A 16 -1.42 3.80 10.14
C SER A 16 -1.04 5.06 10.93
N TYR A 17 0.11 5.64 10.53
CA TYR A 17 0.65 6.87 11.08
C TYR A 17 1.66 7.47 10.08
N ASP A 18 1.26 8.53 9.37
CA ASP A 18 2.12 9.18 8.36
C ASP A 18 3.15 10.07 9.08
N SER A 19 4.33 9.49 9.30
CA SER A 19 5.45 10.13 10.01
C SER A 19 6.76 9.73 9.31
N GLU A 20 7.91 10.02 9.95
CA GLU A 20 9.27 9.69 9.45
C GLU A 20 9.61 10.57 8.24
N GLU A 21 10.41 11.62 8.50
CA GLU A 21 10.83 12.64 7.51
C GLU A 21 11.69 12.03 6.37
N GLU A 22 12.26 10.84 6.66
CA GLU A 22 12.99 10.01 5.71
C GLU A 22 12.42 8.59 5.82
N GLU A 23 12.36 7.89 4.69
CA GLU A 23 11.70 6.58 4.59
C GLU A 23 12.63 5.46 5.06
N GLU A 24 13.86 5.43 4.48
CA GLU A 24 14.97 4.50 4.84
C GLU A 24 14.73 3.10 4.23
N GLY A 25 13.47 2.73 4.05
CA GLY A 25 13.08 1.35 3.86
C GLY A 25 12.85 0.65 5.18
N LEU A 26 12.27 1.39 6.15
CA LEU A 26 11.90 0.86 7.47
C LEU A 26 10.89 -0.31 7.31
N PRO A 27 11.28 -1.57 7.71
CA PRO A 27 10.45 -2.78 7.49
C PRO A 27 9.20 -2.81 8.39
N MET A 28 8.03 -3.07 7.79
CA MET A 28 6.73 -3.10 8.50
C MET A 28 6.25 -4.55 8.67
N SER A 29 5.45 -4.78 9.72
CA SER A 29 4.91 -6.10 10.07
C SER A 29 3.82 -6.55 9.06
N TYR A 30 3.36 -7.81 9.17
CA TYR A 30 2.31 -8.34 8.27
C TYR A 30 0.97 -7.63 8.49
N ASP A 31 0.83 -6.97 9.65
CA ASP A 31 -0.33 -6.14 10.00
C ASP A 31 -0.55 -5.03 8.93
N GLU A 32 0.56 -4.34 8.59
CA GLU A 32 0.56 -3.28 7.56
C GLU A 32 0.49 -3.89 6.16
N LYS A 33 1.10 -5.07 5.97
CA LYS A 33 1.15 -5.76 4.65
C LYS A 33 -0.27 -6.21 4.20
N ARG A 34 -1.06 -6.75 5.15
CA ARG A 34 -2.43 -7.24 4.86
C ARG A 34 -3.41 -6.06 4.76
N GLN A 35 -3.14 -4.99 5.56
CA GLN A 35 -3.91 -3.72 5.51
C GLN A 35 -3.69 -3.07 4.14
N LEU A 36 -2.44 -3.16 3.65
CA LEU A 36 -2.00 -2.60 2.36
C LEU A 36 -2.81 -3.25 1.21
N SER A 37 -2.81 -4.61 1.17
CA SER A 37 -3.55 -5.41 0.16
C SER A 37 -5.04 -5.06 0.17
N LEU A 38 -5.58 -4.97 1.39
CA LEU A 38 -6.98 -4.63 1.66
C LEU A 38 -7.30 -3.22 1.12
N ASP A 39 -6.38 -2.26 1.34
CA ASP A 39 -6.55 -0.87 0.91
C ASP A 39 -6.52 -0.74 -0.62
N ILE A 40 -5.69 -1.56 -1.26
CA ILE A 40 -5.58 -1.64 -2.74
C ILE A 40 -6.89 -2.17 -3.34
N ASN A 41 -7.58 -3.04 -2.58
CA ASN A 41 -8.86 -3.65 -2.98
C ASN A 41 -10.04 -2.74 -2.61
N ARG A 42 -9.75 -1.71 -1.78
CA ARG A 42 -10.68 -0.61 -1.47
C ARG A 42 -10.53 0.51 -2.52
N LEU A 43 -9.32 0.58 -3.13
CA LEU A 43 -9.02 1.51 -4.23
C LEU A 43 -9.71 1.08 -5.54
N PRO A 44 -10.10 2.07 -6.42
CA PRO A 44 -10.55 1.82 -7.81
C PRO A 44 -9.69 0.80 -8.59
N GLY A 45 -10.24 0.26 -9.71
CA GLY A 45 -9.52 -0.67 -10.57
C GLY A 45 -8.27 -0.05 -11.19
N GLU A 46 -8.34 1.26 -11.52
CA GLU A 46 -7.20 2.04 -12.03
C GLU A 46 -6.12 2.16 -10.95
N LYS A 47 -6.56 2.51 -9.73
CA LYS A 47 -5.67 2.74 -8.58
C LYS A 47 -5.07 1.41 -8.06
N LEU A 48 -5.77 0.30 -8.34
CA LEU A 48 -5.32 -1.08 -8.05
C LEU A 48 -4.27 -1.50 -9.09
N GLY A 49 -4.43 -1.02 -10.33
CA GLY A 49 -3.42 -1.25 -11.37
C GLY A 49 -2.21 -0.34 -11.19
N ARG A 50 -2.42 0.79 -10.48
CA ARG A 50 -1.38 1.81 -10.27
C ARG A 50 -0.33 1.33 -9.28
N VAL A 51 -0.77 0.59 -8.22
CA VAL A 51 0.15 -0.03 -7.23
C VAL A 51 1.17 -0.95 -7.94
N VAL A 52 0.72 -1.61 -9.02
CA VAL A 52 1.57 -2.46 -9.85
C VAL A 52 2.54 -1.61 -10.66
N HIS A 53 2.07 -0.46 -11.14
CA HIS A 53 2.88 0.45 -11.96
C HIS A 53 3.98 1.12 -11.11
N ILE A 54 3.75 1.22 -9.79
CA ILE A 54 4.73 1.75 -8.83
C ILE A 54 5.84 0.73 -8.57
N ILE A 55 5.48 -0.57 -8.37
CA ILE A 55 6.48 -1.63 -8.10
C ILE A 55 7.34 -1.91 -9.36
N GLN A 56 6.73 -1.76 -10.56
CA GLN A 56 7.42 -1.90 -11.85
C GLN A 56 8.41 -0.73 -12.07
N SER A 57 8.08 0.46 -11.52
CA SER A 57 8.99 1.64 -11.52
C SER A 57 10.06 1.52 -10.43
N ARG A 58 9.70 0.84 -9.33
CA ARG A 58 10.52 0.70 -8.13
C ARG A 58 11.72 -0.20 -8.40
N GLU A 59 11.43 -1.43 -8.84
CA GLU A 59 12.42 -2.43 -9.20
C GLU A 59 12.19 -2.86 -10.67
N PRO A 60 13.16 -2.57 -11.60
CA PRO A 60 13.09 -3.04 -13.01
C PRO A 60 13.34 -4.56 -13.14
N SER A 61 13.75 -5.20 -12.01
CA SER A 61 14.00 -6.65 -11.92
C SER A 61 12.76 -7.47 -12.28
N LEU A 62 11.56 -6.93 -11.99
CA LEU A 62 10.30 -7.66 -12.23
C LEU A 62 9.27 -6.77 -12.93
N ARG A 63 9.78 -5.82 -13.72
CA ARG A 63 8.93 -4.88 -14.47
C ARG A 63 8.24 -5.57 -15.67
N ASP A 64 8.84 -6.69 -16.12
CA ASP A 64 8.37 -7.44 -17.31
C ASP A 64 7.08 -8.23 -17.03
N SER A 65 6.70 -8.37 -15.73
CA SER A 65 5.46 -9.08 -15.32
C SER A 65 4.18 -8.43 -15.91
N ASN A 66 3.22 -9.30 -16.27
CA ASN A 66 1.88 -8.91 -16.76
C ASN A 66 1.03 -8.39 -15.56
N PRO A 67 0.79 -7.05 -15.45
CA PRO A 67 0.22 -6.38 -14.24
C PRO A 67 -1.07 -7.02 -13.66
N ASP A 68 -2.00 -7.43 -14.53
CA ASP A 68 -3.30 -8.00 -14.10
C ASP A 68 -3.14 -9.44 -13.58
N GLU A 69 -2.18 -10.17 -14.15
CA GLU A 69 -1.98 -11.60 -13.87
C GLU A 69 -1.33 -11.81 -12.49
N ILE A 70 -0.39 -10.94 -12.14
CA ILE A 70 0.32 -11.00 -10.85
C ILE A 70 -0.33 -10.10 -9.80
N GLU A 71 -0.14 -10.46 -8.52
CA GLU A 71 -0.56 -9.63 -7.39
C GLU A 71 0.68 -8.96 -6.79
N ILE A 72 0.45 -7.90 -6.00
CA ILE A 72 1.54 -7.17 -5.33
C ILE A 72 1.81 -7.81 -3.97
N ASP A 73 2.83 -8.66 -3.93
CA ASP A 73 3.20 -9.42 -2.73
C ASP A 73 4.21 -8.60 -1.92
N PHE A 74 3.77 -8.19 -0.71
CA PHE A 74 4.48 -7.19 0.12
C PHE A 74 5.70 -7.77 0.84
N GLU A 75 5.92 -9.07 0.69
CA GLU A 75 7.04 -9.78 1.30
C GLU A 75 8.25 -9.82 0.34
N THR A 76 7.98 -10.00 -0.98
CA THR A 76 9.06 -10.17 -1.99
C THR A 76 9.65 -8.81 -2.43
N LEU A 77 8.83 -7.76 -2.45
CA LEU A 77 9.25 -6.40 -2.92
C LEU A 77 10.28 -5.75 -1.97
N LYS A 78 10.92 -4.65 -2.45
CA LYS A 78 12.00 -3.94 -1.72
C LYS A 78 11.48 -3.39 -0.36
N PRO A 79 12.40 -3.19 0.65
CA PRO A 79 12.01 -2.61 1.98
C PRO A 79 11.41 -1.18 1.85
N THR A 80 11.72 -0.50 0.74
CA THR A 80 11.15 0.82 0.40
C THR A 80 9.79 0.70 -0.30
N THR A 81 9.51 -0.42 -0.98
CA THR A 81 8.29 -0.59 -1.80
C THR A 81 7.05 -0.74 -0.91
N LEU A 82 7.18 -1.56 0.15
CA LEU A 82 6.12 -1.74 1.17
C LEU A 82 5.80 -0.38 1.83
N ARG A 83 6.85 0.41 2.07
CA ARG A 83 6.77 1.75 2.67
C ARG A 83 6.06 2.75 1.71
N GLU A 84 6.45 2.70 0.42
CA GLU A 84 5.96 3.61 -0.63
C GLU A 84 4.47 3.38 -0.88
N LEU A 85 4.14 2.10 -1.13
CA LEU A 85 2.77 1.65 -1.40
C LEU A 85 1.86 1.87 -0.20
N GLU A 86 2.40 1.67 1.01
CA GLU A 86 1.68 1.90 2.27
C GLU A 86 1.10 3.31 2.31
N ARG A 87 1.98 4.28 2.01
CA ARG A 87 1.65 5.69 2.14
C ARG A 87 0.86 6.16 0.91
N TYR A 88 1.13 5.53 -0.26
CA TYR A 88 0.38 5.80 -1.51
C TYR A 88 -1.12 5.53 -1.32
N VAL A 89 -1.45 4.28 -0.90
CA VAL A 89 -2.86 3.81 -0.80
C VAL A 89 -3.60 4.61 0.24
N LYS A 90 -2.93 4.86 1.34
CA LYS A 90 -3.49 5.55 2.47
C LYS A 90 -3.51 7.07 2.22
N SER A 91 -2.73 7.55 1.25
CA SER A 91 -2.83 8.95 0.77
C SER A 91 -3.96 9.08 -0.26
N CYS A 92 -4.37 7.93 -0.86
CA CYS A 92 -5.42 7.91 -1.89
C CYS A 92 -6.82 7.80 -1.26
N LEU A 93 -7.02 6.79 -0.40
CA LEU A 93 -8.33 6.55 0.25
C LEU A 93 -8.49 7.28 1.61
N GLN A 94 -7.37 7.68 2.27
CA GLN A 94 -7.42 8.49 3.53
C GLN A 94 -6.82 9.87 3.26
N LYS A 95 -7.68 10.83 2.91
CA LYS A 95 -7.25 12.20 2.53
C LYS A 95 -7.79 13.24 3.53
N LYS A 96 -6.98 14.29 3.73
CA LYS A 96 -7.22 15.36 4.70
C LYS A 96 -8.35 16.30 4.19
N HIS A 1 -11.17 -29.11 0.00
CA HIS A 1 -11.44 -27.75 0.48
C HIS A 1 -12.07 -27.82 1.88
N HIS A 2 -11.20 -27.81 2.90
CA HIS A 2 -11.63 -27.89 4.33
C HIS A 2 -10.87 -26.84 5.18
N HIS A 3 -10.16 -25.91 4.50
CA HIS A 3 -9.46 -24.79 5.16
C HIS A 3 -10.26 -23.50 4.95
N HIS A 4 -10.48 -22.77 6.04
CA HIS A 4 -11.16 -21.47 6.04
C HIS A 4 -10.28 -20.43 6.74
N HIS A 5 -10.66 -19.15 6.64
CA HIS A 5 -10.03 -18.06 7.42
C HIS A 5 -10.93 -17.76 8.63
N HIS A 6 -10.31 -17.44 9.78
CA HIS A 6 -11.06 -17.07 11.01
C HIS A 6 -10.79 -15.60 11.37
N SER A 7 -11.68 -15.04 12.21
CA SER A 7 -11.59 -13.66 12.70
C SER A 7 -10.29 -13.44 13.51
N HIS A 8 -9.63 -12.29 13.27
CA HIS A 8 -8.36 -11.94 13.92
C HIS A 8 -8.19 -10.42 13.94
N MET A 9 -7.98 -9.81 12.75
CA MET A 9 -7.77 -8.37 12.60
C MET A 9 -9.12 -7.65 12.74
N GLY A 10 -9.34 -7.04 13.92
CA GLY A 10 -10.54 -6.28 14.21
C GLY A 10 -10.57 -4.91 13.51
N LYS A 11 -9.41 -4.54 12.89
CA LYS A 11 -9.22 -3.29 12.14
C LYS A 11 -9.29 -2.09 13.12
N GLN A 12 -8.13 -1.74 13.69
CA GLN A 12 -8.03 -0.69 14.71
C GLN A 12 -8.21 0.71 14.09
N ALA A 13 -9.21 1.44 14.62
CA ALA A 13 -9.45 2.87 14.30
C ALA A 13 -8.47 3.74 15.12
N SER A 14 -8.71 5.07 15.19
CA SER A 14 -7.90 6.02 15.99
C SER A 14 -6.43 6.08 15.49
N ALA A 15 -6.24 5.77 14.18
CA ALA A 15 -4.93 5.80 13.50
C ALA A 15 -4.39 7.25 13.46
N SER A 16 -3.57 7.59 14.47
CA SER A 16 -3.09 8.96 14.70
C SER A 16 -1.56 9.05 14.48
N TYR A 17 -1.05 10.30 14.60
CA TYR A 17 0.39 10.63 14.50
C TYR A 17 0.98 10.24 13.14
N ASP A 18 0.80 11.16 12.18
CA ASP A 18 1.44 11.11 10.85
C ASP A 18 2.84 11.77 10.92
N SER A 19 3.29 12.05 12.17
CA SER A 19 4.63 12.53 12.48
C SER A 19 5.70 11.46 12.14
N GLU A 20 6.60 11.79 11.21
CA GLU A 20 7.72 10.93 10.83
C GLU A 20 9.05 11.67 11.06
N GLU A 21 10.15 10.94 10.95
CA GLU A 21 11.53 11.46 10.94
C GLU A 21 12.26 10.75 9.80
N GLU A 22 11.81 11.10 8.56
CA GLU A 22 12.26 10.49 7.29
C GLU A 22 11.66 9.07 7.15
N GLU A 23 11.57 8.60 5.90
CA GLU A 23 10.92 7.31 5.61
C GLU A 23 11.80 6.15 6.07
N GLU A 24 13.05 6.12 5.56
CA GLU A 24 14.11 5.15 5.94
C GLU A 24 13.87 3.78 5.25
N GLY A 25 12.59 3.47 4.92
CA GLY A 25 12.22 2.17 4.42
C GLY A 25 12.30 1.14 5.52
N LEU A 26 11.80 1.52 6.71
CA LEU A 26 11.73 0.61 7.86
C LEU A 26 10.86 -0.63 7.50
N PRO A 27 11.39 -1.87 7.66
CA PRO A 27 10.61 -3.11 7.44
C PRO A 27 9.39 -3.16 8.39
N MET A 28 8.22 -2.73 7.87
CA MET A 28 6.96 -2.62 8.63
C MET A 28 6.39 -4.00 8.99
N SER A 29 5.34 -3.98 9.81
CA SER A 29 4.67 -5.18 10.34
C SER A 29 3.87 -5.90 9.23
N TYR A 30 3.62 -7.21 9.45
CA TYR A 30 2.71 -8.01 8.62
C TYR A 30 1.28 -7.44 8.65
N ASP A 31 0.92 -6.77 9.78
CA ASP A 31 -0.36 -6.05 9.92
C ASP A 31 -0.55 -5.05 8.77
N GLU A 32 0.52 -4.27 8.51
CA GLU A 32 0.53 -3.26 7.44
C GLU A 32 0.37 -3.91 6.06
N LYS A 33 1.12 -5.01 5.84
CA LYS A 33 1.13 -5.76 4.56
C LYS A 33 -0.28 -6.23 4.15
N ARG A 34 -0.97 -6.89 5.10
CA ARG A 34 -2.33 -7.42 4.89
C ARG A 34 -3.38 -6.28 4.92
N GLN A 35 -3.02 -5.15 5.58
CA GLN A 35 -3.85 -3.93 5.63
C GLN A 35 -3.83 -3.25 4.25
N LEU A 36 -2.67 -3.35 3.54
CA LEU A 36 -2.52 -2.79 2.18
C LEU A 36 -3.35 -3.63 1.18
N SER A 37 -3.28 -4.96 1.31
CA SER A 37 -4.13 -5.88 0.50
C SER A 37 -5.62 -5.51 0.65
N LEU A 38 -5.99 -5.16 1.89
CA LEU A 38 -7.35 -4.78 2.31
C LEU A 38 -7.69 -3.31 1.89
N ASP A 39 -6.67 -2.45 1.82
CA ASP A 39 -6.85 -0.99 1.56
C ASP A 39 -7.03 -0.76 0.06
N ILE A 40 -6.11 -1.37 -0.70
CA ILE A 40 -6.10 -1.36 -2.17
C ILE A 40 -7.34 -2.12 -2.69
N ASN A 41 -7.87 -3.08 -1.88
CA ASN A 41 -9.11 -3.84 -2.18
C ASN A 41 -10.32 -2.87 -2.35
N ARG A 42 -10.27 -1.75 -1.58
CA ARG A 42 -11.31 -0.69 -1.60
C ARG A 42 -11.17 0.18 -2.88
N LEU A 43 -9.91 0.33 -3.33
CA LEU A 43 -9.52 1.31 -4.37
C LEU A 43 -10.01 0.92 -5.79
N PRO A 44 -10.13 1.92 -6.73
CA PRO A 44 -10.38 1.68 -8.19
C PRO A 44 -9.45 0.63 -8.82
N GLY A 45 -9.93 -0.07 -9.85
CA GLY A 45 -9.09 -1.05 -10.60
C GLY A 45 -7.85 -0.42 -11.22
N GLU A 46 -7.93 0.90 -11.52
CA GLU A 46 -6.77 1.70 -11.95
C GLU A 46 -5.80 1.92 -10.78
N LYS A 47 -6.34 2.21 -9.58
CA LYS A 47 -5.55 2.35 -8.36
C LYS A 47 -5.00 0.99 -7.84
N LEU A 48 -5.50 -0.12 -8.43
CA LEU A 48 -4.87 -1.46 -8.30
C LEU A 48 -3.72 -1.59 -9.31
N GLY A 49 -3.93 -1.03 -10.51
CA GLY A 49 -2.88 -0.93 -11.51
C GLY A 49 -1.76 0.01 -11.07
N ARG A 50 -2.09 0.96 -10.16
CA ARG A 50 -1.17 1.99 -9.68
C ARG A 50 -0.06 1.35 -8.86
N VAL A 51 -0.47 0.51 -7.88
CA VAL A 51 0.46 -0.26 -7.01
C VAL A 51 1.40 -1.16 -7.84
N VAL A 52 0.89 -1.65 -9.00
CA VAL A 52 1.68 -2.42 -9.95
C VAL A 52 2.76 -1.52 -10.58
N HIS A 53 2.35 -0.34 -11.07
CA HIS A 53 3.28 0.62 -11.74
C HIS A 53 4.39 1.11 -10.80
N ILE A 54 4.11 1.08 -9.47
CA ILE A 54 5.09 1.45 -8.43
C ILE A 54 6.17 0.34 -8.30
N ILE A 55 5.73 -0.94 -8.25
CA ILE A 55 6.67 -2.10 -8.15
C ILE A 55 7.36 -2.37 -9.52
N GLN A 56 6.75 -1.88 -10.61
CA GLN A 56 7.33 -1.96 -11.98
C GLN A 56 8.44 -0.91 -12.12
N SER A 57 8.18 0.29 -11.57
CA SER A 57 9.15 1.40 -11.56
C SER A 57 10.35 1.01 -10.68
N ARG A 58 10.05 0.31 -9.58
CA ARG A 58 11.04 -0.20 -8.62
C ARG A 58 11.89 -1.31 -9.25
N GLU A 59 11.20 -2.36 -9.74
CA GLU A 59 11.83 -3.59 -10.27
C GLU A 59 11.62 -3.67 -11.79
N PRO A 60 12.69 -3.56 -12.63
CA PRO A 60 12.64 -3.87 -14.08
C PRO A 60 12.13 -5.30 -14.37
N SER A 61 12.33 -6.22 -13.39
CA SER A 61 11.83 -7.61 -13.47
C SER A 61 10.30 -7.64 -13.42
N LEU A 62 9.71 -6.89 -12.47
CA LEU A 62 8.24 -6.78 -12.33
C LEU A 62 7.63 -5.84 -13.34
N ARG A 63 8.50 -5.02 -13.97
CA ARG A 63 8.11 -4.16 -15.07
C ARG A 63 7.85 -5.04 -16.28
N ASP A 64 8.82 -5.93 -16.56
CA ASP A 64 8.77 -6.84 -17.71
C ASP A 64 7.71 -7.96 -17.49
N SER A 65 7.34 -8.17 -16.20
CA SER A 65 6.20 -9.04 -15.84
C SER A 65 4.87 -8.29 -16.10
N ASN A 66 3.94 -8.98 -16.79
CA ASN A 66 2.62 -8.44 -17.16
C ASN A 66 1.79 -8.16 -15.87
N PRO A 67 1.16 -6.94 -15.72
CA PRO A 67 0.30 -6.59 -14.53
C PRO A 67 -0.85 -7.61 -14.26
N ASP A 68 -1.27 -8.32 -15.32
CA ASP A 68 -2.32 -9.36 -15.25
C ASP A 68 -1.72 -10.73 -14.86
N GLU A 69 -0.45 -10.94 -15.25
CA GLU A 69 0.30 -12.19 -14.99
C GLU A 69 0.74 -12.27 -13.52
N ILE A 70 1.15 -11.13 -12.96
CA ILE A 70 1.65 -11.04 -11.56
C ILE A 70 0.67 -10.25 -10.70
N GLU A 71 0.71 -10.50 -9.40
CA GLU A 71 -0.08 -9.78 -8.38
C GLU A 71 0.86 -9.34 -7.27
N ILE A 72 0.52 -8.21 -6.63
CA ILE A 72 1.42 -7.50 -5.71
C ILE A 72 1.48 -8.20 -4.34
N ASP A 73 2.60 -8.89 -4.10
CA ASP A 73 2.88 -9.54 -2.83
C ASP A 73 3.66 -8.57 -1.94
N PHE A 74 3.08 -8.27 -0.78
CA PHE A 74 3.54 -7.23 0.14
C PHE A 74 4.68 -7.71 1.05
N GLU A 75 5.06 -8.99 0.94
CA GLU A 75 6.16 -9.57 1.72
C GLU A 75 7.47 -9.62 0.90
N THR A 76 7.36 -9.78 -0.43
CA THR A 76 8.53 -9.92 -1.33
C THR A 76 9.10 -8.57 -1.78
N LEU A 77 8.25 -7.50 -1.78
CA LEU A 77 8.69 -6.16 -2.21
C LEU A 77 9.69 -5.56 -1.19
N LYS A 78 10.50 -4.60 -1.66
CA LYS A 78 11.68 -4.11 -0.93
C LYS A 78 11.32 -3.13 0.22
N PRO A 79 12.26 -2.94 1.23
CA PRO A 79 12.08 -2.04 2.41
C PRO A 79 11.46 -0.65 2.10
N THR A 80 11.87 -0.03 0.99
CA THR A 80 11.35 1.31 0.60
C THR A 80 10.07 1.20 -0.24
N THR A 81 9.86 0.03 -0.87
CA THR A 81 8.68 -0.23 -1.71
C THR A 81 7.41 -0.28 -0.81
N LEU A 82 7.45 -1.10 0.27
CA LEU A 82 6.33 -1.21 1.25
C LEU A 82 5.98 0.15 1.89
N ARG A 83 7.03 0.96 2.13
CA ARG A 83 6.92 2.28 2.74
C ARG A 83 6.16 3.24 1.79
N GLU A 84 6.47 3.14 0.49
CA GLU A 84 5.82 3.93 -0.57
C GLU A 84 4.37 3.44 -0.81
N LEU A 85 4.16 2.11 -0.80
CA LEU A 85 2.84 1.52 -1.07
C LEU A 85 1.84 1.89 0.02
N GLU A 86 2.29 1.90 1.29
CA GLU A 86 1.43 2.20 2.43
C GLU A 86 1.09 3.69 2.46
N ARG A 87 2.10 4.53 2.13
CA ARG A 87 1.95 5.99 2.18
C ARG A 87 1.03 6.43 1.03
N TYR A 88 1.12 5.70 -0.09
CA TYR A 88 0.29 5.92 -1.28
C TYR A 88 -1.20 5.70 -0.94
N VAL A 89 -1.52 4.54 -0.33
CA VAL A 89 -2.93 4.15 -0.08
C VAL A 89 -3.58 4.98 1.01
N LYS A 90 -2.79 5.28 2.03
CA LYS A 90 -3.23 6.08 3.16
C LYS A 90 -3.36 7.55 2.75
N SER A 91 -2.63 7.95 1.70
CA SER A 91 -2.80 9.29 1.08
C SER A 91 -3.92 9.25 0.03
N CYS A 92 -4.18 8.05 -0.54
CA CYS A 92 -5.23 7.87 -1.55
C CYS A 92 -6.60 8.03 -0.87
N LEU A 93 -6.70 7.52 0.37
CA LEU A 93 -7.90 7.72 1.23
C LEU A 93 -7.86 9.12 1.90
N GLN A 94 -6.76 9.39 2.62
CA GLN A 94 -6.67 10.52 3.58
C GLN A 94 -5.78 11.62 3.00
N LYS A 95 -6.40 12.77 2.69
CA LYS A 95 -5.75 13.90 2.00
C LYS A 95 -5.95 15.18 2.81
N LYS A 96 -4.84 15.82 3.17
CA LYS A 96 -4.79 16.94 4.11
C LYS A 96 -4.47 18.24 3.33
N HIS A 1 -49.38 15.85 23.55
CA HIS A 1 -50.33 15.46 22.49
C HIS A 1 -49.57 15.11 21.20
N HIS A 2 -49.05 16.13 20.51
CA HIS A 2 -48.39 15.96 19.19
C HIS A 2 -46.86 15.86 19.34
N HIS A 3 -46.27 14.80 18.76
CA HIS A 3 -44.81 14.60 18.69
C HIS A 3 -44.45 13.82 17.41
N HIS A 4 -43.59 14.40 16.58
CA HIS A 4 -43.07 13.77 15.33
C HIS A 4 -41.55 13.60 15.38
N HIS A 5 -41.00 13.01 14.29
CA HIS A 5 -39.56 12.81 14.06
C HIS A 5 -38.93 11.75 15.00
N HIS A 6 -38.18 10.81 14.41
CA HIS A 6 -37.43 9.79 15.13
C HIS A 6 -36.21 9.37 14.28
N SER A 7 -35.01 9.52 14.83
CA SER A 7 -33.76 9.21 14.13
C SER A 7 -32.59 9.07 15.13
N HIS A 8 -31.72 8.08 14.88
CA HIS A 8 -30.52 7.78 15.68
C HIS A 8 -29.50 7.03 14.79
N MET A 9 -28.55 7.79 14.22
CA MET A 9 -27.48 7.25 13.34
C MET A 9 -26.11 7.81 13.78
N GLY A 10 -25.09 7.68 12.90
CA GLY A 10 -23.74 8.12 13.21
C GLY A 10 -23.03 7.12 14.10
N LYS A 11 -22.60 7.58 15.29
CA LYS A 11 -21.93 6.75 16.32
C LYS A 11 -20.61 6.13 15.77
N GLN A 12 -19.85 6.95 15.04
CA GLN A 12 -18.57 6.56 14.41
C GLN A 12 -17.48 7.60 14.72
N ALA A 13 -16.46 7.19 15.50
CA ALA A 13 -15.28 8.02 15.82
C ALA A 13 -14.00 7.16 15.70
N SER A 14 -13.49 7.05 14.47
CA SER A 14 -12.22 6.37 14.17
C SER A 14 -11.07 7.39 14.18
N ALA A 15 -10.73 7.86 15.40
CA ALA A 15 -9.69 8.87 15.60
C ALA A 15 -8.29 8.22 15.57
N SER A 16 -7.51 8.53 14.52
CA SER A 16 -6.15 8.00 14.33
C SER A 16 -5.32 8.93 13.43
N TYR A 17 -4.00 8.76 13.46
CA TYR A 17 -3.03 9.56 12.67
C TYR A 17 -1.96 8.63 12.07
N ASP A 18 -1.05 9.20 11.27
CA ASP A 18 0.14 8.48 10.75
C ASP A 18 1.40 9.08 11.39
N SER A 19 2.37 8.23 11.79
CA SER A 19 3.60 8.67 12.46
C SER A 19 4.74 8.78 11.42
N GLU A 20 5.39 9.96 11.37
CA GLU A 20 6.47 10.24 10.40
C GLU A 20 7.76 10.65 11.14
N GLU A 21 8.85 9.92 10.83
CA GLU A 21 10.22 10.21 11.30
C GLU A 21 11.19 9.86 10.14
N GLU A 22 10.69 10.06 8.90
CA GLU A 22 11.27 9.54 7.65
C GLU A 22 11.04 8.01 7.55
N GLU A 23 10.95 7.54 6.31
CA GLU A 23 10.49 6.17 5.99
C GLU A 23 11.49 5.10 6.46
N GLU A 24 12.79 5.39 6.20
CA GLU A 24 13.92 4.55 6.61
C GLU A 24 14.01 3.25 5.76
N GLY A 25 12.94 2.90 5.04
CA GLY A 25 12.81 1.60 4.41
C GLY A 25 12.90 0.47 5.43
N LEU A 26 12.12 0.59 6.51
CA LEU A 26 11.94 -0.50 7.48
C LEU A 26 11.02 -1.57 6.85
N PRO A 27 11.41 -2.87 6.82
CA PRO A 27 10.48 -3.95 6.49
C PRO A 27 9.42 -4.06 7.59
N MET A 28 8.25 -3.45 7.34
CA MET A 28 7.14 -3.43 8.30
C MET A 28 6.58 -4.84 8.52
N SER A 29 5.81 -5.02 9.60
CA SER A 29 5.26 -6.33 10.00
C SER A 29 4.08 -6.76 9.10
N TYR A 30 3.62 -8.00 9.32
CA TYR A 30 2.58 -8.65 8.50
C TYR A 30 1.25 -7.86 8.53
N ASP A 31 0.91 -7.32 9.71
CA ASP A 31 -0.28 -6.45 9.90
C ASP A 31 -0.27 -5.25 8.93
N GLU A 32 0.92 -4.68 8.72
CA GLU A 32 1.09 -3.50 7.86
C GLU A 32 1.00 -3.89 6.37
N LYS A 33 1.54 -5.06 6.03
CA LYS A 33 1.54 -5.60 4.65
C LYS A 33 0.10 -5.95 4.18
N ARG A 34 -0.66 -6.59 5.07
CA ARG A 34 -2.07 -6.91 4.81
C ARG A 34 -2.92 -5.62 4.85
N GLN A 35 -2.44 -4.58 5.58
CA GLN A 35 -3.07 -3.25 5.62
C GLN A 35 -2.96 -2.58 4.25
N LEU A 36 -1.80 -2.76 3.55
CA LEU A 36 -1.64 -2.34 2.13
C LEU A 36 -2.78 -2.95 1.29
N SER A 37 -2.82 -4.31 1.26
CA SER A 37 -3.80 -5.10 0.48
C SER A 37 -5.26 -4.68 0.77
N LEU A 38 -5.53 -4.43 2.05
CA LEU A 38 -6.85 -4.11 2.60
C LEU A 38 -7.37 -2.74 2.13
N ASP A 39 -6.45 -1.76 2.01
CA ASP A 39 -6.77 -0.42 1.48
C ASP A 39 -6.77 -0.39 -0.06
N ILE A 40 -5.95 -1.29 -0.66
CA ILE A 40 -5.94 -1.53 -2.12
C ILE A 40 -7.30 -2.13 -2.56
N ASN A 41 -7.96 -2.84 -1.61
CA ASN A 41 -9.30 -3.43 -1.84
C ASN A 41 -10.37 -2.34 -1.95
N ARG A 42 -10.14 -1.24 -1.23
CA ARG A 42 -11.00 -0.04 -1.26
C ARG A 42 -10.70 0.82 -2.50
N LEU A 43 -9.46 0.73 -3.00
CA LEU A 43 -8.99 1.54 -4.13
C LEU A 43 -9.67 1.13 -5.46
N PRO A 44 -9.99 2.14 -6.35
CA PRO A 44 -10.45 1.92 -7.75
C PRO A 44 -9.68 0.87 -8.56
N GLY A 45 -10.28 0.48 -9.72
CA GLY A 45 -9.63 -0.40 -10.68
C GLY A 45 -8.34 0.20 -11.26
N GLU A 46 -8.36 1.53 -11.53
CA GLU A 46 -7.17 2.27 -12.01
C GLU A 46 -6.11 2.36 -10.90
N LYS A 47 -6.58 2.57 -9.66
CA LYS A 47 -5.71 2.67 -8.48
C LYS A 47 -5.15 1.29 -8.04
N LEU A 48 -5.79 0.21 -8.51
CA LEU A 48 -5.24 -1.15 -8.44
C LEU A 48 -4.10 -1.26 -9.46
N GLY A 49 -4.37 -0.83 -10.72
CA GLY A 49 -3.35 -0.83 -11.76
C GLY A 49 -2.17 0.08 -11.44
N ARG A 50 -2.43 1.09 -10.58
CA ARG A 50 -1.45 2.07 -10.16
C ARG A 50 -0.39 1.41 -9.27
N VAL A 51 -0.83 0.63 -8.23
CA VAL A 51 0.09 -0.10 -7.30
C VAL A 51 1.09 -0.98 -8.09
N VAL A 52 0.59 -1.53 -9.23
CA VAL A 52 1.38 -2.40 -10.09
C VAL A 52 2.48 -1.59 -10.79
N HIS A 53 2.10 -0.45 -11.39
CA HIS A 53 3.06 0.38 -12.15
C HIS A 53 4.07 1.10 -11.23
N ILE A 54 3.71 1.26 -9.93
CA ILE A 54 4.62 1.80 -8.91
C ILE A 54 5.75 0.76 -8.63
N ILE A 55 5.37 -0.52 -8.41
CA ILE A 55 6.35 -1.60 -8.10
C ILE A 55 7.20 -1.97 -9.35
N GLN A 56 6.62 -1.80 -10.56
CA GLN A 56 7.32 -2.07 -11.85
C GLN A 56 8.43 -1.00 -12.10
N SER A 57 8.16 0.26 -11.69
CA SER A 57 9.15 1.35 -11.76
C SER A 57 10.22 1.17 -10.67
N ARG A 58 9.73 0.85 -9.47
CA ARG A 58 10.52 0.69 -8.24
C ARG A 58 11.62 -0.36 -8.40
N GLU A 59 11.21 -1.49 -8.95
CA GLU A 59 12.06 -2.66 -9.18
C GLU A 59 11.75 -3.24 -10.58
N PRO A 60 12.66 -2.97 -11.58
CA PRO A 60 12.55 -3.54 -12.94
C PRO A 60 12.75 -5.07 -13.00
N SER A 61 13.13 -5.67 -11.85
CA SER A 61 13.27 -7.13 -11.65
C SER A 61 11.98 -7.90 -12.02
N LEU A 62 10.80 -7.31 -11.76
CA LEU A 62 9.49 -7.92 -12.09
C LEU A 62 8.66 -7.03 -13.02
N ARG A 63 9.28 -5.98 -13.59
CA ARG A 63 8.58 -5.03 -14.49
C ARG A 63 8.12 -5.72 -15.78
N ASP A 64 9.02 -6.56 -16.34
CA ASP A 64 8.78 -7.34 -17.58
C ASP A 64 7.62 -8.33 -17.42
N SER A 65 7.32 -8.72 -16.16
CA SER A 65 6.18 -9.60 -15.81
C SER A 65 4.84 -8.92 -16.14
N ASN A 66 3.90 -9.70 -16.73
CA ASN A 66 2.56 -9.23 -17.14
C ASN A 66 1.79 -8.65 -15.92
N PRO A 67 1.48 -7.31 -15.92
CA PRO A 67 0.85 -6.62 -14.76
C PRO A 67 -0.53 -7.19 -14.40
N ASP A 68 -1.18 -7.86 -15.37
CA ASP A 68 -2.50 -8.50 -15.21
C ASP A 68 -2.40 -9.78 -14.39
N GLU A 69 -1.35 -10.58 -14.64
CA GLU A 69 -1.26 -11.95 -14.08
C GLU A 69 -0.56 -11.95 -12.70
N ILE A 70 0.49 -11.13 -12.54
CA ILE A 70 1.31 -11.15 -11.30
C ILE A 70 0.61 -10.47 -10.12
N GLU A 71 0.91 -10.97 -8.91
CA GLU A 71 0.41 -10.42 -7.65
C GLU A 71 1.39 -9.37 -7.13
N ILE A 72 0.85 -8.35 -6.45
CA ILE A 72 1.68 -7.36 -5.74
C ILE A 72 1.99 -7.94 -4.35
N ASP A 73 3.15 -8.60 -4.26
CA ASP A 73 3.55 -9.39 -3.08
C ASP A 73 4.30 -8.49 -2.11
N PHE A 74 3.70 -8.28 -0.93
CA PHE A 74 4.13 -7.30 0.07
C PHE A 74 5.35 -7.79 0.89
N GLU A 75 5.75 -9.05 0.67
CA GLU A 75 6.93 -9.65 1.33
C GLU A 75 8.19 -9.44 0.45
N THR A 76 8.13 -9.86 -0.83
CA THR A 76 9.33 -9.96 -1.71
C THR A 76 9.75 -8.61 -2.31
N LEU A 77 8.88 -7.58 -2.23
CA LEU A 77 9.21 -6.21 -2.69
C LEU A 77 10.29 -5.56 -1.80
N LYS A 78 10.85 -4.43 -2.25
CA LYS A 78 11.86 -3.66 -1.49
C LYS A 78 11.28 -3.13 -0.16
N PRO A 79 12.12 -2.91 0.90
CA PRO A 79 11.62 -2.47 2.24
C PRO A 79 11.03 -1.05 2.22
N THR A 80 11.29 -0.33 1.11
CA THR A 80 10.71 0.98 0.85
C THR A 80 9.37 0.89 0.10
N THR A 81 9.21 -0.17 -0.70
CA THR A 81 8.03 -0.36 -1.57
C THR A 81 6.75 -0.59 -0.74
N LEU A 82 6.88 -1.46 0.28
CA LEU A 82 5.79 -1.70 1.26
C LEU A 82 5.38 -0.40 1.96
N ARG A 83 6.37 0.46 2.22
CA ARG A 83 6.20 1.71 2.95
C ARG A 83 5.56 2.80 2.05
N GLU A 84 5.99 2.83 0.77
CA GLU A 84 5.59 3.83 -0.24
C GLU A 84 4.15 3.59 -0.71
N LEU A 85 3.85 2.33 -1.03
CA LEU A 85 2.48 1.87 -1.36
C LEU A 85 1.52 2.06 -0.18
N GLU A 86 2.04 1.88 1.05
CA GLU A 86 1.26 2.10 2.28
C GLU A 86 0.82 3.56 2.41
N ARG A 87 1.72 4.46 2.03
CA ARG A 87 1.44 5.91 2.04
C ARG A 87 0.44 6.25 0.94
N TYR A 88 0.67 5.66 -0.25
CA TYR A 88 -0.12 5.86 -1.45
C TYR A 88 -1.61 5.55 -1.19
N VAL A 89 -1.89 4.39 -0.57
CA VAL A 89 -3.28 3.93 -0.35
C VAL A 89 -4.01 4.83 0.64
N LYS A 90 -3.29 5.21 1.68
CA LYS A 90 -3.82 6.06 2.75
C LYS A 90 -3.90 7.51 2.30
N SER A 91 -3.19 7.83 1.24
CA SER A 91 -3.24 9.17 0.62
C SER A 91 -4.38 9.24 -0.38
N CYS A 92 -4.63 8.10 -1.07
CA CYS A 92 -5.63 8.01 -2.14
C CYS A 92 -7.05 7.93 -1.55
N LEU A 93 -7.17 7.17 -0.45
CA LEU A 93 -8.43 7.09 0.32
C LEU A 93 -8.63 8.33 1.23
N GLN A 94 -7.61 8.62 2.05
CA GLN A 94 -7.71 9.57 3.18
C GLN A 94 -6.94 10.88 2.84
N LYS A 95 -6.42 11.56 3.91
CA LYS A 95 -5.49 12.69 3.84
C LYS A 95 -4.32 12.49 2.85
N LYS A 96 -3.94 13.58 2.19
CA LYS A 96 -2.79 13.64 1.28
C LYS A 96 -1.46 13.40 2.06
N HIS A 1 -41.32 12.10 36.27
CA HIS A 1 -40.97 12.65 34.94
C HIS A 1 -39.78 13.65 35.04
N HIS A 2 -38.55 13.11 34.89
CA HIS A 2 -37.31 13.90 34.78
C HIS A 2 -36.51 13.39 33.57
N HIS A 3 -35.77 14.30 32.90
CA HIS A 3 -34.92 13.96 31.75
C HIS A 3 -33.58 14.70 31.88
N HIS A 4 -32.47 13.94 31.75
CA HIS A 4 -31.11 14.49 31.83
C HIS A 4 -30.80 15.40 30.62
N HIS A 5 -30.37 16.63 30.92
CA HIS A 5 -30.00 17.65 29.92
C HIS A 5 -28.49 17.95 30.09
N HIS A 6 -28.00 19.05 29.44
CA HIS A 6 -26.58 19.50 29.49
C HIS A 6 -25.64 18.58 28.69
N SER A 7 -24.84 19.18 27.80
CA SER A 7 -23.90 18.46 26.94
C SER A 7 -22.62 19.31 26.71
N HIS A 8 -21.52 18.61 26.39
CA HIS A 8 -20.20 19.22 26.11
C HIS A 8 -19.62 18.57 24.85
N MET A 9 -19.69 19.30 23.71
CA MET A 9 -19.25 18.80 22.38
C MET A 9 -18.35 19.84 21.69
N GLY A 10 -17.50 19.37 20.77
CA GLY A 10 -16.60 20.24 19.98
C GLY A 10 -15.21 20.34 20.60
N LYS A 11 -14.20 19.75 19.94
CA LYS A 11 -12.79 19.77 20.41
C LYS A 11 -11.96 20.72 19.52
N GLN A 12 -11.69 20.27 18.27
CA GLN A 12 -10.82 20.95 17.30
C GLN A 12 -9.41 21.18 17.91
N ALA A 13 -8.67 20.07 18.08
CA ALA A 13 -7.32 20.05 18.68
C ALA A 13 -6.29 19.64 17.62
N SER A 14 -5.33 20.56 17.33
CA SER A 14 -4.27 20.43 16.30
C SER A 14 -4.84 20.53 14.87
N ALA A 15 -3.99 20.98 13.93
CA ALA A 15 -4.35 21.09 12.50
C ALA A 15 -4.10 19.75 11.80
N SER A 16 -2.94 19.12 12.13
CA SER A 16 -2.49 17.80 11.63
C SER A 16 -2.18 17.80 10.10
N TYR A 17 -1.08 17.13 9.71
CA TYR A 17 -0.69 16.98 8.28
C TYR A 17 0.18 15.70 8.08
N ASP A 18 0.37 15.31 6.80
CA ASP A 18 1.32 14.24 6.41
C ASP A 18 2.53 14.86 5.72
N SER A 19 3.71 14.24 5.86
CA SER A 19 4.93 14.69 5.20
C SER A 19 5.77 13.48 4.78
N GLU A 20 5.80 13.20 3.47
CA GLU A 20 6.64 12.15 2.88
C GLU A 20 7.72 12.77 1.97
N GLU A 21 8.96 12.39 2.27
CA GLU A 21 10.18 12.80 1.60
C GLU A 21 11.23 11.85 2.19
N GLU A 22 11.73 10.94 1.34
CA GLU A 22 12.47 9.70 1.73
C GLU A 22 11.47 8.62 2.14
N GLU A 23 11.81 7.36 1.83
CA GLU A 23 10.87 6.23 1.89
C GLU A 23 10.49 5.89 3.34
N GLU A 24 11.51 5.92 4.23
CA GLU A 24 11.40 5.50 5.64
C GLU A 24 10.98 4.03 5.73
N GLY A 25 11.58 3.25 4.83
CA GLY A 25 11.17 1.89 4.55
C GLY A 25 11.80 0.85 5.45
N LEU A 26 11.43 0.90 6.74
CA LEU A 26 11.76 -0.14 7.71
C LEU A 26 10.87 -1.38 7.46
N PRO A 27 11.40 -2.64 7.66
CA PRO A 27 10.62 -3.89 7.47
C PRO A 27 9.36 -3.92 8.38
N MET A 28 8.22 -3.46 7.83
CA MET A 28 6.94 -3.41 8.56
C MET A 28 6.38 -4.83 8.81
N SER A 29 5.52 -4.94 9.83
CA SER A 29 4.90 -6.23 10.22
C SER A 29 3.91 -6.73 9.15
N TYR A 30 3.52 -8.02 9.26
CA TYR A 30 2.58 -8.66 8.33
C TYR A 30 1.21 -7.95 8.37
N ASP A 31 0.81 -7.47 9.56
CA ASP A 31 -0.41 -6.67 9.75
C ASP A 31 -0.41 -5.43 8.85
N GLU A 32 0.76 -4.79 8.74
CA GLU A 32 0.94 -3.55 7.95
C GLU A 32 0.83 -3.86 6.45
N LYS A 33 1.32 -5.04 6.05
CA LYS A 33 1.35 -5.49 4.65
C LYS A 33 -0.06 -5.87 4.13
N ARG A 34 -0.83 -6.58 4.98
CA ARG A 34 -2.25 -6.92 4.66
C ARG A 34 -3.14 -5.66 4.81
N GLN A 35 -2.65 -4.66 5.59
CA GLN A 35 -3.27 -3.33 5.70
C GLN A 35 -3.22 -2.62 4.33
N LEU A 36 -2.03 -2.72 3.65
CA LEU A 36 -1.88 -2.27 2.24
C LEU A 36 -2.98 -2.92 1.38
N SER A 37 -2.97 -4.28 1.35
CA SER A 37 -3.86 -5.10 0.51
C SER A 37 -5.35 -4.70 0.66
N LEU A 38 -5.79 -4.63 1.92
CA LEU A 38 -7.18 -4.32 2.30
C LEU A 38 -7.60 -2.91 1.82
N ASP A 39 -6.66 -1.94 1.92
CA ASP A 39 -6.89 -0.54 1.47
C ASP A 39 -6.88 -0.45 -0.07
N ILE A 40 -6.07 -1.30 -0.72
CA ILE A 40 -6.02 -1.42 -2.19
C ILE A 40 -7.36 -2.00 -2.70
N ASN A 41 -7.96 -2.90 -1.90
CA ASN A 41 -9.24 -3.56 -2.23
C ASN A 41 -10.40 -2.56 -2.19
N ARG A 42 -10.24 -1.51 -1.36
CA ARG A 42 -11.18 -0.38 -1.26
C ARG A 42 -11.05 0.56 -2.48
N LEU A 43 -9.83 0.64 -3.04
CA LEU A 43 -9.46 1.59 -4.11
C LEU A 43 -10.14 1.28 -5.48
N PRO A 44 -10.21 2.32 -6.39
CA PRO A 44 -10.59 2.14 -7.83
C PRO A 44 -9.77 1.04 -8.53
N GLY A 45 -10.37 0.40 -9.57
CA GLY A 45 -9.67 -0.60 -10.38
C GLY A 45 -8.39 -0.05 -11.04
N GLU A 46 -8.40 1.27 -11.37
CA GLU A 46 -7.21 2.00 -11.83
C GLU A 46 -6.11 1.97 -10.77
N LYS A 47 -6.51 2.23 -9.52
CA LYS A 47 -5.62 2.31 -8.37
C LYS A 47 -5.12 0.92 -7.92
N LEU A 48 -5.84 -0.15 -8.32
CA LEU A 48 -5.33 -1.55 -8.24
C LEU A 48 -4.19 -1.75 -9.26
N GLY A 49 -4.28 -1.07 -10.42
CA GLY A 49 -3.23 -1.10 -11.44
C GLY A 49 -2.07 -0.16 -11.12
N ARG A 50 -2.32 0.84 -10.26
CA ARG A 50 -1.32 1.84 -9.85
C ARG A 50 -0.29 1.21 -8.92
N VAL A 51 -0.77 0.44 -7.89
CA VAL A 51 0.12 -0.31 -6.97
C VAL A 51 1.11 -1.22 -7.74
N VAL A 52 0.61 -1.79 -8.84
CA VAL A 52 1.38 -2.70 -9.68
C VAL A 52 2.46 -1.92 -10.46
N HIS A 53 2.12 -0.72 -10.93
CA HIS A 53 3.07 0.10 -11.72
C HIS A 53 4.16 0.72 -10.81
N ILE A 54 3.83 0.93 -9.50
CA ILE A 54 4.76 1.53 -8.52
C ILE A 54 5.86 0.51 -8.09
N ILE A 55 5.47 -0.78 -7.88
CA ILE A 55 6.47 -1.85 -7.59
C ILE A 55 7.37 -2.08 -8.82
N GLN A 56 6.77 -2.11 -10.03
CA GLN A 56 7.49 -2.32 -11.30
C GLN A 56 8.34 -1.09 -11.66
N SER A 57 7.96 0.10 -11.15
CA SER A 57 8.77 1.34 -11.27
C SER A 57 10.08 1.17 -10.49
N ARG A 58 9.92 0.71 -9.25
CA ARG A 58 11.01 0.54 -8.29
C ARG A 58 12.05 -0.48 -8.78
N GLU A 59 11.56 -1.60 -9.30
CA GLU A 59 12.39 -2.67 -9.87
C GLU A 59 11.90 -3.01 -11.30
N PRO A 60 12.75 -2.80 -12.36
CA PRO A 60 12.37 -3.13 -13.77
C PRO A 60 12.34 -4.65 -14.06
N SER A 61 12.70 -5.48 -13.06
CA SER A 61 12.83 -6.93 -13.21
C SER A 61 11.46 -7.59 -13.47
N LEU A 62 10.47 -7.24 -12.62
CA LEU A 62 9.10 -7.77 -12.74
C LEU A 62 8.20 -6.80 -13.50
N ARG A 63 8.81 -5.77 -14.09
CA ARG A 63 8.09 -4.86 -14.99
C ARG A 63 7.87 -5.55 -16.36
N ASP A 64 8.91 -6.30 -16.79
CA ASP A 64 8.87 -7.11 -18.01
C ASP A 64 7.78 -8.21 -17.90
N SER A 65 7.52 -8.65 -16.66
CA SER A 65 6.41 -9.57 -16.34
C SER A 65 5.04 -8.85 -16.46
N ASN A 66 4.01 -9.63 -16.84
CA ASN A 66 2.63 -9.12 -17.07
C ASN A 66 2.05 -8.51 -15.78
N PRO A 67 1.74 -7.17 -15.77
CA PRO A 67 1.22 -6.45 -14.57
C PRO A 67 -0.16 -6.99 -14.11
N ASP A 68 -0.94 -7.51 -15.08
CA ASP A 68 -2.30 -8.00 -14.84
C ASP A 68 -2.28 -9.44 -14.27
N GLU A 69 -1.17 -10.18 -14.50
CA GLU A 69 -1.04 -11.58 -14.03
C GLU A 69 -0.42 -11.65 -12.61
N ILE A 70 0.56 -10.76 -12.33
CA ILE A 70 1.30 -10.78 -11.05
C ILE A 70 0.44 -10.22 -9.89
N GLU A 71 0.75 -10.71 -8.68
CA GLU A 71 0.16 -10.21 -7.43
C GLU A 71 1.22 -9.39 -6.69
N ILE A 72 0.77 -8.30 -6.05
CA ILE A 72 1.68 -7.41 -5.33
C ILE A 72 1.88 -7.98 -3.94
N ASP A 73 2.96 -8.77 -3.83
CA ASP A 73 3.40 -9.38 -2.59
C ASP A 73 4.27 -8.37 -1.84
N PHE A 74 3.76 -7.91 -0.70
CA PHE A 74 4.31 -6.79 0.07
C PHE A 74 5.58 -7.18 0.86
N GLU A 75 5.94 -8.48 0.76
CA GLU A 75 7.17 -9.05 1.35
C GLU A 75 8.31 -9.15 0.31
N THR A 76 7.95 -9.45 -0.97
CA THR A 76 8.97 -9.74 -2.02
C THR A 76 9.60 -8.46 -2.59
N LEU A 77 8.81 -7.37 -2.64
CA LEU A 77 9.30 -6.03 -3.05
C LEU A 77 10.26 -5.46 -1.99
N LYS A 78 10.96 -4.35 -2.32
CA LYS A 78 11.97 -3.75 -1.41
C LYS A 78 11.34 -3.34 -0.06
N PRO A 79 12.16 -3.24 1.05
CA PRO A 79 11.65 -2.83 2.39
C PRO A 79 11.08 -1.39 2.37
N THR A 80 11.44 -0.65 1.32
CA THR A 80 10.99 0.72 1.08
C THR A 80 9.68 0.78 0.27
N THR A 81 9.45 -0.24 -0.57
CA THR A 81 8.32 -0.28 -1.52
C THR A 81 6.99 -0.57 -0.79
N LEU A 82 7.05 -1.45 0.23
CA LEU A 82 5.90 -1.73 1.12
C LEU A 82 5.47 -0.46 1.88
N ARG A 83 6.45 0.40 2.18
CA ARG A 83 6.24 1.64 2.92
C ARG A 83 5.64 2.72 1.99
N GLU A 84 6.25 2.83 0.80
CA GLU A 84 5.87 3.79 -0.26
C GLU A 84 4.40 3.56 -0.68
N LEU A 85 4.08 2.29 -1.02
CA LEU A 85 2.73 1.85 -1.39
C LEU A 85 1.72 2.07 -0.25
N GLU A 86 2.14 1.89 1.01
CA GLU A 86 1.26 2.09 2.17
C GLU A 86 0.84 3.57 2.27
N ARG A 87 1.82 4.45 2.11
CA ARG A 87 1.61 5.91 2.19
C ARG A 87 0.82 6.39 0.96
N TYR A 88 0.98 5.67 -0.17
CA TYR A 88 0.20 5.87 -1.39
C TYR A 88 -1.30 5.60 -1.15
N VAL A 89 -1.66 4.44 -0.55
CA VAL A 89 -3.08 4.05 -0.40
C VAL A 89 -3.81 5.05 0.48
N LYS A 90 -3.12 5.45 1.54
CA LYS A 90 -3.59 6.46 2.45
C LYS A 90 -3.58 7.87 1.81
N SER A 91 -2.82 8.05 0.72
CA SER A 91 -2.87 9.29 -0.10
C SER A 91 -4.02 9.24 -1.13
N CYS A 92 -4.42 8.01 -1.50
CA CYS A 92 -5.41 7.78 -2.56
C CYS A 92 -6.84 7.81 -2.00
N LEU A 93 -7.10 7.05 -0.92
CA LEU A 93 -8.42 7.04 -0.23
C LEU A 93 -8.49 8.06 0.94
N GLN A 94 -7.33 8.67 1.34
CA GLN A 94 -7.28 9.77 2.35
C GLN A 94 -6.35 10.93 1.86
N LYS A 95 -5.98 11.85 2.79
CA LYS A 95 -5.07 12.99 2.55
C LYS A 95 -5.63 13.96 1.49
N LYS A 96 -5.29 13.72 0.21
CA LYS A 96 -5.58 14.63 -0.90
C LYS A 96 -6.81 14.08 -1.68
N HIS A 1 -25.31 62.98 6.02
CA HIS A 1 -26.46 62.86 5.10
C HIS A 1 -26.69 61.37 4.76
N HIS A 2 -25.62 60.67 4.32
CA HIS A 2 -25.65 59.21 4.07
C HIS A 2 -25.48 58.43 5.40
N HIS A 3 -26.19 57.30 5.52
CA HIS A 3 -26.16 56.45 6.73
C HIS A 3 -25.76 55.01 6.34
N HIS A 4 -24.44 54.81 6.18
CA HIS A 4 -23.85 53.51 5.82
C HIS A 4 -23.16 52.92 7.06
N HIS A 5 -23.96 52.20 7.87
CA HIS A 5 -23.51 51.57 9.13
C HIS A 5 -23.80 50.06 9.08
N HIS A 6 -22.75 49.27 8.78
CA HIS A 6 -22.76 47.79 8.81
C HIS A 6 -21.34 47.31 9.19
N SER A 7 -21.21 46.02 9.54
CA SER A 7 -19.91 45.43 9.91
C SER A 7 -19.69 44.07 9.21
N HIS A 8 -18.41 43.70 9.08
CA HIS A 8 -17.98 42.41 8.54
C HIS A 8 -16.82 41.90 9.43
N MET A 9 -16.96 40.68 9.97
CA MET A 9 -15.97 40.07 10.86
C MET A 9 -15.82 38.58 10.52
N GLY A 10 -14.62 38.18 10.10
CA GLY A 10 -14.33 36.79 9.72
C GLY A 10 -12.84 36.52 9.72
N LYS A 11 -12.35 35.90 10.80
CA LYS A 11 -10.94 35.54 10.96
C LYS A 11 -10.71 34.06 10.59
N GLN A 12 -9.85 33.82 9.59
CA GLN A 12 -9.39 32.48 9.19
C GLN A 12 -7.88 32.51 8.91
N ALA A 13 -7.19 31.39 9.21
CA ALA A 13 -5.75 31.22 9.00
C ALA A 13 -5.41 29.71 9.07
N SER A 14 -5.03 29.13 7.93
CA SER A 14 -4.79 27.68 7.80
C SER A 14 -3.56 27.45 6.91
N ALA A 15 -2.50 26.84 7.48
CA ALA A 15 -1.27 26.48 6.75
C ALA A 15 -0.64 25.23 7.39
N SER A 16 0.07 24.45 6.57
CA SER A 16 0.65 23.15 6.97
C SER A 16 1.79 22.77 6.00
N TYR A 17 2.44 21.61 6.26
CA TYR A 17 3.51 21.05 5.42
C TYR A 17 3.12 19.65 4.92
N ASP A 18 3.66 19.30 3.74
CA ASP A 18 3.50 17.98 3.12
C ASP A 18 4.88 17.54 2.60
N SER A 19 5.82 17.39 3.55
CA SER A 19 7.24 17.11 3.25
C SER A 19 7.86 16.25 4.38
N GLU A 20 7.88 14.93 4.16
CA GLU A 20 8.52 13.96 5.09
C GLU A 20 9.93 13.62 4.58
N GLU A 21 10.03 13.41 3.25
CA GLU A 21 11.31 13.16 2.51
C GLU A 21 12.02 11.85 2.94
N GLU A 22 11.26 10.96 3.59
CA GLU A 22 11.76 9.66 4.08
C GLU A 22 11.07 8.51 3.34
N GLU A 23 11.85 7.45 3.11
CA GLU A 23 11.38 6.23 2.45
C GLU A 23 10.97 5.21 3.53
N GLU A 24 11.73 5.24 4.67
CA GLU A 24 11.52 4.37 5.83
C GLU A 24 11.57 2.90 5.41
N GLY A 25 12.65 2.55 4.69
CA GLY A 25 12.87 1.20 4.16
C GLY A 25 13.12 0.15 5.23
N LEU A 26 12.04 -0.23 5.93
CA LEU A 26 12.04 -1.23 7.01
C LEU A 26 11.08 -2.36 6.64
N PRO A 27 11.41 -3.65 6.92
CA PRO A 27 10.46 -4.77 6.74
C PRO A 27 9.38 -4.68 7.84
N MET A 28 8.30 -3.93 7.53
CA MET A 28 7.20 -3.67 8.48
C MET A 28 6.51 -4.98 8.91
N SER A 29 5.83 -4.93 10.05
CA SER A 29 5.04 -6.06 10.57
C SER A 29 3.88 -6.36 9.60
N TYR A 30 3.44 -7.63 9.55
CA TYR A 30 2.46 -8.09 8.54
C TYR A 30 1.10 -7.36 8.72
N ASP A 31 0.84 -6.82 9.93
CA ASP A 31 -0.35 -5.97 10.22
C ASP A 31 -0.39 -4.76 9.27
N GLU A 32 0.79 -4.18 9.01
CA GLU A 32 0.95 -3.07 8.07
C GLU A 32 0.73 -3.54 6.63
N LYS A 33 1.31 -4.70 6.29
CA LYS A 33 1.27 -5.27 4.93
C LYS A 33 -0.16 -5.66 4.49
N ARG A 34 -0.96 -6.15 5.45
CA ARG A 34 -2.37 -6.50 5.20
C ARG A 34 -3.23 -5.22 5.22
N GLN A 35 -2.74 -4.16 5.89
CA GLN A 35 -3.36 -2.82 5.87
C GLN A 35 -3.24 -2.20 4.46
N LEU A 36 -2.10 -2.50 3.76
CA LEU A 36 -1.96 -2.19 2.31
C LEU A 36 -3.05 -2.91 1.53
N SER A 37 -3.04 -4.27 1.62
CA SER A 37 -3.94 -5.16 0.86
C SER A 37 -5.42 -4.78 0.99
N LEU A 38 -5.81 -4.54 2.24
CA LEU A 38 -7.20 -4.22 2.62
C LEU A 38 -7.62 -2.86 2.05
N ASP A 39 -6.69 -1.88 2.09
CA ASP A 39 -6.92 -0.54 1.50
C ASP A 39 -6.92 -0.59 -0.04
N ILE A 40 -6.18 -1.55 -0.62
CA ILE A 40 -6.14 -1.77 -2.08
C ILE A 40 -7.46 -2.43 -2.57
N ASN A 41 -8.12 -3.20 -1.66
CA ASN A 41 -9.45 -3.83 -1.95
C ASN A 41 -10.55 -2.75 -1.89
N ARG A 42 -10.18 -1.68 -1.20
CA ARG A 42 -10.99 -0.51 -0.90
C ARG A 42 -10.67 0.63 -1.91
N LEU A 43 -9.59 0.44 -2.69
CA LEU A 43 -9.17 1.35 -3.78
C LEU A 43 -9.83 0.96 -5.14
N PRO A 44 -9.88 1.92 -6.14
CA PRO A 44 -10.35 1.64 -7.53
C PRO A 44 -9.64 0.45 -8.22
N GLY A 45 -10.32 -0.19 -9.18
CA GLY A 45 -9.72 -1.28 -9.97
C GLY A 45 -8.48 -0.84 -10.76
N GLU A 46 -8.46 0.44 -11.15
CA GLU A 46 -7.28 1.10 -11.76
C GLU A 46 -6.11 1.15 -10.78
N LYS A 47 -6.42 1.45 -9.51
CA LYS A 47 -5.41 1.56 -8.43
C LYS A 47 -4.77 0.20 -8.12
N LEU A 48 -5.51 -0.90 -8.38
CA LEU A 48 -4.95 -2.27 -8.32
C LEU A 48 -3.82 -2.46 -9.35
N GLY A 49 -3.94 -1.76 -10.49
CA GLY A 49 -2.88 -1.72 -11.51
C GLY A 49 -1.83 -0.63 -11.24
N ARG A 50 -2.24 0.45 -10.53
CA ARG A 50 -1.38 1.63 -10.30
C ARG A 50 -0.25 1.28 -9.32
N VAL A 51 -0.64 0.54 -8.25
CA VAL A 51 0.30 0.01 -7.24
C VAL A 51 1.38 -0.89 -7.89
N VAL A 52 0.99 -1.57 -8.99
CA VAL A 52 1.91 -2.39 -9.77
C VAL A 52 2.97 -1.50 -10.43
N HIS A 53 2.53 -0.42 -11.10
CA HIS A 53 3.47 0.49 -11.82
C HIS A 53 4.50 1.15 -10.85
N ILE A 54 4.13 1.25 -9.56
CA ILE A 54 5.01 1.78 -8.51
C ILE A 54 6.15 0.78 -8.15
N ILE A 55 5.82 -0.54 -8.01
CA ILE A 55 6.88 -1.57 -7.76
C ILE A 55 7.76 -1.73 -9.04
N GLN A 56 7.11 -1.61 -10.22
CA GLN A 56 7.77 -1.74 -11.53
C GLN A 56 8.79 -0.61 -11.75
N SER A 57 8.49 0.57 -11.18
CA SER A 57 9.35 1.77 -11.27
C SER A 57 10.76 1.51 -10.67
N ARG A 58 10.80 0.67 -9.61
CA ARG A 58 12.04 0.30 -8.91
C ARG A 58 12.65 -1.00 -9.47
N GLU A 59 11.79 -1.99 -9.72
CA GLU A 59 12.20 -3.36 -10.07
C GLU A 59 11.90 -3.65 -11.56
N PRO A 60 12.95 -3.59 -12.46
CA PRO A 60 12.79 -3.87 -13.92
C PRO A 60 12.38 -5.33 -14.22
N SER A 61 12.54 -6.23 -13.24
CA SER A 61 12.06 -7.61 -13.35
C SER A 61 10.52 -7.63 -13.35
N LEU A 62 9.93 -6.87 -12.42
CA LEU A 62 8.46 -6.74 -12.31
C LEU A 62 7.90 -5.79 -13.35
N ARG A 63 8.77 -4.90 -13.85
CA ARG A 63 8.38 -3.96 -14.89
C ARG A 63 8.25 -4.67 -16.23
N ASP A 64 9.10 -5.70 -16.41
CA ASP A 64 9.07 -6.58 -17.58
C ASP A 64 7.92 -7.59 -17.46
N SER A 65 7.52 -7.90 -16.21
CA SER A 65 6.38 -8.80 -15.93
C SER A 65 5.04 -8.17 -16.33
N ASN A 66 4.10 -9.03 -16.78
CA ASN A 66 2.74 -8.63 -17.16
C ASN A 66 1.98 -8.17 -15.89
N PRO A 67 1.59 -6.85 -15.81
CA PRO A 67 0.95 -6.27 -14.59
C PRO A 67 -0.50 -6.79 -14.38
N ASP A 68 -1.04 -7.55 -15.34
CA ASP A 68 -2.34 -8.25 -15.23
C ASP A 68 -2.15 -9.62 -14.55
N GLU A 69 -1.07 -10.33 -14.92
CA GLU A 69 -0.80 -11.71 -14.47
C GLU A 69 -0.23 -11.74 -13.04
N ILE A 70 0.66 -10.79 -12.71
CA ILE A 70 1.30 -10.72 -11.37
C ILE A 70 0.57 -9.70 -10.48
N GLU A 71 0.53 -10.01 -9.18
CA GLU A 71 -0.08 -9.17 -8.15
C GLU A 71 1.00 -8.63 -7.22
N ILE A 72 0.65 -7.65 -6.38
CA ILE A 72 1.63 -7.02 -5.47
C ILE A 72 1.62 -7.71 -4.10
N ASP A 73 2.59 -8.62 -3.90
CA ASP A 73 2.85 -9.24 -2.60
C ASP A 73 3.77 -8.30 -1.80
N PHE A 74 3.31 -7.97 -0.59
CA PHE A 74 3.84 -6.88 0.25
C PHE A 74 5.10 -7.31 1.03
N GLU A 75 5.48 -8.60 0.94
CA GLU A 75 6.62 -9.18 1.66
C GLU A 75 7.85 -9.29 0.76
N THR A 76 7.63 -9.72 -0.51
CA THR A 76 8.70 -10.06 -1.45
C THR A 76 9.38 -8.81 -2.07
N LEU A 77 8.61 -7.71 -2.19
CA LEU A 77 9.10 -6.42 -2.74
C LEU A 77 10.14 -5.75 -1.81
N LYS A 78 10.76 -4.66 -2.32
CA LYS A 78 11.75 -3.87 -1.56
C LYS A 78 11.16 -3.31 -0.23
N PRO A 79 12.00 -3.15 0.85
CA PRO A 79 11.53 -2.67 2.19
C PRO A 79 11.02 -1.20 2.16
N THR A 80 11.33 -0.47 1.07
CA THR A 80 10.81 0.89 0.84
C THR A 80 9.45 0.83 0.11
N THR A 81 9.29 -0.18 -0.76
CA THR A 81 8.13 -0.28 -1.65
C THR A 81 6.84 -0.57 -0.85
N LEU A 82 6.92 -1.46 0.15
CA LEU A 82 5.79 -1.73 1.09
C LEU A 82 5.38 -0.47 1.87
N ARG A 83 6.37 0.39 2.16
CA ARG A 83 6.18 1.58 2.98
C ARG A 83 5.48 2.69 2.16
N GLU A 84 6.02 2.91 0.94
CA GLU A 84 5.51 3.95 0.03
C GLU A 84 4.14 3.57 -0.53
N LEU A 85 3.93 2.28 -0.81
CA LEU A 85 2.60 1.77 -1.19
C LEU A 85 1.58 1.93 -0.08
N GLU A 86 2.01 1.84 1.20
CA GLU A 86 1.12 2.11 2.32
C GLU A 86 0.75 3.60 2.32
N ARG A 87 1.76 4.44 2.08
CA ARG A 87 1.59 5.91 2.00
C ARG A 87 0.68 6.30 0.81
N TYR A 88 0.77 5.49 -0.27
CA TYR A 88 0.03 5.74 -1.51
C TYR A 88 -1.47 5.51 -1.31
N VAL A 89 -1.84 4.33 -0.76
CA VAL A 89 -3.26 3.97 -0.51
C VAL A 89 -3.93 4.99 0.39
N LYS A 90 -3.21 5.40 1.43
CA LYS A 90 -3.68 6.38 2.38
C LYS A 90 -3.74 7.78 1.75
N SER A 91 -2.92 7.99 0.71
CA SER A 91 -2.94 9.25 -0.06
C SER A 91 -4.02 9.21 -1.15
N CYS A 92 -4.45 7.98 -1.54
CA CYS A 92 -5.37 7.78 -2.66
C CYS A 92 -6.84 7.86 -2.19
N LEU A 93 -7.19 7.07 -1.16
CA LEU A 93 -8.58 7.05 -0.61
C LEU A 93 -8.82 8.08 0.52
N GLN A 94 -7.84 8.99 0.78
CA GLN A 94 -8.01 10.09 1.77
C GLN A 94 -7.62 11.45 1.15
N LYS A 95 -6.34 11.81 1.25
CA LYS A 95 -5.82 13.19 0.98
C LYS A 95 -4.30 13.12 0.74
N LYS A 96 -3.54 14.19 0.99
CA LYS A 96 -2.05 14.12 1.02
C LYS A 96 -1.57 13.82 2.48
N HIS A 1 -35.82 23.14 41.12
CA HIS A 1 -34.53 23.64 41.63
C HIS A 1 -33.40 22.65 41.27
N HIS A 2 -33.61 21.83 40.22
CA HIS A 2 -32.63 20.82 39.75
C HIS A 2 -32.50 20.90 38.22
N HIS A 3 -31.35 21.41 37.75
CA HIS A 3 -31.02 21.57 36.32
C HIS A 3 -30.15 20.38 35.84
N HIS A 4 -29.05 20.16 36.61
CA HIS A 4 -28.04 19.12 36.35
C HIS A 4 -27.27 19.37 35.04
N HIS A 5 -26.62 20.54 35.00
CA HIS A 5 -25.67 20.92 33.93
C HIS A 5 -24.33 21.25 34.60
N HIS A 6 -23.37 20.33 34.44
CA HIS A 6 -22.04 20.40 35.10
C HIS A 6 -20.97 19.96 34.07
N SER A 7 -20.93 18.63 33.78
CA SER A 7 -20.06 17.98 32.75
C SER A 7 -18.57 18.43 32.73
N HIS A 8 -18.31 19.64 32.20
CA HIS A 8 -16.96 20.21 31.90
C HIS A 8 -16.09 19.23 31.05
N MET A 9 -16.42 19.15 29.75
CA MET A 9 -15.76 18.24 28.78
C MET A 9 -15.68 18.95 27.41
N GLY A 10 -14.45 19.16 26.92
CA GLY A 10 -14.22 19.85 25.66
C GLY A 10 -12.74 19.82 25.27
N LYS A 11 -12.19 18.60 25.20
CA LYS A 11 -10.81 18.34 24.76
C LYS A 11 -10.82 17.27 23.67
N GLN A 12 -9.88 17.41 22.71
CA GLN A 12 -9.58 16.40 21.68
C GLN A 12 -8.05 16.34 21.43
N ALA A 13 -7.29 17.19 22.19
CA ALA A 13 -5.82 17.33 22.04
C ALA A 13 -5.46 17.82 20.62
N SER A 14 -4.18 17.67 20.20
CA SER A 14 -3.75 18.03 18.84
C SER A 14 -2.51 17.22 18.47
N ALA A 15 -2.68 16.26 17.57
CA ALA A 15 -1.60 15.39 17.07
C ALA A 15 -1.04 15.96 15.75
N SER A 16 0.25 15.70 15.54
CA SER A 16 0.97 16.04 14.30
C SER A 16 2.14 15.06 14.12
N TYR A 17 2.78 15.08 12.94
CA TYR A 17 3.92 14.21 12.63
C TYR A 17 4.76 14.81 11.49
N ASP A 18 6.00 14.32 11.36
CA ASP A 18 6.91 14.70 10.27
C ASP A 18 6.74 13.72 9.11
N SER A 19 6.62 14.27 7.89
CA SER A 19 6.38 13.51 6.66
C SER A 19 7.14 14.14 5.49
N GLU A 20 7.09 13.45 4.32
CA GLU A 20 7.74 13.88 3.07
C GLU A 20 9.29 13.89 3.20
N GLU A 21 9.98 13.92 2.03
CA GLU A 21 11.46 13.93 1.88
C GLU A 21 12.06 12.51 2.11
N GLU A 22 11.56 11.82 3.13
CA GLU A 22 12.03 10.49 3.54
C GLU A 22 10.88 9.49 3.40
N GLU A 23 11.25 8.22 3.44
CA GLU A 23 10.35 7.12 3.10
C GLU A 23 9.68 6.54 4.33
N GLU A 24 10.44 6.51 5.45
CA GLU A 24 10.08 5.79 6.69
C GLU A 24 10.05 4.27 6.41
N GLY A 25 10.85 3.87 5.40
CA GLY A 25 10.82 2.53 4.83
C GLY A 25 11.64 1.53 5.61
N LEU A 26 11.13 1.19 6.78
CA LEU A 26 11.67 0.15 7.65
C LEU A 26 11.04 -1.20 7.27
N PRO A 27 11.71 -2.38 7.54
CA PRO A 27 11.11 -3.71 7.29
C PRO A 27 9.91 -3.96 8.23
N MET A 28 8.75 -3.40 7.85
CA MET A 28 7.53 -3.40 8.68
C MET A 28 6.92 -4.82 8.73
N SER A 29 6.15 -5.07 9.79
CA SER A 29 5.51 -6.36 10.05
C SER A 29 4.37 -6.62 9.03
N TYR A 30 3.91 -7.89 8.93
CA TYR A 30 2.82 -8.27 8.00
C TYR A 30 1.49 -7.56 8.36
N ASP A 31 1.37 -7.09 9.62
CA ASP A 31 0.25 -6.24 10.09
C ASP A 31 -0.01 -5.06 9.14
N GLU A 32 1.08 -4.39 8.76
CA GLU A 32 1.04 -3.22 7.88
C GLU A 32 0.71 -3.63 6.43
N LYS A 33 1.14 -4.84 6.06
CA LYS A 33 1.05 -5.37 4.68
C LYS A 33 -0.35 -5.93 4.37
N ARG A 34 -1.07 -6.41 5.41
CA ARG A 34 -2.47 -6.85 5.25
C ARG A 34 -3.41 -5.64 5.37
N GLN A 35 -2.94 -4.57 6.06
CA GLN A 35 -3.61 -3.26 6.11
C GLN A 35 -3.54 -2.64 4.68
N LEU A 36 -2.36 -2.80 4.04
CA LEU A 36 -2.13 -2.49 2.62
C LEU A 36 -3.09 -3.29 1.71
N SER A 37 -3.05 -4.64 1.81
CA SER A 37 -3.87 -5.56 0.99
C SER A 37 -5.37 -5.20 1.06
N LEU A 38 -5.81 -4.85 2.28
CA LEU A 38 -7.19 -4.42 2.61
C LEU A 38 -7.51 -3.02 1.99
N ASP A 39 -6.50 -2.14 1.91
CA ASP A 39 -6.64 -0.74 1.48
C ASP A 39 -6.76 -0.65 -0.05
N ILE A 40 -5.80 -1.31 -0.75
CA ILE A 40 -5.84 -1.48 -2.21
C ILE A 40 -7.15 -2.22 -2.63
N ASN A 41 -7.64 -3.13 -1.74
CA ASN A 41 -8.83 -3.97 -2.02
C ASN A 41 -10.12 -3.12 -2.20
N ARG A 42 -10.12 -1.94 -1.59
CA ARG A 42 -11.24 -0.97 -1.66
C ARG A 42 -11.13 -0.06 -2.91
N LEU A 43 -9.88 0.20 -3.32
CA LEU A 43 -9.54 1.20 -4.36
C LEU A 43 -9.98 0.77 -5.80
N PRO A 44 -10.05 1.75 -6.78
CA PRO A 44 -10.31 1.48 -8.23
C PRO A 44 -9.41 0.38 -8.84
N GLY A 45 -9.90 -0.29 -9.90
CA GLY A 45 -9.09 -1.24 -10.69
C GLY A 45 -7.87 -0.56 -11.32
N GLU A 46 -7.99 0.76 -11.55
CA GLU A 46 -6.88 1.65 -11.96
C GLU A 46 -5.79 1.66 -10.87
N LYS A 47 -6.22 1.86 -9.61
CA LYS A 47 -5.34 1.87 -8.43
C LYS A 47 -4.65 0.50 -8.23
N LEU A 48 -5.40 -0.58 -8.51
CA LEU A 48 -4.88 -1.99 -8.47
C LEU A 48 -3.81 -2.22 -9.55
N GLY A 49 -3.94 -1.50 -10.69
CA GLY A 49 -2.94 -1.53 -11.75
C GLY A 49 -1.76 -0.61 -11.42
N ARG A 50 -2.05 0.51 -10.71
CA ARG A 50 -1.08 1.57 -10.40
C ARG A 50 -0.02 1.06 -9.41
N VAL A 51 -0.47 0.32 -8.37
CA VAL A 51 0.42 -0.31 -7.38
C VAL A 51 1.46 -1.23 -8.06
N VAL A 52 1.02 -1.88 -9.16
CA VAL A 52 1.90 -2.69 -10.00
C VAL A 52 2.94 -1.79 -10.68
N HIS A 53 2.48 -0.66 -11.26
CA HIS A 53 3.36 0.26 -12.02
C HIS A 53 4.40 0.97 -11.10
N ILE A 54 4.08 1.05 -9.79
CA ILE A 54 4.99 1.66 -8.77
C ILE A 54 6.12 0.67 -8.40
N ILE A 55 5.79 -0.64 -8.27
CA ILE A 55 6.82 -1.68 -8.00
C ILE A 55 7.65 -1.98 -9.30
N GLN A 56 7.02 -1.82 -10.48
CA GLN A 56 7.73 -1.97 -11.79
C GLN A 56 8.71 -0.80 -12.00
N SER A 57 8.36 0.36 -11.42
CA SER A 57 9.23 1.56 -11.38
C SER A 57 10.41 1.32 -10.43
N ARG A 58 10.15 0.58 -9.34
CA ARG A 58 11.09 0.33 -8.26
C ARG A 58 12.19 -0.68 -8.68
N GLU A 59 11.73 -1.81 -9.23
CA GLU A 59 12.56 -2.99 -9.54
C GLU A 59 12.23 -3.48 -10.98
N PRO A 60 13.10 -3.14 -12.00
CA PRO A 60 12.95 -3.58 -13.42
C PRO A 60 12.84 -5.12 -13.64
N SER A 61 13.16 -5.92 -12.60
CA SER A 61 13.11 -7.40 -12.64
C SER A 61 11.68 -7.95 -12.86
N LEU A 62 10.65 -7.14 -12.58
CA LEU A 62 9.23 -7.52 -12.80
C LEU A 62 8.49 -6.41 -13.58
N ARG A 63 9.25 -5.62 -14.35
CA ARG A 63 8.70 -4.43 -15.06
C ARG A 63 8.02 -4.85 -16.38
N ASP A 64 8.55 -5.88 -17.04
CA ASP A 64 8.00 -6.40 -18.31
C ASP A 64 6.83 -7.39 -18.01
N SER A 65 6.69 -7.78 -16.73
CA SER A 65 5.63 -8.68 -16.25
C SER A 65 4.23 -8.07 -16.46
N ASN A 66 3.31 -8.89 -17.01
CA ASN A 66 1.91 -8.51 -17.28
C ASN A 66 1.17 -8.20 -15.96
N PRO A 67 0.72 -6.91 -15.74
CA PRO A 67 0.01 -6.51 -14.48
C PRO A 67 -1.31 -7.29 -14.25
N ASP A 68 -1.87 -7.83 -15.34
CA ASP A 68 -3.07 -8.68 -15.30
C ASP A 68 -2.73 -10.11 -14.79
N GLU A 69 -1.57 -10.65 -15.20
CA GLU A 69 -1.16 -12.03 -14.82
C GLU A 69 -0.56 -12.06 -13.40
N ILE A 70 0.24 -11.04 -13.04
CA ILE A 70 0.97 -11.01 -11.75
C ILE A 70 0.24 -10.12 -10.73
N GLU A 71 0.45 -10.43 -9.45
CA GLU A 71 -0.16 -9.71 -8.31
C GLU A 71 0.95 -9.14 -7.41
N ILE A 72 0.58 -8.15 -6.57
CA ILE A 72 1.54 -7.43 -5.72
C ILE A 72 1.54 -8.00 -4.30
N ASP A 73 2.62 -8.71 -3.97
CA ASP A 73 2.85 -9.24 -2.64
C ASP A 73 3.75 -8.26 -1.87
N PHE A 74 3.19 -7.70 -0.79
CA PHE A 74 3.85 -6.63 -0.01
C PHE A 74 4.96 -7.21 0.91
N GLU A 75 5.07 -8.56 0.95
CA GLU A 75 6.13 -9.28 1.69
C GLU A 75 7.44 -9.31 0.88
N THR A 76 7.34 -9.69 -0.42
CA THR A 76 8.53 -9.96 -1.26
C THR A 76 9.23 -8.67 -1.76
N LEU A 77 8.47 -7.57 -1.90
CA LEU A 77 9.04 -6.26 -2.32
C LEU A 77 9.85 -5.60 -1.17
N LYS A 78 10.61 -4.55 -1.51
CA LYS A 78 11.61 -3.94 -0.60
C LYS A 78 10.96 -3.25 0.64
N PRO A 79 11.70 -3.14 1.80
CA PRO A 79 11.22 -2.49 3.06
C PRO A 79 10.70 -1.05 2.87
N THR A 80 11.20 -0.38 1.84
CA THR A 80 10.77 0.99 1.49
C THR A 80 9.59 0.98 0.51
N THR A 81 9.44 -0.10 -0.28
CA THR A 81 8.40 -0.22 -1.32
C THR A 81 7.01 -0.50 -0.69
N LEU A 82 6.98 -1.31 0.37
CA LEU A 82 5.76 -1.56 1.17
C LEU A 82 5.28 -0.25 1.83
N ARG A 83 6.25 0.58 2.28
CA ARG A 83 5.96 1.89 2.88
C ARG A 83 5.53 2.90 1.80
N GLU A 84 6.13 2.79 0.60
CA GLU A 84 5.84 3.67 -0.55
C GLU A 84 4.38 3.49 -0.99
N LEU A 85 4.02 2.23 -1.26
CA LEU A 85 2.65 1.82 -1.60
C LEU A 85 1.66 2.14 -0.48
N GLU A 86 2.14 2.08 0.78
CA GLU A 86 1.33 2.41 1.93
C GLU A 86 0.97 3.90 1.92
N ARG A 87 1.96 4.76 1.65
CA ARG A 87 1.79 6.23 1.69
C ARG A 87 0.84 6.68 0.58
N TYR A 88 1.00 6.01 -0.57
CA TYR A 88 0.10 6.11 -1.73
C TYR A 88 -1.38 5.95 -1.32
N VAL A 89 -1.72 4.80 -0.69
CA VAL A 89 -3.10 4.49 -0.27
C VAL A 89 -3.57 5.32 0.92
N LYS A 90 -2.63 5.61 1.83
CA LYS A 90 -2.88 6.45 3.00
C LYS A 90 -3.17 7.90 2.57
N SER A 91 -2.71 8.25 1.35
CA SER A 91 -3.01 9.54 0.73
C SER A 91 -4.32 9.46 -0.05
N CYS A 92 -4.47 8.36 -0.81
CA CYS A 92 -5.53 8.18 -1.81
C CYS A 92 -6.92 8.18 -1.17
N LEU A 93 -7.05 7.48 -0.04
CA LEU A 93 -8.34 7.36 0.67
C LEU A 93 -8.35 7.98 2.09
N GLN A 94 -7.27 8.72 2.50
CA GLN A 94 -7.24 9.42 3.83
C GLN A 94 -6.71 10.87 3.71
N LYS A 95 -5.36 10.99 3.78
CA LYS A 95 -4.66 12.27 3.99
C LYS A 95 -3.42 12.33 3.05
N LYS A 96 -2.18 12.30 3.61
CA LYS A 96 -0.93 11.99 2.87
C LYS A 96 -0.14 10.92 3.69
N HIS A 1 -39.25 15.86 23.52
CA HIS A 1 -40.32 15.68 22.50
C HIS A 1 -39.89 16.35 21.18
N HIS A 2 -39.97 15.57 20.07
CA HIS A 2 -39.74 16.04 18.66
C HIS A 2 -38.24 16.27 18.34
N HIS A 3 -37.40 16.47 19.36
CA HIS A 3 -35.96 16.81 19.20
C HIS A 3 -35.12 15.52 19.02
N HIS A 4 -35.13 14.99 17.78
CA HIS A 4 -34.33 13.82 17.34
C HIS A 4 -34.72 13.49 15.88
N HIS A 5 -33.97 14.04 14.92
CA HIS A 5 -34.16 13.81 13.48
C HIS A 5 -32.96 14.33 12.66
N HIS A 6 -31.78 14.44 13.31
CA HIS A 6 -30.53 14.89 12.66
C HIS A 6 -29.33 14.14 13.27
N SER A 7 -28.74 13.24 12.48
CA SER A 7 -27.56 12.45 12.87
C SER A 7 -26.29 13.01 12.22
N HIS A 8 -25.11 12.50 12.65
CA HIS A 8 -23.80 12.89 12.08
C HIS A 8 -22.76 11.77 12.28
N MET A 9 -22.02 11.44 11.19
CA MET A 9 -20.97 10.40 11.17
C MET A 9 -20.04 10.61 9.95
N GLY A 10 -18.75 10.30 10.12
CA GLY A 10 -17.77 10.39 9.03
C GLY A 10 -16.35 10.66 9.56
N LYS A 11 -15.41 9.74 9.31
CA LYS A 11 -13.99 9.87 9.73
C LYS A 11 -13.08 8.88 8.95
N GLN A 12 -12.15 9.42 8.12
CA GLN A 12 -11.10 8.65 7.41
C GLN A 12 -9.81 9.51 7.33
N ALA A 13 -8.84 9.27 8.25
CA ALA A 13 -7.56 9.99 8.26
C ALA A 13 -6.55 9.30 9.19
N SER A 14 -5.58 8.59 8.59
CA SER A 14 -4.41 8.04 9.30
C SER A 14 -3.21 8.97 9.02
N ALA A 15 -3.13 10.05 9.82
CA ALA A 15 -2.13 11.13 9.64
C ALA A 15 -0.72 10.62 9.99
N SER A 16 0.02 10.24 8.94
CA SER A 16 1.42 9.78 9.06
C SER A 16 2.12 10.02 7.71
N TYR A 17 2.95 11.07 7.68
CA TYR A 17 3.77 11.41 6.50
C TYR A 17 5.03 10.52 6.43
N ASP A 18 5.83 10.69 5.38
CA ASP A 18 7.01 9.86 5.11
C ASP A 18 8.19 10.69 4.60
N SER A 19 9.40 10.17 4.81
CA SER A 19 10.61 10.64 4.16
C SER A 19 10.84 9.86 2.85
N GLU A 20 11.91 10.17 2.13
CA GLU A 20 12.25 9.56 0.83
C GLU A 20 13.06 8.27 1.06
N GLU A 21 14.26 8.45 1.61
CA GLU A 21 15.24 7.37 1.79
C GLU A 21 15.45 7.08 3.29
N GLU A 22 15.20 8.10 4.16
CA GLU A 22 15.38 7.98 5.63
C GLU A 22 14.43 6.96 6.27
N GLU A 23 13.34 6.63 5.54
CA GLU A 23 12.43 5.52 5.89
C GLU A 23 13.23 4.21 5.97
N GLU A 24 14.14 4.02 4.98
CA GLU A 24 15.10 2.89 4.87
C GLU A 24 14.41 1.53 4.70
N GLY A 25 13.07 1.54 4.63
CA GLY A 25 12.28 0.33 4.68
C GLY A 25 12.55 -0.50 5.93
N LEU A 26 12.56 0.16 7.10
CA LEU A 26 12.78 -0.50 8.41
C LEU A 26 11.74 -1.64 8.60
N PRO A 27 12.20 -2.92 8.84
CA PRO A 27 11.32 -4.14 8.81
C PRO A 27 10.01 -3.98 9.63
N MET A 28 8.92 -3.64 8.93
CA MET A 28 7.58 -3.44 9.50
C MET A 28 6.88 -4.82 9.71
N SER A 29 5.73 -4.80 10.39
CA SER A 29 4.93 -5.98 10.85
C SER A 29 4.35 -6.81 9.67
N TYR A 30 3.38 -7.71 9.98
CA TYR A 30 2.39 -8.19 8.98
C TYR A 30 1.18 -7.22 8.88
N ASP A 31 0.87 -6.51 9.98
CA ASP A 31 -0.34 -5.67 10.15
C ASP A 31 -0.53 -4.66 9.00
N GLU A 32 0.51 -3.87 8.73
CA GLU A 32 0.49 -2.82 7.68
C GLU A 32 0.38 -3.42 6.26
N LYS A 33 0.88 -4.67 6.06
CA LYS A 33 0.84 -5.37 4.75
C LYS A 33 -0.59 -5.77 4.39
N ARG A 34 -1.33 -6.32 5.37
CA ARG A 34 -2.71 -6.77 5.17
C ARG A 34 -3.68 -5.57 5.17
N GLN A 35 -3.30 -4.50 5.89
CA GLN A 35 -4.04 -3.21 5.92
C GLN A 35 -3.89 -2.53 4.55
N LEU A 36 -2.67 -2.68 3.98
CA LEU A 36 -2.31 -2.20 2.64
C LEU A 36 -3.13 -2.92 1.56
N SER A 37 -3.12 -4.27 1.63
CA SER A 37 -3.84 -5.15 0.68
C SER A 37 -5.34 -4.80 0.68
N LEU A 38 -5.87 -4.64 1.89
CA LEU A 38 -7.28 -4.32 2.14
C LEU A 38 -7.64 -2.92 1.62
N ASP A 39 -6.67 -1.98 1.70
CA ASP A 39 -6.81 -0.63 1.11
C ASP A 39 -6.86 -0.71 -0.43
N ILE A 40 -5.98 -1.53 -1.00
CA ILE A 40 -5.93 -1.78 -2.45
C ILE A 40 -7.27 -2.39 -2.93
N ASN A 41 -7.91 -3.20 -2.06
CA ASN A 41 -9.21 -3.84 -2.37
C ASN A 41 -10.33 -2.80 -2.46
N ARG A 42 -10.16 -1.70 -1.73
CA ARG A 42 -11.07 -0.55 -1.76
C ARG A 42 -10.84 0.30 -3.03
N LEU A 43 -9.60 0.33 -3.51
CA LEU A 43 -9.17 1.18 -4.63
C LEU A 43 -9.73 0.72 -6.00
N PRO A 44 -9.91 1.71 -6.96
CA PRO A 44 -10.21 1.43 -8.39
C PRO A 44 -9.23 0.44 -9.04
N GLY A 45 -9.70 -0.31 -10.08
CA GLY A 45 -8.83 -1.19 -10.87
C GLY A 45 -7.66 -0.43 -11.54
N GLU A 46 -7.87 0.90 -11.78
CA GLU A 46 -6.82 1.84 -12.23
C GLU A 46 -5.74 1.95 -11.16
N LYS A 47 -6.18 2.16 -9.91
CA LYS A 47 -5.31 2.32 -8.75
C LYS A 47 -4.63 0.98 -8.35
N LEU A 48 -5.24 -0.16 -8.77
CA LEU A 48 -4.58 -1.50 -8.73
C LEU A 48 -3.46 -1.54 -9.78
N GLY A 49 -3.69 -0.89 -10.92
CA GLY A 49 -2.66 -0.70 -11.93
C GLY A 49 -1.53 0.21 -11.44
N ARG A 50 -1.87 1.17 -10.55
CA ARG A 50 -0.89 2.12 -9.97
C ARG A 50 0.05 1.39 -9.01
N VAL A 51 -0.49 0.58 -8.06
CA VAL A 51 0.35 -0.20 -7.10
C VAL A 51 1.39 -1.06 -7.86
N VAL A 52 0.96 -1.64 -9.00
CA VAL A 52 1.82 -2.42 -9.88
C VAL A 52 2.82 -1.50 -10.60
N HIS A 53 2.36 -0.33 -11.07
CA HIS A 53 3.23 0.62 -11.80
C HIS A 53 4.38 1.11 -10.91
N ILE A 54 4.10 1.27 -9.61
CA ILE A 54 5.07 1.75 -8.61
C ILE A 54 6.16 0.69 -8.34
N ILE A 55 5.75 -0.60 -8.19
CA ILE A 55 6.73 -1.70 -7.97
C ILE A 55 7.58 -1.95 -9.26
N GLN A 56 6.98 -1.71 -10.46
CA GLN A 56 7.67 -1.87 -11.76
C GLN A 56 8.69 -0.74 -11.99
N SER A 57 8.38 0.45 -11.41
CA SER A 57 9.30 1.60 -11.41
C SER A 57 10.50 1.34 -10.50
N ARG A 58 10.21 0.67 -9.38
CA ARG A 58 11.18 0.39 -8.33
C ARG A 58 12.18 -0.70 -8.75
N GLU A 59 11.64 -1.81 -9.26
CA GLU A 59 12.38 -3.00 -9.68
C GLU A 59 11.97 -3.38 -11.12
N PRO A 60 12.87 -3.12 -12.13
CA PRO A 60 12.58 -3.39 -13.56
C PRO A 60 12.74 -4.87 -13.96
N SER A 61 12.77 -5.78 -12.95
CA SER A 61 12.78 -7.23 -13.16
C SER A 61 11.36 -7.72 -13.50
N LEU A 62 10.32 -7.01 -12.98
CA LEU A 62 8.91 -7.37 -13.23
C LEU A 62 8.17 -6.22 -13.94
N ARG A 63 8.93 -5.36 -14.64
CA ARG A 63 8.36 -4.18 -15.33
C ARG A 63 7.64 -4.61 -16.62
N ASP A 64 8.13 -5.68 -17.26
CA ASP A 64 7.52 -6.24 -18.50
C ASP A 64 6.29 -7.12 -18.15
N SER A 65 6.20 -7.54 -16.87
CA SER A 65 5.13 -8.43 -16.38
C SER A 65 3.74 -7.74 -16.40
N ASN A 66 2.71 -8.55 -16.70
CA ASN A 66 1.30 -8.11 -16.74
C ASN A 66 0.78 -7.90 -15.30
N PRO A 67 0.15 -6.71 -14.99
CA PRO A 67 -0.41 -6.41 -13.63
C PRO A 67 -1.47 -7.44 -13.15
N ASP A 68 -2.15 -8.06 -14.12
CA ASP A 68 -3.16 -9.12 -13.90
C ASP A 68 -2.49 -10.48 -13.57
N GLU A 69 -1.34 -10.72 -14.21
CA GLU A 69 -0.59 -11.99 -14.10
C GLU A 69 0.12 -12.10 -12.74
N ILE A 70 0.70 -10.98 -12.29
CA ILE A 70 1.40 -10.90 -11.00
C ILE A 70 0.50 -10.23 -9.96
N GLU A 71 0.71 -10.56 -8.69
CA GLU A 71 -0.06 -9.96 -7.57
C GLU A 71 0.97 -9.40 -6.59
N ILE A 72 0.68 -8.23 -6.01
CA ILE A 72 1.65 -7.46 -5.21
C ILE A 72 1.83 -8.08 -3.82
N ASP A 73 2.86 -8.94 -3.70
CA ASP A 73 3.32 -9.47 -2.42
C ASP A 73 4.23 -8.43 -1.77
N PHE A 74 3.80 -7.91 -0.61
CA PHE A 74 4.48 -6.79 0.10
C PHE A 74 5.80 -7.23 0.77
N GLU A 75 6.13 -8.52 0.66
CA GLU A 75 7.31 -9.12 1.32
C GLU A 75 8.45 -9.37 0.30
N THR A 76 8.10 -9.68 -0.97
CA THR A 76 9.11 -10.02 -2.00
C THR A 76 9.77 -8.77 -2.60
N LEU A 77 9.00 -7.67 -2.70
CA LEU A 77 9.48 -6.37 -3.20
C LEU A 77 10.49 -5.73 -2.21
N LYS A 78 11.16 -4.63 -2.65
CA LYS A 78 12.14 -3.91 -1.82
C LYS A 78 11.51 -3.43 -0.48
N PRO A 79 12.32 -3.33 0.61
CA PRO A 79 11.82 -2.97 1.97
C PRO A 79 11.16 -1.58 2.01
N THR A 80 11.57 -0.70 1.09
CA THR A 80 11.05 0.65 0.96
C THR A 80 9.67 0.65 0.25
N THR A 81 9.45 -0.32 -0.67
CA THR A 81 8.31 -0.33 -1.59
C THR A 81 6.99 -0.66 -0.86
N LEU A 82 7.04 -1.59 0.10
CA LEU A 82 5.87 -1.93 0.95
C LEU A 82 5.41 -0.69 1.74
N ARG A 83 6.39 0.02 2.30
CA ARG A 83 6.17 1.24 3.10
C ARG A 83 5.66 2.42 2.23
N GLU A 84 6.18 2.48 0.98
CA GLU A 84 5.84 3.52 -0.01
C GLU A 84 4.39 3.36 -0.50
N LEU A 85 4.03 2.11 -0.84
CA LEU A 85 2.66 1.73 -1.21
C LEU A 85 1.68 2.00 -0.08
N GLU A 86 2.15 1.74 1.15
CA GLU A 86 1.38 1.96 2.38
C GLU A 86 0.91 3.43 2.47
N ARG A 87 1.80 4.37 2.13
CA ARG A 87 1.49 5.82 2.17
C ARG A 87 0.57 6.21 1.01
N TYR A 88 0.86 5.63 -0.19
CA TYR A 88 0.14 5.91 -1.45
C TYR A 88 -1.37 5.65 -1.28
N VAL A 89 -1.71 4.46 -0.75
CA VAL A 89 -3.11 4.01 -0.66
C VAL A 89 -3.91 4.87 0.29
N LYS A 90 -3.27 5.25 1.39
CA LYS A 90 -3.88 6.03 2.43
C LYS A 90 -4.01 7.51 2.03
N SER A 91 -3.22 7.93 1.02
CA SER A 91 -3.39 9.25 0.39
C SER A 91 -4.46 9.17 -0.72
N CYS A 92 -4.62 7.96 -1.30
CA CYS A 92 -5.48 7.73 -2.47
C CYS A 92 -6.97 7.64 -2.06
N LEU A 93 -7.28 6.79 -1.07
CA LEU A 93 -8.70 6.57 -0.62
C LEU A 93 -9.11 7.45 0.58
N GLN A 94 -8.19 7.70 1.56
CA GLN A 94 -8.54 8.55 2.73
C GLN A 94 -8.46 10.01 2.33
N LYS A 95 -7.39 10.31 1.54
CA LYS A 95 -7.08 11.65 1.03
C LYS A 95 -6.59 12.55 2.18
N LYS A 96 -5.26 12.73 2.27
CA LYS A 96 -4.62 13.64 3.25
C LYS A 96 -4.84 15.11 2.80
N HIS A 1 -32.37 -14.66 43.65
CA HIS A 1 -32.64 -15.08 42.26
C HIS A 1 -33.64 -14.13 41.61
N HIS A 2 -33.11 -12.98 41.18
CA HIS A 2 -33.86 -11.89 40.50
C HIS A 2 -32.83 -10.90 39.91
N HIS A 3 -31.63 -11.43 39.58
CA HIS A 3 -30.52 -10.61 39.09
C HIS A 3 -30.73 -10.20 37.63
N HIS A 4 -30.67 -8.89 37.40
CA HIS A 4 -30.73 -8.29 36.07
C HIS A 4 -29.59 -7.28 35.95
N HIS A 5 -29.06 -7.14 34.73
CA HIS A 5 -27.85 -6.35 34.45
C HIS A 5 -27.88 -5.87 33.00
N HIS A 6 -27.38 -4.65 32.76
CA HIS A 6 -27.18 -4.12 31.40
C HIS A 6 -25.77 -3.51 31.31
N SER A 7 -25.04 -3.88 30.25
CA SER A 7 -23.69 -3.38 29.99
C SER A 7 -23.75 -1.97 29.37
N HIS A 8 -22.69 -1.16 29.60
CA HIS A 8 -22.63 0.25 29.15
C HIS A 8 -21.20 0.59 28.70
N MET A 9 -20.96 0.49 27.38
CA MET A 9 -19.66 0.80 26.75
C MET A 9 -19.88 1.01 25.24
N GLY A 10 -19.36 2.13 24.70
CA GLY A 10 -19.56 2.48 23.29
C GLY A 10 -18.76 3.70 22.88
N LYS A 11 -17.42 3.54 22.77
CA LYS A 11 -16.49 4.59 22.32
C LYS A 11 -15.23 3.96 21.70
N GLN A 12 -14.55 4.72 20.83
CA GLN A 12 -13.30 4.29 20.17
C GLN A 12 -12.56 5.51 19.61
N ALA A 13 -11.22 5.46 19.65
CA ALA A 13 -10.36 6.53 19.11
C ALA A 13 -9.08 5.92 18.53
N SER A 14 -8.09 5.63 19.44
CA SER A 14 -6.73 5.14 19.06
C SER A 14 -5.95 6.19 18.22
N ALA A 15 -4.67 5.92 17.96
CA ALA A 15 -3.82 6.82 17.15
C ALA A 15 -3.02 6.01 16.10
N SER A 16 -1.90 5.39 16.52
CA SER A 16 -1.00 4.57 15.64
C SER A 16 -0.53 5.36 14.39
N TYR A 17 0.46 6.24 14.58
CA TYR A 17 0.96 7.15 13.53
C TYR A 17 2.49 7.11 13.45
N ASP A 18 3.04 7.37 12.24
CA ASP A 18 4.50 7.43 12.03
C ASP A 18 5.05 8.76 12.56
N SER A 19 5.66 8.68 13.76
CA SER A 19 6.32 9.82 14.42
C SER A 19 7.69 10.12 13.79
N GLU A 20 8.14 9.22 12.90
CA GLU A 20 9.45 9.32 12.21
C GLU A 20 9.23 9.87 10.79
N GLU A 21 9.84 11.02 10.49
CA GLU A 21 9.76 11.69 9.16
C GLU A 21 10.81 11.13 8.18
N GLU A 22 11.61 10.16 8.65
CA GLU A 22 12.60 9.43 7.84
C GLU A 22 12.25 7.95 7.91
N GLU A 23 12.44 7.24 6.80
CA GLU A 23 11.90 5.87 6.65
C GLU A 23 13.02 4.83 6.67
N GLU A 24 14.19 5.15 6.04
CA GLU A 24 15.41 4.28 5.98
C GLU A 24 15.16 2.97 5.19
N GLY A 25 13.92 2.77 4.73
CA GLY A 25 13.46 1.45 4.30
C GLY A 25 13.43 0.47 5.46
N LEU A 26 12.73 0.86 6.54
CA LEU A 26 12.51 -0.01 7.70
C LEU A 26 11.53 -1.15 7.28
N PRO A 27 11.98 -2.46 7.31
CA PRO A 27 11.10 -3.62 6.99
C PRO A 27 9.93 -3.73 7.98
N MET A 28 8.79 -3.13 7.59
CA MET A 28 7.57 -3.11 8.41
C MET A 28 6.94 -4.52 8.53
N SER A 29 6.12 -4.72 9.58
CA SER A 29 5.55 -6.05 9.91
C SER A 29 4.39 -6.43 8.96
N TYR A 30 3.80 -7.61 9.17
CA TYR A 30 2.75 -8.16 8.28
C TYR A 30 1.39 -7.44 8.49
N ASP A 31 1.22 -6.80 9.66
CA ASP A 31 -0.01 -6.08 10.05
C ASP A 31 -0.36 -4.98 9.02
N GLU A 32 0.63 -4.17 8.70
CA GLU A 32 0.48 -3.08 7.75
C GLU A 32 0.43 -3.64 6.32
N LYS A 33 1.13 -4.78 6.04
CA LYS A 33 1.15 -5.42 4.70
C LYS A 33 -0.26 -5.90 4.27
N ARG A 34 -0.98 -6.51 5.23
CA ARG A 34 -2.36 -6.97 5.00
C ARG A 34 -3.33 -5.77 4.98
N GLN A 35 -2.91 -4.66 5.63
CA GLN A 35 -3.63 -3.37 5.60
C GLN A 35 -3.41 -2.67 4.22
N LEU A 36 -2.21 -2.90 3.58
CA LEU A 36 -1.96 -2.47 2.18
C LEU A 36 -3.03 -3.07 1.28
N SER A 37 -3.09 -4.43 1.30
CA SER A 37 -4.02 -5.20 0.47
C SER A 37 -5.47 -4.77 0.71
N LEU A 38 -5.83 -4.65 2.00
CA LEU A 38 -7.18 -4.27 2.44
C LEU A 38 -7.61 -2.93 1.84
N ASP A 39 -6.67 -1.96 1.78
CA ASP A 39 -6.92 -0.63 1.19
C ASP A 39 -6.99 -0.70 -0.35
N ILE A 40 -6.13 -1.55 -0.96
CA ILE A 40 -6.13 -1.79 -2.42
C ILE A 40 -7.46 -2.45 -2.84
N ASN A 41 -8.07 -3.23 -1.91
CA ASN A 41 -9.36 -3.93 -2.13
C ASN A 41 -10.54 -2.92 -2.14
N ARG A 42 -10.24 -1.65 -1.79
CA ARG A 42 -11.23 -0.55 -1.72
C ARG A 42 -10.95 0.50 -2.83
N LEU A 43 -9.74 0.43 -3.40
CA LEU A 43 -9.27 1.39 -4.42
C LEU A 43 -9.83 1.08 -5.83
N PRO A 44 -9.86 2.12 -6.75
CA PRO A 44 -10.17 1.95 -8.20
C PRO A 44 -9.37 0.82 -8.88
N GLY A 45 -9.94 0.22 -9.95
CA GLY A 45 -9.23 -0.77 -10.76
C GLY A 45 -7.94 -0.23 -11.37
N GLU A 46 -7.94 1.09 -11.68
CA GLU A 46 -6.75 1.85 -12.08
C GLU A 46 -5.67 1.75 -10.99
N LYS A 47 -6.09 1.98 -9.74
CA LYS A 47 -5.20 1.97 -8.56
C LYS A 47 -4.61 0.57 -8.30
N LEU A 48 -5.37 -0.48 -8.62
CA LEU A 48 -4.87 -1.89 -8.61
C LEU A 48 -3.73 -2.08 -9.64
N GLY A 49 -3.80 -1.33 -10.75
CA GLY A 49 -2.73 -1.30 -11.75
C GLY A 49 -1.60 -0.34 -11.36
N ARG A 50 -1.93 0.69 -10.56
CA ARG A 50 -0.95 1.68 -10.08
C ARG A 50 0.03 1.05 -9.10
N VAL A 51 -0.49 0.25 -8.15
CA VAL A 51 0.33 -0.40 -7.12
C VAL A 51 1.40 -1.31 -7.78
N VAL A 52 1.02 -1.88 -8.93
CA VAL A 52 1.93 -2.61 -9.80
C VAL A 52 3.02 -1.65 -10.33
N HIS A 53 2.61 -0.53 -10.94
CA HIS A 53 3.57 0.43 -11.55
C HIS A 53 4.53 1.06 -10.52
N ILE A 54 4.12 1.14 -9.25
CA ILE A 54 4.97 1.72 -8.19
C ILE A 54 6.10 0.73 -7.79
N ILE A 55 5.74 -0.56 -7.66
CA ILE A 55 6.74 -1.63 -7.41
C ILE A 55 7.59 -1.88 -8.69
N GLN A 56 7.02 -1.55 -9.87
CA GLN A 56 7.72 -1.62 -11.17
C GLN A 56 8.76 -0.51 -11.30
N SER A 57 8.43 0.68 -10.75
CA SER A 57 9.34 1.85 -10.69
C SER A 57 10.61 1.51 -9.89
N ARG A 58 10.42 0.63 -8.89
CA ARG A 58 11.48 0.18 -8.01
C ARG A 58 12.26 -0.99 -8.64
N GLU A 59 11.51 -1.97 -9.15
CA GLU A 59 12.03 -3.30 -9.54
C GLU A 59 11.72 -3.60 -11.03
N PRO A 60 12.78 -3.57 -11.93
CA PRO A 60 12.63 -3.97 -13.37
C PRO A 60 12.19 -5.44 -13.56
N SER A 61 12.40 -6.28 -12.52
CA SER A 61 11.90 -7.67 -12.49
C SER A 61 10.39 -7.72 -12.65
N LEU A 62 9.69 -6.83 -11.95
CA LEU A 62 8.24 -6.74 -12.00
C LEU A 62 7.74 -5.74 -13.03
N ARG A 63 8.66 -4.99 -13.64
CA ARG A 63 8.29 -3.96 -14.62
C ARG A 63 7.78 -4.60 -15.90
N ASP A 64 8.49 -5.65 -16.33
CA ASP A 64 8.13 -6.40 -17.54
C ASP A 64 6.87 -7.26 -17.30
N SER A 65 6.58 -7.56 -16.00
CA SER A 65 5.42 -8.35 -15.58
C SER A 65 4.09 -7.60 -15.83
N ASN A 66 3.15 -8.28 -16.49
CA ASN A 66 1.77 -7.79 -16.77
C ASN A 66 0.97 -7.70 -15.45
N PRO A 67 0.35 -6.50 -15.11
CA PRO A 67 -0.44 -6.29 -13.85
C PRO A 67 -1.62 -7.27 -13.69
N ASP A 68 -2.11 -7.80 -14.82
CA ASP A 68 -3.22 -8.78 -14.85
C ASP A 68 -2.70 -10.21 -14.56
N GLU A 69 -1.48 -10.49 -15.04
CA GLU A 69 -0.85 -11.82 -14.92
C GLU A 69 -0.26 -12.03 -13.50
N ILE A 70 0.27 -10.96 -12.90
CA ILE A 70 0.92 -11.00 -11.57
C ILE A 70 0.07 -10.26 -10.52
N GLU A 71 0.26 -10.63 -9.25
CA GLU A 71 -0.32 -9.93 -8.09
C GLU A 71 0.81 -9.40 -7.20
N ILE A 72 0.60 -8.26 -6.53
CA ILE A 72 1.65 -7.57 -5.77
C ILE A 72 1.76 -8.12 -4.35
N ASP A 73 2.92 -8.69 -4.03
CA ASP A 73 3.21 -9.30 -2.73
C ASP A 73 4.01 -8.30 -1.86
N PHE A 74 3.47 -8.03 -0.68
CA PHE A 74 3.84 -6.88 0.17
C PHE A 74 5.09 -7.13 1.05
N GLU A 75 5.60 -8.36 1.07
CA GLU A 75 6.83 -8.72 1.84
C GLU A 75 8.05 -8.96 0.93
N THR A 76 7.84 -9.54 -0.27
CA THR A 76 8.95 -9.96 -1.18
C THR A 76 9.59 -8.75 -1.90
N LEU A 77 8.86 -7.63 -1.93
CA LEU A 77 9.33 -6.35 -2.49
C LEU A 77 10.41 -5.71 -1.59
N LYS A 78 11.05 -4.64 -2.10
CA LYS A 78 12.10 -3.91 -1.38
C LYS A 78 11.55 -3.25 -0.08
N PRO A 79 12.41 -3.06 0.98
CA PRO A 79 11.98 -2.47 2.27
C PRO A 79 11.50 -1.00 2.18
N THR A 80 11.76 -0.33 1.04
CA THR A 80 11.18 1.01 0.76
C THR A 80 9.83 0.89 0.05
N THR A 81 9.64 -0.20 -0.71
CA THR A 81 8.45 -0.40 -1.55
C THR A 81 7.18 -0.64 -0.70
N LEU A 82 7.33 -1.44 0.39
CA LEU A 82 6.22 -1.70 1.36
C LEU A 82 5.72 -0.39 1.98
N ARG A 83 6.65 0.55 2.19
CA ARG A 83 6.38 1.87 2.74
C ARG A 83 5.62 2.72 1.73
N GLU A 84 6.19 2.86 0.52
CA GLU A 84 5.67 3.72 -0.55
C GLU A 84 4.25 3.32 -0.98
N LEU A 85 4.02 2.00 -1.13
CA LEU A 85 2.69 1.45 -1.45
C LEU A 85 1.69 1.69 -0.31
N GLU A 86 2.19 1.55 0.92
CA GLU A 86 1.39 1.79 2.12
C GLU A 86 0.91 3.25 2.17
N ARG A 87 1.81 4.15 1.76
CA ARG A 87 1.57 5.59 1.79
C ARG A 87 0.67 6.00 0.62
N TYR A 88 0.79 5.26 -0.52
CA TYR A 88 0.00 5.55 -1.73
C TYR A 88 -1.49 5.31 -1.48
N VAL A 89 -1.81 4.11 -0.99
CA VAL A 89 -3.21 3.69 -0.70
C VAL A 89 -3.88 4.62 0.30
N LYS A 90 -3.14 4.96 1.35
CA LYS A 90 -3.61 5.83 2.40
C LYS A 90 -3.61 7.29 1.95
N SER A 91 -2.88 7.60 0.88
CA SER A 91 -2.94 8.92 0.22
C SER A 91 -4.10 8.96 -0.77
N CYS A 92 -4.49 7.80 -1.31
CA CYS A 92 -5.45 7.73 -2.41
C CYS A 92 -6.90 7.73 -1.88
N LEU A 93 -7.20 6.83 -0.93
CA LEU A 93 -8.56 6.73 -0.35
C LEU A 93 -8.77 7.62 0.90
N GLN A 94 -7.72 7.87 1.71
CA GLN A 94 -7.85 8.76 2.89
C GLN A 94 -7.58 10.22 2.46
N LYS A 95 -6.29 10.56 2.39
CA LYS A 95 -5.78 11.93 2.19
C LYS A 95 -4.28 11.87 1.94
N LYS A 96 -3.72 12.80 1.16
CA LYS A 96 -2.27 12.84 0.90
C LYS A 96 -1.50 13.27 2.19
N HIS A 1 -35.83 -22.08 40.59
CA HIS A 1 -35.46 -20.77 40.01
C HIS A 1 -34.45 -20.95 38.87
N HIS A 2 -34.38 -19.95 37.98
CA HIS A 2 -33.39 -19.86 36.91
C HIS A 2 -32.83 -18.43 36.85
N HIS A 3 -31.53 -18.34 36.55
CA HIS A 3 -30.81 -17.06 36.45
C HIS A 3 -29.69 -17.23 35.41
N HIS A 4 -29.83 -16.52 34.28
CA HIS A 4 -28.90 -16.62 33.14
C HIS A 4 -28.69 -15.24 32.52
N HIS A 5 -27.42 -14.88 32.31
CA HIS A 5 -27.03 -13.64 31.63
C HIS A 5 -25.80 -13.89 30.77
N HIS A 6 -25.76 -13.26 29.59
CA HIS A 6 -24.60 -13.28 28.69
C HIS A 6 -24.25 -11.82 28.36
N SER A 7 -23.27 -11.28 29.09
CA SER A 7 -22.85 -9.88 29.00
C SER A 7 -21.38 -9.83 28.54
N HIS A 8 -21.15 -9.30 27.33
CA HIS A 8 -19.82 -9.23 26.69
C HIS A 8 -19.88 -8.24 25.50
N MET A 9 -18.71 -7.94 24.90
CA MET A 9 -18.53 -7.07 23.71
C MET A 9 -18.75 -5.57 24.06
N GLY A 10 -17.80 -4.73 23.64
CA GLY A 10 -17.88 -3.29 23.86
C GLY A 10 -16.51 -2.64 23.88
N LYS A 11 -15.87 -2.62 22.71
CA LYS A 11 -14.52 -2.05 22.52
C LYS A 11 -14.26 -1.79 21.03
N GLN A 12 -13.61 -0.65 20.72
CA GLN A 12 -13.15 -0.32 19.36
C GLN A 12 -12.18 0.89 19.44
N ALA A 13 -10.87 0.62 19.29
CA ALA A 13 -9.80 1.64 19.29
C ALA A 13 -8.47 0.99 18.84
N SER A 14 -8.19 1.03 17.52
CA SER A 14 -6.94 0.50 16.94
C SER A 14 -6.72 1.17 15.56
N ALA A 15 -6.15 2.40 15.56
CA ALA A 15 -5.82 3.16 14.34
C ALA A 15 -4.77 4.24 14.63
N SER A 16 -3.58 4.11 13.98
CA SER A 16 -2.45 5.08 14.07
C SER A 16 -1.43 4.81 12.94
N TYR A 17 -0.38 5.66 12.81
CA TYR A 17 0.70 5.50 11.80
C TYR A 17 2.08 5.47 12.51
N ASP A 18 3.02 4.66 11.99
CA ASP A 18 4.42 4.63 12.47
C ASP A 18 5.29 5.50 11.54
N SER A 19 5.42 6.80 11.88
CA SER A 19 6.17 7.81 11.08
C SER A 19 5.58 7.92 9.65
N GLU A 20 6.34 8.46 8.67
CA GLU A 20 5.88 8.55 7.26
C GLU A 20 6.87 7.85 6.31
N GLU A 21 7.59 8.62 5.46
CA GLU A 21 8.35 8.10 4.33
C GLU A 21 9.76 7.70 4.77
N GLU A 22 9.81 6.53 5.42
CA GLU A 22 11.05 5.91 5.88
C GLU A 22 11.90 5.43 4.69
N GLU A 23 13.16 5.89 4.72
CA GLU A 23 14.12 5.74 3.62
C GLU A 23 14.91 4.43 3.79
N GLU A 24 15.18 4.07 5.07
CA GLU A 24 15.66 2.73 5.43
C GLU A 24 14.64 1.67 4.99
N GLY A 25 13.35 2.08 4.96
CA GLY A 25 12.26 1.19 4.59
C GLY A 25 12.02 0.13 5.65
N LEU A 26 11.61 0.60 6.84
CA LEU A 26 11.51 -0.24 8.05
C LEU A 26 10.59 -1.47 7.82
N PRO A 27 11.04 -2.70 8.26
CA PRO A 27 10.19 -3.92 8.22
C PRO A 27 8.92 -3.71 9.06
N MET A 28 7.81 -3.41 8.37
CA MET A 28 6.53 -3.07 9.02
C MET A 28 5.92 -4.32 9.69
N SER A 29 4.98 -4.06 10.60
CA SER A 29 4.16 -5.10 11.22
C SER A 29 3.27 -5.77 10.17
N TYR A 30 2.98 -7.08 10.38
CA TYR A 30 2.08 -7.87 9.51
C TYR A 30 0.71 -7.18 9.37
N ASP A 31 0.26 -6.54 10.47
CA ASP A 31 -0.97 -5.71 10.50
C ASP A 31 -1.01 -4.69 9.35
N GLU A 32 0.09 -3.93 9.18
CA GLU A 32 0.19 -2.89 8.14
C GLU A 32 0.19 -3.49 6.73
N LYS A 33 0.85 -4.65 6.55
CA LYS A 33 0.98 -5.33 5.23
C LYS A 33 -0.38 -5.84 4.71
N ARG A 34 -1.13 -6.53 5.59
CA ARG A 34 -2.47 -7.01 5.28
C ARG A 34 -3.47 -5.84 5.18
N GLN A 35 -3.10 -4.70 5.80
CA GLN A 35 -3.85 -3.43 5.72
C GLN A 35 -3.58 -2.74 4.36
N LEU A 36 -2.40 -3.01 3.73
CA LEU A 36 -2.19 -2.65 2.29
C LEU A 36 -3.23 -3.40 1.45
N SER A 37 -3.26 -4.74 1.60
CA SER A 37 -4.21 -5.63 0.89
C SER A 37 -5.68 -5.15 1.08
N LEU A 38 -5.95 -4.68 2.30
CA LEU A 38 -7.28 -4.23 2.74
C LEU A 38 -7.64 -2.82 2.21
N ASP A 39 -6.63 -1.93 2.06
CA ASP A 39 -6.85 -0.53 1.57
C ASP A 39 -6.92 -0.47 0.04
N ILE A 40 -6.05 -1.27 -0.61
CA ILE A 40 -6.08 -1.47 -2.07
C ILE A 40 -7.40 -2.16 -2.47
N ASN A 41 -7.96 -2.98 -1.55
CA ASN A 41 -9.25 -3.68 -1.74
C ASN A 41 -10.42 -2.66 -1.84
N ARG A 42 -10.20 -1.47 -1.26
CA ARG A 42 -11.17 -0.34 -1.28
C ARG A 42 -10.96 0.53 -2.53
N LEU A 43 -9.69 0.62 -2.97
CA LEU A 43 -9.24 1.54 -4.05
C LEU A 43 -9.81 1.15 -5.44
N PRO A 44 -9.80 2.12 -6.42
CA PRO A 44 -10.06 1.83 -7.86
C PRO A 44 -9.20 0.68 -8.44
N GLY A 45 -9.70 0.03 -9.51
CA GLY A 45 -8.90 -0.93 -10.29
C GLY A 45 -7.73 -0.24 -10.99
N GLU A 46 -7.91 1.07 -11.27
CA GLU A 46 -6.85 1.99 -11.73
C GLU A 46 -5.69 2.03 -10.71
N LYS A 47 -6.07 2.17 -9.43
CA LYS A 47 -5.13 2.22 -8.30
C LYS A 47 -4.52 0.84 -8.02
N LEU A 48 -5.26 -0.23 -8.34
CA LEU A 48 -4.77 -1.62 -8.28
C LEU A 48 -3.72 -1.84 -9.38
N GLY A 49 -3.87 -1.13 -10.50
CA GLY A 49 -2.87 -1.14 -11.58
C GLY A 49 -1.68 -0.25 -11.26
N ARG A 50 -1.92 0.81 -10.46
CA ARG A 50 -0.88 1.76 -10.05
C ARG A 50 0.11 1.11 -9.10
N VAL A 51 -0.39 0.33 -8.10
CA VAL A 51 0.48 -0.39 -7.15
C VAL A 51 1.44 -1.35 -7.90
N VAL A 52 0.96 -1.87 -9.06
CA VAL A 52 1.77 -2.69 -9.98
C VAL A 52 2.80 -1.81 -10.71
N HIS A 53 2.39 -0.59 -11.13
CA HIS A 53 3.28 0.35 -11.84
C HIS A 53 4.43 0.83 -10.93
N ILE A 54 4.14 0.91 -9.62
CA ILE A 54 5.09 1.40 -8.60
C ILE A 54 6.18 0.33 -8.33
N ILE A 55 5.78 -0.95 -8.15
CA ILE A 55 6.76 -2.07 -7.93
C ILE A 55 7.63 -2.29 -9.20
N GLN A 56 7.04 -2.05 -10.40
CA GLN A 56 7.75 -2.24 -11.68
C GLN A 56 8.57 -0.99 -12.07
N SER A 57 8.29 0.15 -11.41
CA SER A 57 9.16 1.35 -11.48
C SER A 57 10.39 1.11 -10.60
N ARG A 58 10.15 0.45 -9.45
CA ARG A 58 11.19 -0.01 -8.52
C ARG A 58 12.06 -1.10 -9.18
N GLU A 59 11.43 -1.95 -10.00
CA GLU A 59 12.10 -3.07 -10.68
C GLU A 59 11.74 -3.08 -12.20
N PRO A 60 12.46 -2.24 -13.04
CA PRO A 60 12.39 -2.31 -14.53
C PRO A 60 12.72 -3.71 -15.09
N SER A 61 13.55 -4.47 -14.34
CA SER A 61 13.93 -5.86 -14.68
C SER A 61 12.76 -6.85 -14.43
N LEU A 62 11.66 -6.36 -13.82
CA LEU A 62 10.42 -7.14 -13.71
C LEU A 62 9.21 -6.29 -14.14
N ARG A 63 9.47 -5.29 -15.00
CA ARG A 63 8.42 -4.43 -15.57
C ARG A 63 7.76 -5.11 -16.78
N ASP A 64 8.49 -6.07 -17.38
CA ASP A 64 8.02 -6.86 -18.52
C ASP A 64 6.88 -7.83 -18.12
N SER A 65 6.77 -8.14 -16.81
CA SER A 65 5.69 -8.96 -16.26
C SER A 65 4.31 -8.32 -16.49
N ASN A 66 3.36 -9.12 -17.01
CA ASN A 66 1.96 -8.71 -17.22
C ASN A 66 1.28 -8.43 -15.85
N PRO A 67 0.70 -7.20 -15.61
CA PRO A 67 0.02 -6.85 -14.32
C PRO A 67 -1.10 -7.81 -13.93
N ASP A 68 -1.76 -8.39 -14.95
CA ASP A 68 -2.82 -9.40 -14.76
C ASP A 68 -2.22 -10.73 -14.28
N GLU A 69 -1.08 -11.14 -14.89
CA GLU A 69 -0.46 -12.45 -14.63
C GLU A 69 0.25 -12.48 -13.25
N ILE A 70 0.88 -11.37 -12.87
CA ILE A 70 1.56 -11.24 -11.56
C ILE A 70 0.66 -10.49 -10.56
N GLU A 71 0.89 -10.73 -9.26
CA GLU A 71 0.16 -10.04 -8.16
C GLU A 71 1.15 -9.34 -7.23
N ILE A 72 0.64 -8.38 -6.44
CA ILE A 72 1.47 -7.52 -5.58
C ILE A 72 1.52 -8.09 -4.16
N ASP A 73 2.58 -8.87 -3.88
CA ASP A 73 2.91 -9.33 -2.53
C ASP A 73 3.79 -8.27 -1.87
N PHE A 74 3.36 -7.83 -0.70
CA PHE A 74 3.91 -6.65 0.01
C PHE A 74 5.21 -6.97 0.77
N GLU A 75 5.60 -8.26 0.78
CA GLU A 75 6.79 -8.74 1.51
C GLU A 75 7.97 -9.03 0.55
N THR A 76 7.65 -9.48 -0.70
CA THR A 76 8.68 -9.88 -1.68
C THR A 76 9.32 -8.66 -2.39
N LEU A 77 8.56 -7.55 -2.49
CA LEU A 77 9.07 -6.28 -3.05
C LEU A 77 10.01 -5.59 -2.03
N LYS A 78 10.74 -4.57 -2.51
CA LYS A 78 11.81 -3.88 -1.75
C LYS A 78 11.28 -3.26 -0.43
N PRO A 79 12.16 -3.10 0.62
CA PRO A 79 11.72 -2.64 1.97
C PRO A 79 11.16 -1.20 1.97
N THR A 80 11.56 -0.41 0.97
CA THR A 80 11.04 0.96 0.79
C THR A 80 9.74 0.96 -0.04
N THR A 81 9.57 -0.08 -0.89
CA THR A 81 8.41 -0.20 -1.78
C THR A 81 7.14 -0.51 -0.99
N LEU A 82 7.22 -1.44 0.00
CA LEU A 82 6.09 -1.75 0.90
C LEU A 82 5.68 -0.53 1.72
N ARG A 83 6.70 0.28 2.10
CA ARG A 83 6.54 1.48 2.90
C ARG A 83 5.86 2.59 2.07
N GLU A 84 6.28 2.70 0.80
CA GLU A 84 5.78 3.71 -0.15
C GLU A 84 4.33 3.39 -0.58
N LEU A 85 4.05 2.09 -0.82
CA LEU A 85 2.70 1.62 -1.17
C LEU A 85 1.74 1.81 0.02
N GLU A 86 2.26 1.58 1.23
CA GLU A 86 1.52 1.74 2.48
C GLU A 86 1.09 3.21 2.65
N ARG A 87 1.99 4.13 2.27
CA ARG A 87 1.71 5.58 2.32
C ARG A 87 0.82 5.99 1.15
N TYR A 88 1.01 5.32 -0.01
CA TYR A 88 0.30 5.65 -1.25
C TYR A 88 -1.22 5.45 -1.09
N VAL A 89 -1.59 4.26 -0.60
CA VAL A 89 -3.00 3.87 -0.41
C VAL A 89 -3.71 4.75 0.59
N LYS A 90 -3.01 5.02 1.71
CA LYS A 90 -3.53 5.85 2.78
C LYS A 90 -3.48 7.34 2.41
N SER A 91 -2.69 7.68 1.41
CA SER A 91 -2.70 9.01 0.80
C SER A 91 -3.83 9.09 -0.25
N CYS A 92 -4.09 7.97 -0.93
CA CYS A 92 -5.00 7.90 -2.08
C CYS A 92 -6.45 8.04 -1.60
N LEU A 93 -6.86 7.19 -0.66
CA LEU A 93 -8.26 7.17 -0.17
C LEU A 93 -8.54 8.21 0.96
N GLN A 94 -7.50 8.64 1.72
CA GLN A 94 -7.66 9.70 2.75
C GLN A 94 -7.38 11.11 2.15
N LYS A 95 -6.09 11.47 2.07
CA LYS A 95 -5.65 12.85 1.68
C LYS A 95 -4.20 12.79 1.17
N LYS A 96 -3.77 13.80 0.40
CA LYS A 96 -2.37 13.89 -0.09
C LYS A 96 -1.39 14.03 1.11
N HIS A 1 -8.95 -21.24 53.89
CA HIS A 1 -9.60 -20.48 52.80
C HIS A 1 -9.35 -18.97 53.02
N HIS A 2 -8.32 -18.44 52.33
CA HIS A 2 -7.97 -17.01 52.37
C HIS A 2 -7.26 -16.62 51.07
N HIS A 3 -7.80 -15.59 50.39
CA HIS A 3 -7.21 -15.02 49.15
C HIS A 3 -6.40 -13.75 49.46
N HIS A 4 -5.84 -13.10 48.42
CA HIS A 4 -5.12 -11.81 48.56
C HIS A 4 -5.73 -10.76 47.62
N HIS A 5 -5.63 -11.01 46.29
CA HIS A 5 -6.16 -10.14 45.20
C HIS A 5 -5.37 -8.81 45.10
N HIS A 6 -5.05 -8.38 43.85
CA HIS A 6 -4.37 -7.09 43.59
C HIS A 6 -5.13 -6.29 42.52
N SER A 7 -5.02 -6.74 41.24
CA SER A 7 -5.64 -6.10 40.04
C SER A 7 -5.13 -4.66 39.80
N HIS A 8 -4.30 -4.47 38.75
CA HIS A 8 -3.79 -3.14 38.35
C HIS A 8 -4.21 -2.82 36.90
N MET A 9 -3.49 -3.44 35.92
CA MET A 9 -3.67 -3.20 34.47
C MET A 9 -3.40 -1.73 34.06
N GLY A 10 -3.45 -1.49 32.76
CA GLY A 10 -3.23 -0.16 32.17
C GLY A 10 -2.83 -0.29 30.72
N LYS A 11 -1.50 -0.31 30.46
CA LYS A 11 -0.89 -0.57 29.13
C LYS A 11 -1.35 0.48 28.07
N GLN A 12 -1.65 1.70 28.56
CA GLN A 12 -2.06 2.85 27.72
C GLN A 12 -0.83 3.60 27.19
N ALA A 13 -0.03 2.89 26.37
CA ALA A 13 1.25 3.39 25.82
C ALA A 13 1.03 3.90 24.38
N SER A 14 0.54 5.15 24.28
CA SER A 14 0.29 5.83 23.01
C SER A 14 1.46 6.78 22.67
N ALA A 15 2.37 6.33 21.79
CA ALA A 15 3.57 7.10 21.41
C ALA A 15 4.14 6.55 20.09
N SER A 16 3.88 7.26 18.97
CA SER A 16 4.28 6.82 17.63
C SER A 16 4.58 8.05 16.75
N TYR A 17 5.61 7.93 15.88
CA TYR A 17 6.01 8.98 14.92
C TYR A 17 6.30 8.39 13.54
N ASP A 18 6.43 9.30 12.56
CA ASP A 18 6.76 8.98 11.16
C ASP A 18 7.19 10.27 10.42
N SER A 19 7.78 11.21 11.18
CA SER A 19 8.28 12.50 10.67
C SER A 19 9.63 12.32 9.94
N GLU A 20 9.79 13.04 8.80
CA GLU A 20 10.94 12.94 7.87
C GLU A 20 11.06 11.51 7.29
N GLU A 21 10.48 11.30 6.09
CA GLU A 21 10.36 9.98 5.48
C GLU A 21 10.89 10.04 4.04
N GLU A 22 12.21 9.88 3.94
CA GLU A 22 12.95 9.85 2.68
C GLU A 22 12.66 8.51 1.99
N GLU A 23 12.91 7.45 2.75
CA GLU A 23 12.60 6.07 2.34
C GLU A 23 11.88 5.37 3.50
N GLU A 24 12.58 5.32 4.66
CA GLU A 24 12.19 4.61 5.87
C GLU A 24 11.85 3.17 5.52
N GLY A 25 12.85 2.53 4.90
CA GLY A 25 12.75 1.19 4.38
C GLY A 25 12.97 0.13 5.42
N LEU A 26 12.19 0.21 6.48
CA LEU A 26 12.15 -0.83 7.52
C LEU A 26 10.97 -1.76 7.17
N PRO A 27 11.19 -3.11 7.13
CA PRO A 27 10.11 -4.08 6.93
C PRO A 27 9.04 -3.93 8.04
N MET A 28 7.91 -3.28 7.67
CA MET A 28 6.78 -3.06 8.58
C MET A 28 6.20 -4.40 9.06
N SER A 29 5.44 -4.34 10.16
CA SER A 29 4.75 -5.50 10.72
C SER A 29 3.69 -6.02 9.73
N TYR A 30 3.39 -7.33 9.77
CA TYR A 30 2.43 -7.96 8.85
C TYR A 30 1.02 -7.36 8.98
N ASP A 31 0.74 -6.78 10.18
CA ASP A 31 -0.51 -6.05 10.46
C ASP A 31 -0.71 -4.90 9.46
N GLU A 32 0.38 -4.18 9.18
CA GLU A 32 0.40 -3.08 8.20
C GLU A 32 0.22 -3.61 6.78
N LYS A 33 0.89 -4.73 6.46
CA LYS A 33 0.87 -5.36 5.11
C LYS A 33 -0.53 -5.88 4.72
N ARG A 34 -1.23 -6.53 5.68
CA ARG A 34 -2.59 -7.10 5.44
C ARG A 34 -3.64 -5.96 5.33
N GLN A 35 -3.41 -4.87 6.09
CA GLN A 35 -4.28 -3.68 6.12
C GLN A 35 -4.05 -2.84 4.83
N LEU A 36 -2.78 -2.82 4.39
CA LEU A 36 -2.31 -2.13 3.17
C LEU A 36 -2.97 -2.76 1.93
N SER A 37 -2.80 -4.10 1.82
CA SER A 37 -3.40 -4.90 0.73
C SER A 37 -4.92 -4.74 0.70
N LEU A 38 -5.51 -4.71 1.90
CA LEU A 38 -6.95 -4.49 2.10
C LEU A 38 -7.39 -3.12 1.54
N ASP A 39 -6.58 -2.06 1.80
CA ASP A 39 -6.86 -0.70 1.30
C ASP A 39 -6.78 -0.65 -0.23
N ILE A 40 -5.83 -1.41 -0.80
CA ILE A 40 -5.68 -1.57 -2.25
C ILE A 40 -6.93 -2.26 -2.85
N ASN A 41 -7.43 -3.28 -2.12
CA ASN A 41 -8.63 -4.05 -2.53
C ASN A 41 -9.90 -3.18 -2.48
N ARG A 42 -9.83 -2.09 -1.68
CA ARG A 42 -10.88 -1.05 -1.61
C ARG A 42 -10.77 -0.05 -2.78
N LEU A 43 -9.53 0.19 -3.24
CA LEU A 43 -9.21 1.19 -4.28
C LEU A 43 -9.79 0.81 -5.67
N PRO A 44 -9.96 1.82 -6.61
CA PRO A 44 -10.28 1.57 -8.04
C PRO A 44 -9.36 0.52 -8.71
N GLY A 45 -9.89 -0.25 -9.69
CA GLY A 45 -9.06 -1.17 -10.50
C GLY A 45 -7.88 -0.48 -11.20
N GLU A 46 -8.06 0.83 -11.48
CA GLU A 46 -6.99 1.74 -11.94
C GLU A 46 -5.88 1.86 -10.86
N LYS A 47 -6.31 2.12 -9.62
CA LYS A 47 -5.41 2.26 -8.47
C LYS A 47 -4.80 0.89 -8.01
N LEU A 48 -5.44 -0.24 -8.39
CA LEU A 48 -4.85 -1.61 -8.26
C LEU A 48 -3.68 -1.71 -9.26
N GLY A 49 -3.93 -1.23 -10.49
CA GLY A 49 -2.90 -1.18 -11.52
C GLY A 49 -1.73 -0.28 -11.13
N ARG A 50 -2.02 0.75 -10.30
CA ARG A 50 -1.02 1.74 -9.89
C ARG A 50 0.00 1.13 -8.91
N VAL A 51 -0.49 0.37 -7.89
CA VAL A 51 0.40 -0.35 -6.93
C VAL A 51 1.40 -1.26 -7.68
N VAL A 52 0.91 -1.84 -8.80
CA VAL A 52 1.70 -2.63 -9.72
C VAL A 52 2.78 -1.74 -10.37
N HIS A 53 2.39 -0.60 -10.93
CA HIS A 53 3.33 0.29 -11.66
C HIS A 53 4.42 0.90 -10.74
N ILE A 54 4.11 0.98 -9.44
CA ILE A 54 5.05 1.48 -8.42
C ILE A 54 6.18 0.44 -8.17
N ILE A 55 5.79 -0.83 -7.91
CA ILE A 55 6.77 -1.92 -7.67
C ILE A 55 7.56 -2.23 -8.97
N GLN A 56 6.92 -2.06 -10.15
CA GLN A 56 7.57 -2.31 -11.45
C GLN A 56 8.70 -1.28 -11.72
N SER A 57 8.44 0.00 -11.34
CA SER A 57 9.44 1.09 -11.45
C SER A 57 10.63 0.85 -10.51
N ARG A 58 10.33 0.21 -9.37
CA ARG A 58 11.33 -0.11 -8.32
C ARG A 58 12.30 -1.19 -8.82
N GLU A 59 11.70 -2.32 -9.24
CA GLU A 59 12.42 -3.52 -9.68
C GLU A 59 11.96 -3.88 -11.11
N PRO A 60 12.74 -3.48 -12.17
CA PRO A 60 12.39 -3.70 -13.59
C PRO A 60 12.36 -5.18 -14.03
N SER A 61 12.81 -6.09 -13.14
CA SER A 61 12.75 -7.55 -13.36
C SER A 61 11.30 -8.03 -13.66
N LEU A 62 10.31 -7.36 -13.02
CA LEU A 62 8.87 -7.65 -13.21
C LEU A 62 8.13 -6.44 -13.80
N ARG A 63 8.88 -5.49 -14.39
CA ARG A 63 8.29 -4.31 -15.05
C ARG A 63 7.72 -4.71 -16.42
N ASP A 64 8.50 -5.52 -17.15
CA ASP A 64 8.09 -6.03 -18.48
C ASP A 64 6.96 -7.08 -18.32
N SER A 65 6.77 -7.60 -17.07
CA SER A 65 5.70 -8.55 -16.73
C SER A 65 4.32 -7.89 -16.84
N ASN A 66 3.33 -8.71 -17.24
CA ASN A 66 1.93 -8.28 -17.39
C ASN A 66 1.32 -8.00 -16.00
N PRO A 67 0.76 -6.75 -15.76
CA PRO A 67 0.09 -6.39 -14.47
C PRO A 67 -1.11 -7.31 -14.15
N ASP A 68 -1.78 -7.78 -15.20
CA ASP A 68 -2.91 -8.72 -15.11
C ASP A 68 -2.45 -10.12 -14.67
N GLU A 69 -1.19 -10.48 -15.02
CA GLU A 69 -0.61 -11.81 -14.78
C GLU A 69 -0.01 -11.91 -13.36
N ILE A 70 0.66 -10.83 -12.91
CA ILE A 70 1.37 -10.82 -11.61
C ILE A 70 0.55 -10.05 -10.55
N GLU A 71 0.79 -10.37 -9.27
CA GLU A 71 0.16 -9.69 -8.13
C GLU A 71 1.23 -9.20 -7.17
N ILE A 72 0.84 -8.29 -6.26
CA ILE A 72 1.78 -7.53 -5.41
C ILE A 72 1.89 -8.16 -4.03
N ASP A 73 2.97 -8.91 -3.81
CA ASP A 73 3.29 -9.50 -2.51
C ASP A 73 4.22 -8.54 -1.74
N PHE A 74 3.86 -8.30 -0.49
CA PHE A 74 4.48 -7.26 0.38
C PHE A 74 5.79 -7.72 1.04
N GLU A 75 6.14 -9.00 0.80
CA GLU A 75 7.38 -9.60 1.32
C GLU A 75 8.49 -9.59 0.24
N THR A 76 8.07 -9.67 -1.06
CA THR A 76 8.99 -9.78 -2.22
C THR A 76 9.48 -8.40 -2.71
N LEU A 77 8.63 -7.36 -2.55
CA LEU A 77 9.00 -5.97 -2.92
C LEU A 77 10.08 -5.48 -1.94
N LYS A 78 10.78 -4.41 -2.31
CA LYS A 78 11.85 -3.86 -1.47
C LYS A 78 11.26 -3.20 -0.20
N PRO A 79 11.99 -3.20 0.95
CA PRO A 79 11.46 -2.69 2.25
C PRO A 79 11.11 -1.18 2.23
N THR A 80 11.61 -0.47 1.21
CA THR A 80 11.29 0.95 0.99
C THR A 80 9.96 1.10 0.22
N THR A 81 9.67 0.11 -0.62
CA THR A 81 8.53 0.09 -1.53
C THR A 81 7.21 -0.10 -0.74
N LEU A 82 7.21 -1.00 0.27
CA LEU A 82 6.03 -1.23 1.16
C LEU A 82 5.65 0.06 1.92
N ARG A 83 6.68 0.87 2.25
CA ARG A 83 6.49 2.13 2.98
C ARG A 83 5.74 3.14 2.10
N GLU A 84 6.21 3.22 0.83
CA GLU A 84 5.61 4.09 -0.19
C GLU A 84 4.18 3.64 -0.53
N LEU A 85 3.98 2.30 -0.65
CA LEU A 85 2.66 1.72 -0.94
C LEU A 85 1.64 2.05 0.15
N GLU A 86 2.10 2.06 1.42
CA GLU A 86 1.24 2.43 2.55
C GLU A 86 0.77 3.87 2.39
N ARG A 87 1.71 4.76 2.11
CA ARG A 87 1.45 6.22 2.03
C ARG A 87 0.58 6.57 0.81
N TYR A 88 0.75 5.76 -0.23
CA TYR A 88 -0.01 5.87 -1.48
C TYR A 88 -1.50 5.58 -1.24
N VAL A 89 -1.81 4.48 -0.53
CA VAL A 89 -3.22 4.08 -0.26
C VAL A 89 -3.83 5.05 0.71
N LYS A 90 -3.02 5.51 1.65
CA LYS A 90 -3.44 6.52 2.60
C LYS A 90 -3.61 7.89 1.91
N SER A 91 -3.03 8.05 0.73
CA SER A 91 -3.19 9.26 -0.09
C SER A 91 -4.49 9.19 -0.88
N CYS A 92 -4.75 8.01 -1.47
CA CYS A 92 -5.89 7.79 -2.35
C CYS A 92 -7.20 7.72 -1.54
N LEU A 93 -7.09 7.24 -0.28
CA LEU A 93 -8.21 7.31 0.68
C LEU A 93 -8.27 8.70 1.36
N GLN A 94 -7.15 9.10 2.00
CA GLN A 94 -7.14 10.22 2.96
C GLN A 94 -6.54 11.50 2.34
N LYS A 95 -5.20 11.59 2.29
CA LYS A 95 -4.48 12.83 1.91
C LYS A 95 -3.03 12.55 1.47
N LYS A 96 -2.45 13.48 0.69
CA LYS A 96 -1.03 13.46 0.32
C LYS A 96 -0.14 13.78 1.57
N HIS A 1 -17.38 9.31 -15.38
CA HIS A 1 -18.83 9.31 -15.74
C HIS A 1 -19.39 7.87 -15.81
N HIS A 2 -18.54 6.85 -15.68
CA HIS A 2 -18.95 5.43 -15.73
C HIS A 2 -18.08 4.57 -14.79
N HIS A 3 -18.73 3.60 -14.11
CA HIS A 3 -18.07 2.65 -13.20
C HIS A 3 -18.60 1.23 -13.53
N HIS A 4 -17.68 0.25 -13.63
CA HIS A 4 -18.00 -1.12 -14.07
C HIS A 4 -16.94 -2.11 -13.52
N HIS A 5 -16.75 -2.04 -12.19
CA HIS A 5 -15.91 -2.96 -11.42
C HIS A 5 -16.49 -3.11 -10.01
N HIS A 6 -16.52 -4.35 -9.50
CA HIS A 6 -16.95 -4.64 -8.14
C HIS A 6 -15.87 -4.18 -7.14
N SER A 7 -16.10 -3.01 -6.52
CA SER A 7 -15.27 -2.51 -5.41
C SER A 7 -15.57 -3.31 -4.13
N HIS A 8 -14.66 -3.29 -3.16
CA HIS A 8 -14.76 -4.09 -1.92
C HIS A 8 -14.84 -3.18 -0.70
N MET A 9 -15.99 -3.25 0.01
CA MET A 9 -16.23 -2.49 1.24
C MET A 9 -15.53 -3.19 2.42
N GLY A 10 -14.30 -2.75 2.75
CA GLY A 10 -13.52 -3.30 3.86
C GLY A 10 -13.76 -2.49 5.13
N LYS A 11 -14.36 -3.12 6.16
CA LYS A 11 -14.70 -2.45 7.44
C LYS A 11 -13.49 -2.39 8.41
N GLN A 12 -12.72 -3.49 8.46
CA GLN A 12 -11.62 -3.66 9.44
C GLN A 12 -10.39 -2.82 9.04
N ALA A 13 -9.88 -2.00 9.98
CA ALA A 13 -8.71 -1.13 9.78
C ALA A 13 -8.11 -0.71 11.14
N SER A 14 -6.81 -0.41 11.16
CA SER A 14 -6.05 -0.08 12.38
C SER A 14 -4.77 0.70 12.00
N ALA A 15 -3.85 0.02 11.28
CA ALA A 15 -2.54 0.59 10.91
C ALA A 15 -2.71 1.62 9.77
N SER A 16 -2.91 2.89 10.16
CA SER A 16 -3.12 4.03 9.25
C SER A 16 -2.33 5.23 9.79
N TYR A 17 -1.12 5.46 9.24
CA TYR A 17 -0.20 6.50 9.71
C TYR A 17 0.80 6.89 8.61
N ASP A 18 1.83 7.68 8.97
CA ASP A 18 2.89 8.16 8.05
C ASP A 18 4.07 8.70 8.87
N SER A 19 5.30 8.27 8.54
CA SER A 19 6.53 8.69 9.25
C SER A 19 7.07 10.01 8.67
N GLU A 20 7.19 11.04 9.55
CA GLU A 20 7.76 12.37 9.19
C GLU A 20 9.30 12.37 9.34
N GLU A 21 9.84 11.29 9.93
CA GLU A 21 11.28 11.13 10.18
C GLU A 21 12.00 10.77 8.85
N GLU A 22 12.13 9.48 8.54
CA GLU A 22 12.77 8.95 7.35
C GLU A 22 12.08 7.62 7.02
N GLU A 23 12.50 7.01 5.91
CA GLU A 23 11.94 5.75 5.43
C GLU A 23 12.98 4.65 5.73
N GLU A 24 14.18 4.80 5.10
CA GLU A 24 15.35 3.89 5.26
C GLU A 24 15.05 2.45 4.83
N GLY A 25 13.83 2.22 4.28
CA GLY A 25 13.32 0.88 4.08
C GLY A 25 13.22 0.08 5.36
N LEU A 26 12.51 0.63 6.35
CA LEU A 26 12.26 -0.08 7.62
C LEU A 26 11.28 -1.24 7.36
N PRO A 27 11.66 -2.51 7.74
CA PRO A 27 10.76 -3.68 7.61
C PRO A 27 9.54 -3.53 8.54
N MET A 28 8.47 -2.92 7.99
CA MET A 28 7.21 -2.66 8.70
C MET A 28 6.48 -3.98 8.99
N SER A 29 5.61 -3.96 10.02
CA SER A 29 4.93 -5.17 10.51
C SER A 29 4.00 -5.78 9.45
N TYR A 30 3.69 -7.08 9.60
CA TYR A 30 2.77 -7.80 8.71
C TYR A 30 1.36 -7.16 8.75
N ASP A 31 0.99 -6.54 9.90
CA ASP A 31 -0.27 -5.80 10.05
C ASP A 31 -0.39 -4.69 8.99
N GLU A 32 0.73 -3.99 8.73
CA GLU A 32 0.81 -2.96 7.68
C GLU A 32 0.75 -3.61 6.29
N LYS A 33 1.47 -4.72 6.08
CA LYS A 33 1.59 -5.39 4.76
C LYS A 33 0.25 -5.96 4.27
N ARG A 34 -0.54 -6.50 5.21
CA ARG A 34 -1.89 -6.98 4.92
C ARG A 34 -2.86 -5.80 4.82
N GLN A 35 -2.53 -4.66 5.49
CA GLN A 35 -3.27 -3.39 5.33
C GLN A 35 -3.08 -2.84 3.91
N LEU A 36 -1.89 -3.06 3.29
CA LEU A 36 -1.68 -2.82 1.85
C LEU A 36 -2.70 -3.66 1.08
N SER A 37 -2.66 -4.99 1.26
CA SER A 37 -3.55 -5.94 0.57
C SER A 37 -5.04 -5.56 0.72
N LEU A 38 -5.37 -5.02 1.90
CA LEU A 38 -6.73 -4.71 2.34
C LEU A 38 -7.21 -3.35 1.79
N ASP A 39 -6.31 -2.36 1.71
CA ASP A 39 -6.65 -0.99 1.22
C ASP A 39 -6.65 -0.94 -0.30
N ILE A 40 -5.64 -1.60 -0.91
CA ILE A 40 -5.62 -1.90 -2.35
C ILE A 40 -6.93 -2.61 -2.75
N ASN A 41 -7.39 -3.52 -1.88
CA ASN A 41 -8.61 -4.32 -2.11
C ASN A 41 -9.86 -3.43 -2.23
N ARG A 42 -9.84 -2.29 -1.50
CA ARG A 42 -10.95 -1.30 -1.50
C ARG A 42 -10.88 -0.41 -2.76
N LEU A 43 -9.65 -0.15 -3.23
CA LEU A 43 -9.37 0.85 -4.28
C LEU A 43 -9.95 0.46 -5.67
N PRO A 44 -10.21 1.49 -6.57
CA PRO A 44 -10.57 1.26 -7.99
C PRO A 44 -9.65 0.28 -8.73
N GLY A 45 -10.18 -0.46 -9.73
CA GLY A 45 -9.37 -1.29 -10.63
C GLY A 45 -8.26 -0.50 -11.32
N GLU A 46 -8.54 0.80 -11.54
CA GLU A 46 -7.55 1.81 -11.96
C GLU A 46 -6.35 1.87 -10.99
N LYS A 47 -6.68 2.11 -9.70
CA LYS A 47 -5.68 2.26 -8.63
C LYS A 47 -4.93 0.92 -8.35
N LEU A 48 -5.56 -0.21 -8.70
CA LEU A 48 -4.90 -1.55 -8.70
C LEU A 48 -3.80 -1.62 -9.77
N GLY A 49 -3.96 -0.88 -10.88
CA GLY A 49 -2.92 -0.75 -11.91
C GLY A 49 -1.78 0.16 -11.45
N ARG A 50 -2.13 1.17 -10.62
CA ARG A 50 -1.19 2.19 -10.13
C ARG A 50 -0.12 1.54 -9.24
N VAL A 51 -0.59 0.72 -8.26
CA VAL A 51 0.30 -0.03 -7.34
C VAL A 51 1.35 -0.87 -8.07
N VAL A 52 0.97 -1.40 -9.25
CA VAL A 52 1.86 -2.19 -10.08
C VAL A 52 2.97 -1.28 -10.60
N HIS A 53 2.60 -0.15 -11.24
CA HIS A 53 3.59 0.76 -11.88
C HIS A 53 4.61 1.33 -10.86
N ILE A 54 4.18 1.39 -9.59
CA ILE A 54 5.03 1.84 -8.47
C ILE A 54 6.09 0.75 -8.13
N ILE A 55 5.66 -0.54 -8.01
CA ILE A 55 6.59 -1.66 -7.72
C ILE A 55 7.42 -2.02 -8.99
N GLN A 56 6.92 -1.64 -10.20
CA GLN A 56 7.63 -1.84 -11.47
C GLN A 56 8.85 -0.90 -11.54
N SER A 57 8.67 0.32 -10.99
CA SER A 57 9.76 1.30 -10.84
C SER A 57 10.88 0.74 -9.92
N ARG A 58 10.47 -0.12 -8.97
CA ARG A 58 11.35 -0.70 -7.93
C ARG A 58 12.06 -1.97 -8.41
N GLU A 59 11.27 -2.87 -9.03
CA GLU A 59 11.71 -4.22 -9.41
C GLU A 59 11.68 -4.33 -10.94
N PRO A 60 12.85 -4.44 -11.64
CA PRO A 60 12.89 -4.56 -13.12
C PRO A 60 12.24 -5.88 -13.63
N SER A 61 12.29 -6.94 -12.80
CA SER A 61 11.63 -8.22 -13.11
C SER A 61 10.11 -8.03 -13.21
N LEU A 62 9.53 -7.33 -12.22
CA LEU A 62 8.10 -7.04 -12.17
C LEU A 62 7.72 -5.89 -13.10
N ARG A 63 8.73 -5.12 -13.53
CA ARG A 63 8.55 -4.06 -14.51
C ARG A 63 8.23 -4.66 -15.88
N ASP A 64 8.91 -5.76 -16.18
CA ASP A 64 8.71 -6.51 -17.43
C ASP A 64 7.42 -7.36 -17.33
N SER A 65 7.08 -7.80 -16.10
CA SER A 65 5.89 -8.65 -15.84
C SER A 65 4.57 -7.90 -16.17
N ASN A 66 3.62 -8.64 -16.80
CA ASN A 66 2.28 -8.14 -17.15
C ASN A 66 1.50 -7.77 -15.86
N PRO A 67 1.07 -6.48 -15.69
CA PRO A 67 0.35 -6.00 -14.46
C PRO A 67 -0.91 -6.80 -14.11
N ASP A 68 -1.54 -7.37 -15.16
CA ASP A 68 -2.77 -8.16 -15.04
C ASP A 68 -2.46 -9.63 -14.69
N GLU A 69 -1.32 -10.15 -15.18
CA GLU A 69 -0.93 -11.56 -14.97
C GLU A 69 -0.44 -11.78 -13.53
N ILE A 70 0.30 -10.80 -12.99
CA ILE A 70 0.83 -10.87 -11.62
C ILE A 70 -0.01 -10.03 -10.66
N GLU A 71 0.01 -10.41 -9.38
CA GLU A 71 -0.48 -9.57 -8.28
C GLU A 71 0.71 -9.17 -7.41
N ILE A 72 0.57 -8.05 -6.69
CA ILE A 72 1.68 -7.42 -5.96
C ILE A 72 1.86 -8.10 -4.59
N ASP A 73 3.00 -8.78 -4.40
CA ASP A 73 3.33 -9.42 -3.10
C ASP A 73 3.99 -8.35 -2.22
N PHE A 74 3.29 -8.00 -1.14
CA PHE A 74 3.60 -6.86 -0.26
C PHE A 74 4.71 -7.17 0.76
N GLU A 75 5.18 -8.43 0.79
CA GLU A 75 6.23 -8.88 1.72
C GLU A 75 7.61 -8.90 1.01
N THR A 76 7.67 -9.56 -0.15
CA THR A 76 8.94 -9.88 -0.85
C THR A 76 9.47 -8.70 -1.69
N LEU A 77 8.66 -7.65 -1.87
CA LEU A 77 9.09 -6.40 -2.53
C LEU A 77 10.17 -5.67 -1.68
N LYS A 78 10.78 -4.63 -2.29
CA LYS A 78 11.81 -3.81 -1.64
C LYS A 78 11.27 -3.19 -0.34
N PRO A 79 12.06 -3.13 0.78
CA PRO A 79 11.58 -2.62 2.10
C PRO A 79 11.07 -1.15 2.09
N THR A 80 11.39 -0.39 1.03
CA THR A 80 10.84 0.98 0.83
C THR A 80 9.50 0.95 0.08
N THR A 81 9.32 -0.10 -0.76
CA THR A 81 8.14 -0.24 -1.62
C THR A 81 6.86 -0.48 -0.81
N LEU A 82 6.93 -1.30 0.26
CA LEU A 82 5.80 -1.50 1.19
C LEU A 82 5.38 -0.18 1.88
N ARG A 83 6.40 0.61 2.26
CA ARG A 83 6.25 1.94 2.88
C ARG A 83 5.62 2.93 1.86
N GLU A 84 5.99 2.78 0.58
CA GLU A 84 5.57 3.68 -0.50
C GLU A 84 4.15 3.38 -0.98
N LEU A 85 3.78 2.09 -1.02
CA LEU A 85 2.44 1.65 -1.42
C LEU A 85 1.43 1.96 -0.33
N GLU A 86 1.80 1.77 0.96
CA GLU A 86 0.86 2.07 2.05
C GLU A 86 0.66 3.58 2.17
N ARG A 87 1.74 4.37 2.04
CA ARG A 87 1.64 5.85 2.13
C ARG A 87 0.82 6.39 0.94
N TYR A 88 0.88 5.65 -0.21
CA TYR A 88 0.08 5.92 -1.42
C TYR A 88 -1.42 5.72 -1.12
N VAL A 89 -1.79 4.61 -0.46
CA VAL A 89 -3.22 4.30 -0.18
C VAL A 89 -3.74 5.17 0.96
N LYS A 90 -2.86 5.46 1.91
CA LYS A 90 -3.13 6.37 3.01
C LYS A 90 -3.22 7.81 2.47
N SER A 91 -2.68 8.03 1.27
CA SER A 91 -2.86 9.28 0.54
C SER A 91 -4.14 9.23 -0.33
N CYS A 92 -4.43 8.04 -0.91
CA CYS A 92 -5.49 7.86 -1.92
C CYS A 92 -6.89 7.92 -1.30
N LEU A 93 -7.09 7.13 -0.22
CA LEU A 93 -8.40 6.99 0.44
C LEU A 93 -8.49 7.79 1.77
N GLN A 94 -7.47 8.63 2.10
CA GLN A 94 -7.49 9.47 3.33
C GLN A 94 -7.28 10.96 3.00
N LYS A 95 -6.02 11.36 2.77
CA LYS A 95 -5.61 12.79 2.63
C LYS A 95 -4.33 12.92 1.76
N LYS A 96 -3.98 14.12 1.28
CA LYS A 96 -2.66 14.34 0.60
C LYS A 96 -1.57 14.78 1.64
N HIS A 1 -40.06 -18.21 15.22
CA HIS A 1 -39.26 -17.01 15.56
C HIS A 1 -37.86 -17.17 14.97
N HIS A 2 -37.43 -16.21 14.14
CA HIS A 2 -36.13 -16.22 13.48
C HIS A 2 -35.66 -14.77 13.31
N HIS A 3 -35.02 -14.26 14.38
CA HIS A 3 -34.50 -12.88 14.45
C HIS A 3 -33.33 -12.67 13.47
N HIS A 4 -33.09 -11.40 13.11
CA HIS A 4 -31.95 -10.99 12.26
C HIS A 4 -31.15 -9.90 13.02
N HIS A 5 -29.82 -9.98 12.98
CA HIS A 5 -28.92 -9.02 13.66
C HIS A 5 -28.55 -7.87 12.71
N HIS A 6 -28.14 -8.24 11.47
CA HIS A 6 -27.70 -7.30 10.41
C HIS A 6 -26.43 -6.52 10.81
N SER A 7 -25.26 -7.07 10.43
CA SER A 7 -23.93 -6.49 10.71
C SER A 7 -22.85 -7.29 9.95
N HIS A 8 -21.62 -6.74 9.93
CA HIS A 8 -20.43 -7.41 9.38
C HIS A 8 -19.22 -7.19 10.32
N MET A 9 -18.65 -5.96 10.36
CA MET A 9 -17.44 -5.62 11.15
C MET A 9 -17.59 -4.25 11.83
N GLY A 10 -16.92 -4.11 13.00
CA GLY A 10 -16.93 -2.87 13.77
C GLY A 10 -15.83 -1.90 13.32
N LYS A 11 -16.04 -0.60 13.60
CA LYS A 11 -15.10 0.47 13.21
C LYS A 11 -14.06 0.69 14.33
N GLN A 12 -12.77 0.57 13.98
CA GLN A 12 -11.64 0.77 14.92
C GLN A 12 -10.63 1.75 14.28
N ALA A 13 -10.52 2.96 14.84
CA ALA A 13 -9.63 4.03 14.34
C ALA A 13 -8.49 4.31 15.35
N SER A 14 -7.97 3.22 15.94
CA SER A 14 -6.87 3.27 16.92
C SER A 14 -5.60 3.85 16.25
N ALA A 15 -5.06 4.92 16.87
CA ALA A 15 -3.93 5.70 16.34
C ALA A 15 -2.68 4.79 16.16
N SER A 16 -2.44 4.38 14.92
CA SER A 16 -1.28 3.56 14.53
C SER A 16 0.00 4.42 14.51
N TYR A 17 -0.20 5.77 14.50
CA TYR A 17 0.84 6.78 14.45
C TYR A 17 1.57 6.76 13.10
N ASP A 18 1.13 7.66 12.19
CA ASP A 18 1.79 7.92 10.91
C ASP A 18 2.90 8.98 11.08
N SER A 19 3.28 9.22 12.35
CA SER A 19 4.36 10.13 12.75
C SER A 19 5.75 9.59 12.34
N GLU A 20 6.81 10.29 12.81
CA GLU A 20 8.22 10.02 12.45
C GLU A 20 8.49 10.41 10.98
N GLU A 21 9.40 11.38 10.79
CA GLU A 21 9.75 11.94 9.46
C GLU A 21 10.71 11.02 8.67
N GLU A 22 10.93 9.80 9.18
CA GLU A 22 11.81 8.80 8.58
C GLU A 22 11.01 7.74 7.83
N GLU A 23 11.67 7.19 6.82
CA GLU A 23 11.19 6.03 6.06
C GLU A 23 12.13 4.87 6.39
N GLU A 24 13.44 5.10 6.07
CA GLU A 24 14.58 4.19 6.39
C GLU A 24 14.43 2.81 5.69
N GLY A 25 13.40 2.67 4.84
CA GLY A 25 12.98 1.37 4.33
C GLY A 25 12.73 0.37 5.44
N LEU A 26 11.91 0.77 6.42
CA LEU A 26 11.54 -0.09 7.56
C LEU A 26 10.56 -1.20 7.07
N PRO A 27 11.00 -2.51 7.03
CA PRO A 27 10.11 -3.62 6.64
C PRO A 27 9.04 -3.84 7.71
N MET A 28 7.83 -3.36 7.43
CA MET A 28 6.71 -3.36 8.37
C MET A 28 6.20 -4.78 8.66
N SER A 29 5.44 -4.92 9.76
CA SER A 29 4.89 -6.21 10.24
C SER A 29 3.76 -6.71 9.31
N TYR A 30 3.33 -7.98 9.52
CA TYR A 30 2.31 -8.65 8.67
C TYR A 30 0.96 -7.92 8.74
N ASP A 31 0.61 -7.42 9.93
CA ASP A 31 -0.63 -6.62 10.15
C ASP A 31 -0.63 -5.34 9.29
N GLU A 32 0.56 -4.78 9.05
CA GLU A 32 0.73 -3.57 8.24
C GLU A 32 0.68 -3.93 6.74
N LYS A 33 1.26 -5.08 6.37
CA LYS A 33 1.26 -5.59 4.97
C LYS A 33 -0.15 -5.98 4.52
N ARG A 34 -0.94 -6.53 5.44
CA ARG A 34 -2.33 -6.94 5.16
C ARG A 34 -3.23 -5.69 5.21
N GLN A 35 -2.78 -4.62 5.91
CA GLN A 35 -3.39 -3.27 5.86
C GLN A 35 -3.28 -2.70 4.45
N LEU A 36 -2.09 -2.90 3.78
CA LEU A 36 -1.93 -2.58 2.34
C LEU A 36 -3.01 -3.34 1.54
N SER A 37 -3.03 -4.69 1.69
CA SER A 37 -4.00 -5.57 1.01
C SER A 37 -5.46 -5.12 1.21
N LEU A 38 -5.76 -4.67 2.44
CA LEU A 38 -7.12 -4.31 2.89
C LEU A 38 -7.57 -2.95 2.31
N ASP A 39 -6.62 -2.00 2.22
CA ASP A 39 -6.90 -0.64 1.70
C ASP A 39 -6.89 -0.63 0.17
N ILE A 40 -5.99 -1.42 -0.44
CA ILE A 40 -5.94 -1.66 -1.90
C ILE A 40 -7.22 -2.43 -2.34
N ASN A 41 -7.80 -3.20 -1.40
CA ASN A 41 -9.04 -3.98 -1.63
C ASN A 41 -10.24 -3.02 -1.79
N ARG A 42 -10.09 -1.82 -1.20
CA ARG A 42 -11.10 -0.73 -1.29
C ARG A 42 -10.85 0.14 -2.55
N LEU A 43 -9.56 0.24 -2.95
CA LEU A 43 -9.10 1.16 -4.01
C LEU A 43 -9.68 0.83 -5.42
N PRO A 44 -9.78 1.86 -6.32
CA PRO A 44 -10.16 1.67 -7.75
C PRO A 44 -9.33 0.59 -8.48
N GLY A 45 -9.93 -0.04 -9.53
CA GLY A 45 -9.18 -0.90 -10.45
C GLY A 45 -8.04 -0.15 -11.15
N GLU A 46 -8.22 1.17 -11.32
CA GLU A 46 -7.16 2.11 -11.78
C GLU A 46 -5.95 2.07 -10.83
N LYS A 47 -6.25 2.17 -9.51
CA LYS A 47 -5.25 2.15 -8.43
C LYS A 47 -4.58 0.78 -8.33
N LEU A 48 -5.35 -0.29 -8.64
CA LEU A 48 -4.85 -1.67 -8.70
C LEU A 48 -3.78 -1.84 -9.80
N GLY A 49 -3.92 -1.06 -10.88
CA GLY A 49 -2.92 -1.01 -11.94
C GLY A 49 -1.77 -0.07 -11.64
N ARG A 50 -2.09 1.05 -10.93
CA ARG A 50 -1.13 2.09 -10.58
C ARG A 50 -0.07 1.54 -9.61
N VAL A 51 -0.55 0.77 -8.60
CA VAL A 51 0.33 0.10 -7.62
C VAL A 51 1.29 -0.89 -8.31
N VAL A 52 0.82 -1.51 -9.42
CA VAL A 52 1.67 -2.37 -10.28
C VAL A 52 2.76 -1.52 -10.97
N HIS A 53 2.38 -0.34 -11.50
CA HIS A 53 3.35 0.57 -12.18
C HIS A 53 4.43 1.05 -11.18
N ILE A 54 4.08 1.08 -9.88
CA ILE A 54 5.02 1.40 -8.79
C ILE A 54 6.06 0.26 -8.60
N ILE A 55 5.60 -1.02 -8.62
CA ILE A 55 6.51 -2.19 -8.47
C ILE A 55 7.38 -2.40 -9.74
N GLN A 56 6.91 -1.88 -10.90
CA GLN A 56 7.66 -1.93 -12.16
C GLN A 56 8.71 -0.79 -12.19
N SER A 57 8.39 0.34 -11.53
CA SER A 57 9.33 1.47 -11.35
C SER A 57 10.43 1.13 -10.34
N ARG A 58 10.14 0.18 -9.43
CA ARG A 58 11.08 -0.23 -8.39
C ARG A 58 11.88 -1.47 -8.81
N GLU A 59 11.16 -2.58 -9.04
CA GLU A 59 11.77 -3.87 -9.41
C GLU A 59 11.98 -3.93 -10.95
N PRO A 60 13.25 -3.94 -11.46
CA PRO A 60 13.54 -4.20 -12.89
C PRO A 60 13.24 -5.67 -13.27
N SER A 61 13.31 -6.55 -12.26
CA SER A 61 13.05 -7.99 -12.40
C SER A 61 11.60 -8.25 -12.83
N LEU A 62 10.64 -7.53 -12.21
CA LEU A 62 9.19 -7.69 -12.51
C LEU A 62 8.66 -6.46 -13.26
N ARG A 63 9.57 -5.72 -13.92
CA ARG A 63 9.20 -4.48 -14.61
C ARG A 63 8.36 -4.79 -15.87
N ASP A 64 8.64 -5.92 -16.49
CA ASP A 64 7.98 -6.39 -17.73
C ASP A 64 6.86 -7.40 -17.40
N SER A 65 6.76 -7.81 -16.11
CA SER A 65 5.69 -8.71 -15.65
C SER A 65 4.30 -8.07 -15.83
N ASN A 66 3.43 -8.78 -16.56
CA ASN A 66 2.06 -8.32 -16.93
C ASN A 66 1.23 -7.98 -15.65
N PRO A 67 0.65 -6.74 -15.55
CA PRO A 67 -0.27 -6.32 -14.44
C PRO A 67 -1.44 -7.29 -14.21
N ASP A 68 -1.91 -7.91 -15.31
CA ASP A 68 -3.04 -8.88 -15.28
C ASP A 68 -2.58 -10.31 -14.95
N GLU A 69 -1.28 -10.49 -14.67
CA GLU A 69 -0.70 -11.80 -14.28
C GLU A 69 -0.13 -11.76 -12.86
N ILE A 70 0.49 -10.62 -12.47
CA ILE A 70 1.11 -10.45 -11.13
C ILE A 70 0.31 -9.47 -10.26
N GLU A 71 0.45 -9.63 -8.95
CA GLU A 71 -0.14 -8.77 -7.92
C GLU A 71 0.99 -8.19 -7.06
N ILE A 72 0.67 -7.18 -6.24
CA ILE A 72 1.63 -6.58 -5.32
C ILE A 72 1.80 -7.47 -4.09
N ASP A 73 2.89 -8.26 -4.07
CA ASP A 73 3.32 -8.98 -2.88
C ASP A 73 4.13 -8.01 -2.00
N PHE A 74 3.63 -7.80 -0.78
CA PHE A 74 4.08 -6.73 0.14
C PHE A 74 5.41 -7.07 0.84
N GLU A 75 5.92 -8.29 0.59
CA GLU A 75 7.14 -8.81 1.26
C GLU A 75 8.36 -8.79 0.31
N THR A 76 8.16 -9.29 -0.94
CA THR A 76 9.29 -9.57 -1.87
C THR A 76 9.83 -8.30 -2.56
N LEU A 77 8.99 -7.25 -2.61
CA LEU A 77 9.42 -5.91 -3.08
C LEU A 77 10.47 -5.32 -2.10
N LYS A 78 11.14 -4.22 -2.48
CA LYS A 78 12.15 -3.58 -1.62
C LYS A 78 11.50 -3.05 -0.30
N PRO A 79 12.28 -2.96 0.82
CA PRO A 79 11.74 -2.55 2.15
C PRO A 79 11.19 -1.09 2.18
N THR A 80 11.55 -0.30 1.16
CA THR A 80 11.01 1.06 0.95
C THR A 80 9.68 1.03 0.18
N THR A 81 9.49 -0.01 -0.65
CA THR A 81 8.36 -0.10 -1.59
C THR A 81 7.05 -0.39 -0.82
N LEU A 82 7.12 -1.28 0.20
CA LEU A 82 5.97 -1.56 1.10
C LEU A 82 5.56 -0.29 1.86
N ARG A 83 6.56 0.56 2.18
CA ARG A 83 6.38 1.84 2.87
C ARG A 83 5.69 2.86 1.93
N GLU A 84 6.10 2.87 0.65
CA GLU A 84 5.60 3.78 -0.38
C GLU A 84 4.17 3.41 -0.80
N LEU A 85 3.90 2.10 -0.94
CA LEU A 85 2.55 1.56 -1.27
C LEU A 85 1.58 1.84 -0.12
N GLU A 86 2.07 1.65 1.12
CA GLU A 86 1.32 1.93 2.34
C GLU A 86 0.83 3.38 2.39
N ARG A 87 1.78 4.30 2.11
CA ARG A 87 1.52 5.74 2.11
C ARG A 87 0.62 6.15 0.94
N TYR A 88 0.79 5.46 -0.21
CA TYR A 88 0.02 5.72 -1.43
C TYR A 88 -1.49 5.48 -1.21
N VAL A 89 -1.84 4.30 -0.67
CA VAL A 89 -3.25 3.93 -0.39
C VAL A 89 -3.92 4.92 0.55
N LYS A 90 -3.18 5.37 1.56
CA LYS A 90 -3.67 6.31 2.53
C LYS A 90 -3.75 7.73 1.92
N SER A 91 -2.95 7.97 0.87
CA SER A 91 -3.00 9.23 0.11
C SER A 91 -4.09 9.17 -0.97
N CYS A 92 -4.55 7.95 -1.29
CA CYS A 92 -5.61 7.71 -2.28
C CYS A 92 -7.00 7.75 -1.63
N LEU A 93 -7.19 7.02 -0.51
CA LEU A 93 -8.52 6.91 0.14
C LEU A 93 -8.72 7.84 1.37
N GLN A 94 -7.67 8.14 2.16
CA GLN A 94 -7.80 9.09 3.31
C GLN A 94 -7.74 10.53 2.78
N LYS A 95 -6.54 10.89 2.30
CA LYS A 95 -6.21 12.19 1.67
C LYS A 95 -6.25 13.37 2.66
N LYS A 96 -5.24 14.25 2.53
CA LYS A 96 -5.03 15.38 3.44
C LYS A 96 -5.81 16.62 2.92
N HIS A 1 -9.32 -12.07 -24.67
CA HIS A 1 -8.80 -11.35 -23.48
C HIS A 1 -9.22 -12.06 -22.21
N HIS A 2 -8.38 -11.94 -21.17
CA HIS A 2 -8.65 -12.47 -19.81
C HIS A 2 -8.20 -11.44 -18.78
N HIS A 3 -9.08 -11.10 -17.84
CA HIS A 3 -8.81 -10.17 -16.75
C HIS A 3 -9.72 -10.53 -15.57
N HIS A 4 -9.25 -11.46 -14.73
CA HIS A 4 -9.98 -11.92 -13.53
C HIS A 4 -9.75 -10.89 -12.41
N HIS A 5 -10.87 -10.34 -11.90
CA HIS A 5 -10.86 -9.27 -10.89
C HIS A 5 -10.17 -9.72 -9.58
N HIS A 6 -9.05 -9.04 -9.25
CA HIS A 6 -8.28 -9.25 -8.00
C HIS A 6 -8.93 -8.45 -6.87
N SER A 7 -9.32 -9.16 -5.80
CA SER A 7 -9.96 -8.56 -4.62
C SER A 7 -9.97 -9.54 -3.43
N HIS A 8 -10.12 -8.97 -2.22
CA HIS A 8 -10.34 -9.73 -0.96
C HIS A 8 -11.31 -8.94 -0.09
N MET A 9 -12.12 -9.66 0.70
CA MET A 9 -13.18 -9.07 1.53
C MET A 9 -12.95 -9.47 3.01
N GLY A 10 -12.80 -8.45 3.88
CA GLY A 10 -12.60 -8.65 5.31
C GLY A 10 -12.98 -7.42 6.10
N LYS A 11 -13.13 -7.57 7.43
CA LYS A 11 -13.50 -6.48 8.35
C LYS A 11 -12.31 -6.17 9.28
N GLN A 12 -11.22 -5.70 8.69
CA GLN A 12 -10.02 -5.22 9.42
C GLN A 12 -10.14 -3.71 9.66
N ALA A 13 -10.05 -2.94 8.56
CA ALA A 13 -10.00 -1.46 8.58
C ALA A 13 -8.82 -0.93 9.44
N SER A 14 -7.80 -1.79 9.59
CA SER A 14 -6.66 -1.57 10.49
C SER A 14 -5.55 -0.79 9.77
N ALA A 15 -5.92 0.37 9.18
CA ALA A 15 -5.00 1.21 8.40
C ALA A 15 -3.78 1.59 9.24
N SER A 16 -4.02 2.39 10.31
CA SER A 16 -2.98 2.78 11.30
C SER A 16 -1.73 3.38 10.62
N TYR A 17 -1.74 4.70 10.40
CA TYR A 17 -0.55 5.42 9.94
C TYR A 17 0.04 6.20 11.11
N ASP A 18 1.37 6.24 11.18
CA ASP A 18 2.10 7.09 12.12
C ASP A 18 2.65 8.28 11.33
N SER A 19 2.76 9.45 11.97
CA SER A 19 3.32 10.66 11.36
C SER A 19 4.86 10.66 11.45
N GLU A 20 5.47 9.58 10.93
CA GLU A 20 6.93 9.38 10.95
C GLU A 20 7.62 10.40 10.01
N GLU A 21 8.63 11.07 10.57
CA GLU A 21 9.43 12.11 9.87
C GLU A 21 10.41 11.45 8.87
N GLU A 22 10.82 10.23 9.20
CA GLU A 22 11.82 9.45 8.46
C GLU A 22 11.12 8.34 7.68
N GLU A 23 11.79 7.85 6.63
CA GLU A 23 11.35 6.69 5.85
C GLU A 23 12.35 5.57 6.08
N GLU A 24 13.60 5.83 5.59
CA GLU A 24 14.77 4.92 5.75
C GLU A 24 14.60 3.59 4.97
N GLY A 25 13.42 3.42 4.34
CA GLY A 25 12.98 2.11 3.87
C GLY A 25 12.93 1.10 4.99
N LEU A 26 12.17 1.43 6.06
CA LEU A 26 11.98 0.52 7.20
C LEU A 26 11.06 -0.65 6.78
N PRO A 27 11.59 -1.91 6.70
CA PRO A 27 10.79 -3.10 6.33
C PRO A 27 9.66 -3.37 7.36
N MET A 28 8.41 -3.14 6.94
CA MET A 28 7.22 -3.29 7.80
C MET A 28 6.94 -4.76 8.13
N SER A 29 5.98 -4.97 9.05
CA SER A 29 5.55 -6.31 9.47
C SER A 29 4.38 -6.75 8.58
N TYR A 30 3.95 -8.00 8.75
CA TYR A 30 2.90 -8.61 7.92
C TYR A 30 1.50 -7.93 8.11
N ASP A 31 1.32 -7.24 9.26
CA ASP A 31 0.02 -6.66 9.66
C ASP A 31 -0.47 -5.61 8.63
N GLU A 32 0.34 -4.55 8.48
CA GLU A 32 0.03 -3.44 7.56
C GLU A 32 0.06 -3.92 6.11
N LYS A 33 0.92 -4.91 5.79
CA LYS A 33 1.08 -5.44 4.43
C LYS A 33 -0.23 -6.09 3.90
N ARG A 34 -0.81 -7.02 4.69
CA ARG A 34 -2.07 -7.69 4.30
C ARG A 34 -3.23 -6.68 4.24
N GLN A 35 -3.12 -5.67 5.11
CA GLN A 35 -4.05 -4.54 5.16
C GLN A 35 -3.92 -3.65 3.91
N LEU A 36 -2.67 -3.46 3.40
CA LEU A 36 -2.41 -2.60 2.21
C LEU A 36 -3.09 -3.21 0.98
N SER A 37 -2.89 -4.52 0.78
CA SER A 37 -3.51 -5.29 -0.32
C SER A 37 -5.05 -5.14 -0.28
N LEU A 38 -5.60 -5.26 0.92
CA LEU A 38 -7.04 -5.09 1.19
C LEU A 38 -7.53 -3.63 0.94
N ASP A 39 -6.67 -2.65 1.23
CA ASP A 39 -6.94 -1.21 1.00
C ASP A 39 -6.92 -0.89 -0.51
N ILE A 40 -6.03 -1.57 -1.24
CA ILE A 40 -5.92 -1.47 -2.71
C ILE A 40 -7.18 -2.04 -3.38
N ASN A 41 -7.81 -3.03 -2.71
CA ASN A 41 -9.04 -3.68 -3.23
C ASN A 41 -10.22 -2.69 -3.21
N ARG A 42 -10.14 -1.68 -2.33
CA ARG A 42 -11.13 -0.60 -2.22
C ARG A 42 -10.91 0.46 -3.31
N LEU A 43 -9.64 0.65 -3.69
CA LEU A 43 -9.22 1.68 -4.66
C LEU A 43 -9.77 1.40 -6.09
N PRO A 44 -9.90 2.47 -6.95
CA PRO A 44 -10.19 2.32 -8.41
C PRO A 44 -9.35 1.26 -9.15
N GLY A 45 -9.83 0.84 -10.33
CA GLY A 45 -9.08 -0.09 -11.20
C GLY A 45 -7.76 0.50 -11.69
N GLU A 46 -7.74 1.83 -11.93
CA GLU A 46 -6.51 2.56 -12.30
C GLU A 46 -5.55 2.65 -11.10
N LYS A 47 -6.10 2.77 -9.88
CA LYS A 47 -5.31 2.87 -8.65
C LYS A 47 -4.80 1.48 -8.21
N LEU A 48 -5.50 0.41 -8.65
CA LEU A 48 -5.06 -0.98 -8.48
C LEU A 48 -3.93 -1.25 -9.51
N GLY A 49 -4.04 -0.63 -10.70
CA GLY A 49 -2.97 -0.68 -11.71
C GLY A 49 -1.78 0.17 -11.30
N ARG A 50 -2.03 1.19 -10.46
CA ARG A 50 -1.03 2.17 -10.02
C ARG A 50 -0.02 1.50 -9.08
N VAL A 51 -0.54 0.74 -8.09
CA VAL A 51 0.29 -0.01 -7.12
C VAL A 51 1.26 -0.99 -7.82
N VAL A 52 0.79 -1.53 -8.96
CA VAL A 52 1.61 -2.41 -9.80
C VAL A 52 2.74 -1.61 -10.44
N HIS A 53 2.42 -0.41 -10.95
CA HIS A 53 3.40 0.48 -11.62
C HIS A 53 4.52 0.89 -10.65
N ILE A 54 4.15 1.05 -9.37
CA ILE A 54 5.09 1.39 -8.30
C ILE A 54 6.10 0.24 -8.07
N ILE A 55 5.61 -1.01 -7.92
CA ILE A 55 6.49 -2.18 -7.69
C ILE A 55 7.30 -2.52 -8.98
N GLN A 56 6.77 -2.15 -10.17
CA GLN A 56 7.46 -2.35 -11.46
C GLN A 56 8.63 -1.35 -11.60
N SER A 57 8.45 -0.13 -11.07
CA SER A 57 9.52 0.90 -11.04
C SER A 57 10.62 0.50 -10.04
N ARG A 58 10.18 -0.03 -8.89
CA ARG A 58 11.05 -0.47 -7.80
C ARG A 58 11.78 -1.79 -8.14
N GLU A 59 11.16 -2.60 -9.00
CA GLU A 59 11.72 -3.88 -9.48
C GLU A 59 11.79 -3.87 -11.01
N PRO A 60 12.87 -3.29 -11.63
CA PRO A 60 13.14 -3.43 -13.09
C PRO A 60 13.36 -4.89 -13.49
N SER A 61 13.77 -5.73 -12.50
CA SER A 61 13.90 -7.19 -12.66
C SER A 61 12.53 -7.87 -12.85
N LEU A 62 11.46 -7.23 -12.35
CA LEU A 62 10.10 -7.79 -12.43
C LEU A 62 9.11 -6.77 -13.01
N ARG A 63 9.63 -5.90 -13.89
CA ARG A 63 8.83 -4.81 -14.47
C ARG A 63 7.96 -5.32 -15.64
N ASP A 64 8.36 -6.42 -16.26
CA ASP A 64 7.67 -6.95 -17.46
C ASP A 64 6.42 -7.80 -17.08
N SER A 65 6.21 -8.04 -15.75
CA SER A 65 5.04 -8.77 -15.23
C SER A 65 3.73 -8.01 -15.46
N ASN A 66 2.72 -8.76 -15.95
CA ASN A 66 1.34 -8.25 -16.16
C ASN A 66 0.67 -7.94 -14.80
N PRO A 67 0.01 -6.74 -14.64
CA PRO A 67 -0.74 -6.38 -13.40
C PRO A 67 -1.77 -7.47 -12.97
N ASP A 68 -2.46 -8.06 -13.95
CA ASP A 68 -3.51 -9.08 -13.72
C ASP A 68 -2.91 -10.51 -13.53
N GLU A 69 -1.61 -10.64 -13.80
CA GLU A 69 -0.87 -11.92 -13.57
C GLU A 69 -0.55 -12.10 -12.08
N ILE A 70 -0.20 -10.98 -11.44
CA ILE A 70 0.46 -10.98 -10.11
C ILE A 70 -0.42 -10.34 -9.03
N GLU A 71 -0.14 -10.73 -7.78
CA GLU A 71 -0.62 -10.01 -6.59
C GLU A 71 0.57 -9.23 -6.03
N ILE A 72 0.30 -8.01 -5.53
CA ILE A 72 1.36 -7.13 -5.00
C ILE A 72 1.77 -7.64 -3.61
N ASP A 73 2.83 -8.47 -3.60
CA ASP A 73 3.33 -9.08 -2.37
C ASP A 73 4.36 -8.17 -1.71
N PHE A 74 3.97 -7.61 -0.55
CA PHE A 74 4.75 -6.57 0.16
C PHE A 74 5.94 -7.16 0.94
N GLU A 75 6.04 -8.50 0.94
CA GLU A 75 7.16 -9.21 1.56
C GLU A 75 8.40 -9.18 0.63
N THR A 76 8.20 -9.62 -0.64
CA THR A 76 9.31 -9.92 -1.58
C THR A 76 9.81 -8.68 -2.37
N LEU A 77 9.21 -7.50 -2.12
CA LEU A 77 9.62 -6.23 -2.79
C LEU A 77 10.66 -5.44 -1.95
N LYS A 78 11.25 -4.36 -2.54
CA LYS A 78 12.22 -3.47 -1.86
C LYS A 78 11.60 -2.85 -0.56
N PRO A 79 12.44 -2.55 0.48
CA PRO A 79 11.96 -2.04 1.80
C PRO A 79 11.35 -0.62 1.72
N THR A 80 11.61 0.09 0.61
CA THR A 80 11.01 1.40 0.34
C THR A 80 9.67 1.27 -0.41
N THR A 81 9.48 0.14 -1.14
CA THR A 81 8.27 -0.08 -1.96
C THR A 81 7.04 -0.23 -1.07
N LEU A 82 7.16 -1.10 -0.05
CA LEU A 82 6.08 -1.33 0.95
C LEU A 82 5.68 -0.02 1.66
N ARG A 83 6.70 0.85 1.89
CA ARG A 83 6.55 2.14 2.57
C ARG A 83 5.83 3.16 1.65
N GLU A 84 6.18 3.11 0.36
CA GLU A 84 5.60 3.93 -0.70
C GLU A 84 4.12 3.56 -0.89
N LEU A 85 3.85 2.25 -0.92
CA LEU A 85 2.48 1.72 -1.08
C LEU A 85 1.62 2.03 0.12
N GLU A 86 2.24 1.98 1.31
CA GLU A 86 1.55 2.25 2.57
C GLU A 86 0.93 3.65 2.55
N ARG A 87 1.80 4.63 2.30
CA ARG A 87 1.47 6.05 2.40
C ARG A 87 0.61 6.47 1.20
N TYR A 88 0.81 5.79 0.07
CA TYR A 88 -0.03 5.95 -1.14
C TYR A 88 -1.52 5.64 -0.84
N VAL A 89 -1.82 4.42 -0.31
CA VAL A 89 -3.22 4.00 -0.08
C VAL A 89 -3.87 4.82 1.03
N LYS A 90 -3.09 5.04 2.08
CA LYS A 90 -3.55 5.79 3.25
C LYS A 90 -3.72 7.29 2.90
N SER A 91 -3.12 7.71 1.77
CA SER A 91 -3.39 9.03 1.17
C SER A 91 -4.63 8.97 0.27
N CYS A 92 -4.74 7.89 -0.52
CA CYS A 92 -5.71 7.78 -1.64
C CYS A 92 -7.16 7.62 -1.13
N LEU A 93 -7.38 6.68 -0.19
CA LEU A 93 -8.73 6.42 0.36
C LEU A 93 -9.01 7.20 1.68
N GLN A 94 -8.03 7.98 2.20
CA GLN A 94 -8.25 8.85 3.39
C GLN A 94 -8.15 10.34 2.97
N LYS A 95 -6.92 10.84 2.83
CA LYS A 95 -6.66 12.29 2.55
C LYS A 95 -5.26 12.49 1.96
N LYS A 96 -5.12 13.51 1.09
CA LYS A 96 -3.80 13.87 0.48
C LYS A 96 -2.87 14.49 1.56
N HIS A 1 -19.61 13.74 46.42
CA HIS A 1 -18.85 12.50 46.11
C HIS A 1 -18.76 12.33 44.58
N HIS A 2 -17.72 12.93 43.97
CA HIS A 2 -17.47 12.83 42.52
C HIS A 2 -15.99 13.04 42.20
N HIS A 3 -15.32 11.96 41.77
CA HIS A 3 -13.95 12.00 41.22
C HIS A 3 -13.84 11.02 40.04
N HIS A 4 -13.72 11.58 38.83
CA HIS A 4 -13.40 10.81 37.61
C HIS A 4 -11.88 10.87 37.39
N HIS A 5 -11.29 12.05 37.72
CA HIS A 5 -9.83 12.30 37.69
C HIS A 5 -9.22 11.94 36.32
N HIS A 6 -9.43 12.82 35.33
CA HIS A 6 -8.92 12.61 33.96
C HIS A 6 -8.66 13.97 33.28
N SER A 7 -7.42 14.15 32.80
CA SER A 7 -6.97 15.39 32.16
C SER A 7 -5.73 15.11 31.28
N HIS A 8 -5.87 15.30 29.96
CA HIS A 8 -4.80 15.05 28.99
C HIS A 8 -3.78 16.21 28.99
N MET A 9 -2.71 16.06 29.77
CA MET A 9 -1.64 17.05 29.91
C MET A 9 -0.35 16.51 29.27
N GLY A 10 0.15 17.20 28.22
CA GLY A 10 1.43 16.82 27.59
C GLY A 10 1.54 17.24 26.12
N LYS A 11 2.28 18.35 25.86
CA LYS A 11 2.60 18.81 24.49
C LYS A 11 4.10 18.55 24.17
N GLN A 12 4.50 18.83 22.91
CA GLN A 12 5.91 18.83 22.45
C GLN A 12 6.56 17.42 22.58
N ALA A 13 6.42 16.60 21.52
CA ALA A 13 6.98 15.24 21.46
C ALA A 13 7.14 14.81 20.00
N SER A 14 7.94 15.59 19.25
CA SER A 14 8.20 15.37 17.82
C SER A 14 9.70 15.15 17.56
N ALA A 15 10.53 16.15 17.95
CA ALA A 15 12.01 16.15 17.74
C ALA A 15 12.36 16.04 16.23
N SER A 16 13.62 15.68 15.91
CA SER A 16 14.06 15.45 14.52
C SER A 16 15.41 14.71 14.47
N TYR A 17 15.61 13.95 13.38
CA TYR A 17 16.88 13.28 13.05
C TYR A 17 17.14 13.42 11.54
N ASP A 18 18.42 13.48 11.14
CA ASP A 18 18.83 13.56 9.73
C ASP A 18 18.74 12.16 9.10
N SER A 19 17.89 12.01 8.07
CA SER A 19 17.86 10.80 7.23
C SER A 19 19.04 10.85 6.25
N GLU A 20 20.20 10.32 6.72
CA GLU A 20 21.53 10.54 6.12
C GLU A 20 21.60 10.06 4.66
N GLU A 21 21.35 8.76 4.46
CA GLU A 21 21.31 8.17 3.11
C GLU A 21 19.86 7.79 2.81
N GLU A 22 19.38 6.70 3.44
CA GLU A 22 18.00 6.22 3.30
C GLU A 22 17.05 7.01 4.21
N GLU A 23 15.76 6.66 4.19
CA GLU A 23 14.70 7.41 4.84
C GLU A 23 14.14 6.61 6.03
N GLU A 24 13.27 5.63 5.75
CA GLU A 24 12.68 4.72 6.74
C GLU A 24 12.56 3.33 6.11
N GLY A 25 13.66 2.90 5.45
CA GLY A 25 13.77 1.55 4.89
C GLY A 25 13.74 0.49 5.98
N LEU A 26 12.52 0.11 6.37
CA LEU A 26 12.23 -0.76 7.50
C LEU A 26 11.12 -1.76 7.07
N PRO A 27 11.41 -3.09 6.95
CA PRO A 27 10.40 -4.11 6.58
C PRO A 27 9.34 -4.25 7.69
N MET A 28 8.17 -3.61 7.48
CA MET A 28 7.06 -3.56 8.47
C MET A 28 6.43 -4.94 8.71
N SER A 29 5.55 -4.99 9.72
CA SER A 29 4.84 -6.22 10.14
C SER A 29 3.85 -6.72 9.07
N TYR A 30 3.41 -7.99 9.20
CA TYR A 30 2.32 -8.56 8.38
C TYR A 30 1.02 -7.76 8.56
N ASP A 31 0.84 -7.20 9.77
CA ASP A 31 -0.30 -6.33 10.11
C ASP A 31 -0.42 -5.16 9.10
N GLU A 32 0.73 -4.60 8.74
CA GLU A 32 0.83 -3.50 7.78
C GLU A 32 0.64 -4.01 6.34
N LYS A 33 1.23 -5.19 6.03
CA LYS A 33 1.18 -5.80 4.68
C LYS A 33 -0.26 -6.17 4.27
N ARG A 34 -1.07 -6.60 5.27
CA ARG A 34 -2.49 -6.95 5.05
C ARG A 34 -3.32 -5.66 4.99
N GLN A 35 -2.85 -4.58 5.67
CA GLN A 35 -3.42 -3.23 5.55
C GLN A 35 -3.24 -2.69 4.12
N LEU A 36 -2.05 -2.91 3.51
CA LEU A 36 -1.82 -2.60 2.07
C LEU A 36 -2.88 -3.31 1.21
N SER A 37 -2.94 -4.65 1.37
CA SER A 37 -3.89 -5.52 0.66
C SER A 37 -5.35 -5.04 0.82
N LEU A 38 -5.67 -4.55 2.01
CA LEU A 38 -7.03 -4.13 2.42
C LEU A 38 -7.41 -2.79 1.77
N ASP A 39 -6.46 -1.84 1.71
CA ASP A 39 -6.68 -0.52 1.07
C ASP A 39 -6.74 -0.66 -0.47
N ILE A 40 -5.84 -1.49 -1.03
CA ILE A 40 -5.79 -1.79 -2.48
C ILE A 40 -7.05 -2.57 -2.92
N ASN A 41 -7.63 -3.32 -1.97
CA ASN A 41 -8.87 -4.11 -2.19
C ASN A 41 -10.05 -3.15 -2.39
N ARG A 42 -9.93 -1.94 -1.80
CA ARG A 42 -10.92 -0.85 -1.91
C ARG A 42 -10.63 0.03 -3.15
N LEU A 43 -9.34 0.15 -3.54
CA LEU A 43 -8.87 1.07 -4.60
C LEU A 43 -9.45 0.71 -6.00
N PRO A 44 -9.73 1.74 -6.88
CA PRO A 44 -10.06 1.56 -8.33
C PRO A 44 -9.19 0.56 -9.10
N GLY A 45 -9.63 0.25 -10.34
CA GLY A 45 -8.86 -0.58 -11.26
C GLY A 45 -7.57 0.09 -11.71
N GLU A 46 -7.62 1.43 -11.90
CA GLU A 46 -6.44 2.24 -12.26
C GLU A 46 -5.46 2.35 -11.07
N LYS A 47 -6.04 2.41 -9.84
CA LYS A 47 -5.27 2.55 -8.61
C LYS A 47 -4.70 1.22 -8.10
N LEU A 48 -5.28 0.09 -8.56
CA LEU A 48 -4.64 -1.24 -8.42
C LEU A 48 -3.47 -1.27 -9.40
N GLY A 49 -3.76 -0.86 -10.66
CA GLY A 49 -2.73 -0.75 -11.70
C GLY A 49 -1.63 0.25 -11.35
N ARG A 50 -1.93 1.19 -10.42
CA ARG A 50 -1.00 2.22 -9.96
C ARG A 50 0.06 1.60 -9.03
N VAL A 51 -0.39 0.79 -8.01
CA VAL A 51 0.53 0.07 -7.09
C VAL A 51 1.52 -0.82 -7.87
N VAL A 52 1.01 -1.39 -8.98
CA VAL A 52 1.78 -2.18 -9.92
C VAL A 52 2.86 -1.30 -10.58
N HIS A 53 2.44 -0.14 -11.12
CA HIS A 53 3.35 0.76 -11.88
C HIS A 53 4.44 1.37 -10.98
N ILE A 54 4.15 1.49 -9.67
CA ILE A 54 5.10 2.04 -8.68
C ILE A 54 6.23 1.02 -8.40
N ILE A 55 5.85 -0.23 -8.06
CA ILE A 55 6.84 -1.30 -7.76
C ILE A 55 7.64 -1.68 -9.03
N GLN A 56 7.02 -1.51 -10.22
CA GLN A 56 7.68 -1.79 -11.51
C GLN A 56 8.68 -0.70 -11.88
N SER A 57 8.33 0.57 -11.60
CA SER A 57 9.20 1.73 -11.85
C SER A 57 10.50 1.61 -11.05
N ARG A 58 10.38 1.04 -9.84
CA ARG A 58 11.51 0.75 -8.96
C ARG A 58 12.29 -0.50 -9.45
N GLU A 59 11.55 -1.57 -9.76
CA GLU A 59 12.12 -2.90 -10.07
C GLU A 59 11.89 -3.26 -11.55
N PRO A 60 12.95 -3.17 -12.44
CA PRO A 60 12.86 -3.67 -13.83
C PRO A 60 12.63 -5.21 -13.89
N SER A 61 12.95 -5.89 -12.77
CA SER A 61 12.81 -7.35 -12.60
C SER A 61 11.36 -7.83 -12.87
N LEU A 62 10.37 -7.13 -12.28
CA LEU A 62 8.94 -7.46 -12.41
C LEU A 62 8.21 -6.40 -13.22
N ARG A 63 8.96 -5.58 -13.95
CA ARG A 63 8.37 -4.48 -14.71
C ARG A 63 7.58 -5.04 -15.91
N ASP A 64 8.08 -6.15 -16.47
CA ASP A 64 7.44 -6.81 -17.62
C ASP A 64 6.27 -7.71 -17.14
N SER A 65 6.18 -7.96 -15.81
CA SER A 65 5.11 -8.79 -15.23
C SER A 65 3.72 -8.12 -15.39
N ASN A 66 2.80 -8.83 -16.05
CA ASN A 66 1.42 -8.39 -16.29
C ASN A 66 0.64 -8.29 -14.94
N PRO A 67 0.01 -7.11 -14.61
CA PRO A 67 -0.81 -6.92 -13.37
C PRO A 67 -1.98 -7.93 -13.21
N ASP A 68 -2.43 -8.51 -14.33
CA ASP A 68 -3.51 -9.54 -14.32
C ASP A 68 -2.93 -10.93 -14.04
N GLU A 69 -1.64 -11.11 -14.38
CA GLU A 69 -0.93 -12.41 -14.21
C GLU A 69 -0.41 -12.56 -12.77
N ILE A 70 0.06 -11.45 -12.19
CA ILE A 70 0.69 -11.46 -10.86
C ILE A 70 -0.06 -10.55 -9.88
N GLU A 71 0.04 -10.86 -8.59
CA GLU A 71 -0.38 -9.97 -7.50
C GLU A 71 0.84 -9.27 -6.92
N ILE A 72 0.64 -8.05 -6.40
CA ILE A 72 1.71 -7.25 -5.79
C ILE A 72 2.02 -7.83 -4.42
N ASP A 73 3.08 -8.67 -4.40
CA ASP A 73 3.43 -9.45 -3.21
C ASP A 73 4.10 -8.55 -2.18
N PHE A 74 3.41 -8.40 -1.05
CA PHE A 74 3.72 -7.45 0.02
C PHE A 74 4.94 -7.91 0.88
N GLU A 75 5.47 -9.11 0.59
CA GLU A 75 6.63 -9.69 1.30
C GLU A 75 7.94 -9.47 0.52
N THR A 76 7.86 -9.63 -0.82
CA THR A 76 9.07 -9.65 -1.69
C THR A 76 9.57 -8.23 -2.04
N LEU A 77 8.68 -7.22 -1.97
CA LEU A 77 9.06 -5.82 -2.26
C LEU A 77 9.99 -5.25 -1.17
N LYS A 78 10.78 -4.23 -1.55
CA LYS A 78 11.88 -3.69 -0.73
C LYS A 78 11.37 -2.90 0.50
N PRO A 79 12.24 -2.74 1.58
CA PRO A 79 11.85 -2.05 2.85
C PRO A 79 11.45 -0.58 2.66
N THR A 80 11.82 0.02 1.52
CA THR A 80 11.41 1.37 1.13
C THR A 80 10.09 1.33 0.33
N THR A 81 9.94 0.28 -0.51
CA THR A 81 8.79 0.12 -1.41
C THR A 81 7.46 -0.05 -0.61
N LEU A 82 7.47 -0.95 0.40
CA LEU A 82 6.30 -1.18 1.29
C LEU A 82 5.87 0.09 2.01
N ARG A 83 6.85 0.92 2.42
CA ARG A 83 6.60 2.20 3.10
C ARG A 83 5.80 3.14 2.20
N GLU A 84 6.32 3.34 0.97
CA GLU A 84 5.73 4.28 0.00
C GLU A 84 4.34 3.83 -0.43
N LEU A 85 4.22 2.55 -0.84
CA LEU A 85 2.93 1.94 -1.27
C LEU A 85 1.85 2.05 -0.18
N GLU A 86 2.26 1.79 1.06
CA GLU A 86 1.36 1.83 2.23
C GLU A 86 0.81 3.25 2.45
N ARG A 87 1.68 4.24 2.27
CA ARG A 87 1.32 5.66 2.43
C ARG A 87 0.49 6.13 1.23
N TYR A 88 0.79 5.59 0.02
CA TYR A 88 0.10 5.94 -1.23
C TYR A 88 -1.39 5.59 -1.14
N VAL A 89 -1.68 4.36 -0.69
CA VAL A 89 -3.06 3.81 -0.69
C VAL A 89 -3.95 4.59 0.28
N LYS A 90 -3.35 4.96 1.39
CA LYS A 90 -3.98 5.76 2.42
C LYS A 90 -4.02 7.25 2.04
N SER A 91 -3.17 7.65 1.09
CA SER A 91 -3.23 8.98 0.45
C SER A 91 -4.19 8.98 -0.74
N CYS A 92 -4.53 7.78 -1.23
CA CYS A 92 -5.41 7.61 -2.41
C CYS A 92 -6.88 7.63 -1.97
N LEU A 93 -7.22 6.80 -0.97
CA LEU A 93 -8.63 6.71 -0.46
C LEU A 93 -8.93 7.58 0.78
N GLN A 94 -7.97 7.74 1.75
CA GLN A 94 -8.19 8.61 2.94
C GLN A 94 -7.88 10.07 2.55
N LYS A 95 -6.63 10.24 2.09
CA LYS A 95 -6.02 11.52 1.68
C LYS A 95 -5.72 12.42 2.89
N LYS A 96 -4.58 13.13 2.84
CA LYS A 96 -4.10 14.01 3.91
C LYS A 96 -4.43 15.49 3.55
N HIS A 1 -9.55 -1.06 -20.07
CA HIS A 1 -10.90 -1.18 -20.66
C HIS A 1 -11.97 -0.94 -19.58
N HIS A 2 -13.22 -0.73 -20.02
CA HIS A 2 -14.41 -0.64 -19.13
C HIS A 2 -15.17 -1.97 -19.20
N HIS A 3 -15.09 -2.77 -18.13
CA HIS A 3 -15.65 -4.14 -18.13
C HIS A 3 -15.94 -4.61 -16.69
N HIS A 4 -15.03 -4.29 -15.76
CA HIS A 4 -15.18 -4.62 -14.32
C HIS A 4 -16.21 -3.67 -13.67
N HIS A 5 -17.51 -3.99 -13.85
CA HIS A 5 -18.62 -3.16 -13.35
C HIS A 5 -19.12 -3.70 -12.01
N HIS A 6 -18.35 -3.42 -10.94
CA HIS A 6 -18.73 -3.74 -9.55
C HIS A 6 -17.77 -3.02 -8.60
N SER A 7 -18.31 -2.38 -7.56
CA SER A 7 -17.49 -1.74 -6.51
C SER A 7 -16.83 -2.81 -5.64
N HIS A 8 -15.73 -2.43 -4.99
CA HIS A 8 -14.97 -3.30 -4.10
C HIS A 8 -15.58 -3.24 -2.69
N MET A 9 -15.75 -4.42 -2.08
CA MET A 9 -16.37 -4.56 -0.75
C MET A 9 -15.41 -4.10 0.36
N GLY A 10 -16.01 -3.69 1.49
CA GLY A 10 -15.29 -3.24 2.66
C GLY A 10 -16.21 -3.18 3.86
N LYS A 11 -15.70 -3.52 5.06
CA LYS A 11 -16.49 -3.53 6.31
C LYS A 11 -15.88 -2.55 7.32
N GLN A 12 -14.74 -2.93 7.91
CA GLN A 12 -14.11 -2.19 9.03
C GLN A 12 -12.58 -2.07 8.80
N ALA A 13 -11.98 -1.00 9.35
CA ALA A 13 -10.53 -0.75 9.27
C ALA A 13 -10.07 0.25 10.35
N SER A 14 -8.75 0.46 10.43
CA SER A 14 -8.13 1.44 11.32
C SER A 14 -7.10 2.26 10.52
N ALA A 15 -7.42 3.54 10.29
CA ALA A 15 -6.58 4.48 9.52
C ALA A 15 -5.23 4.71 10.23
N SER A 16 -4.18 4.02 9.76
CA SER A 16 -2.85 4.05 10.38
C SER A 16 -1.92 5.08 9.71
N TYR A 17 -2.25 6.39 9.87
CA TYR A 17 -1.43 7.50 9.31
C TYR A 17 -0.04 7.54 10.02
N ASP A 18 0.98 8.06 9.32
CA ASP A 18 2.34 8.25 9.88
C ASP A 18 2.91 9.59 9.42
N SER A 19 3.82 10.17 10.20
CA SER A 19 4.52 11.43 9.88
C SER A 19 5.96 11.40 10.41
N GLU A 20 6.75 10.46 9.88
CA GLU A 20 8.21 10.38 10.15
C GLU A 20 8.98 11.16 9.08
N GLU A 21 10.19 11.63 9.44
CA GLU A 21 11.03 12.50 8.60
C GLU A 21 11.81 11.67 7.55
N GLU A 22 12.15 10.42 7.92
CA GLU A 22 12.92 9.48 7.08
C GLU A 22 12.06 8.25 6.80
N GLU A 23 12.56 7.36 5.93
CA GLU A 23 11.86 6.14 5.53
C GLU A 23 12.64 4.91 6.00
N GLU A 24 13.95 4.90 5.67
CA GLU A 24 14.92 3.84 6.03
C GLU A 24 14.61 2.50 5.30
N GLY A 25 13.47 2.47 4.57
CA GLY A 25 12.85 1.23 4.17
C GLY A 25 12.58 0.33 5.37
N LEU A 26 11.84 0.87 6.36
CA LEU A 26 11.53 0.14 7.61
C LEU A 26 10.96 -1.27 7.28
N PRO A 27 11.53 -2.37 7.87
CA PRO A 27 10.99 -3.73 7.69
C PRO A 27 9.65 -3.83 8.42
N MET A 28 8.60 -3.35 7.72
CA MET A 28 7.25 -3.24 8.29
C MET A 28 6.64 -4.62 8.49
N SER A 29 5.85 -4.76 9.56
CA SER A 29 5.27 -6.05 9.98
C SER A 29 4.02 -6.38 9.13
N TYR A 30 3.42 -7.56 9.39
CA TYR A 30 2.22 -8.03 8.67
C TYR A 30 1.01 -7.12 8.89
N ASP A 31 0.99 -6.38 10.01
CA ASP A 31 -0.14 -5.51 10.42
C ASP A 31 -0.46 -4.43 9.37
N GLU A 32 0.57 -3.71 8.95
CA GLU A 32 0.44 -2.63 7.95
C GLU A 32 0.55 -3.20 6.52
N LYS A 33 1.24 -4.35 6.35
CA LYS A 33 1.30 -5.08 5.05
C LYS A 33 -0.10 -5.61 4.64
N ARG A 34 -0.89 -6.06 5.63
CA ARG A 34 -2.26 -6.54 5.39
C ARG A 34 -3.19 -5.32 5.27
N GLN A 35 -2.84 -4.21 5.97
CA GLN A 35 -3.55 -2.91 5.85
C GLN A 35 -3.39 -2.37 4.42
N LEU A 36 -2.20 -2.59 3.83
CA LEU A 36 -1.93 -2.33 2.40
C LEU A 36 -2.96 -3.09 1.54
N SER A 37 -2.93 -4.44 1.66
CA SER A 37 -3.76 -5.35 0.86
C SER A 37 -5.26 -5.01 1.00
N LEU A 38 -5.68 -4.78 2.24
CA LEU A 38 -7.09 -4.65 2.64
C LEU A 38 -7.69 -3.29 2.18
N ASP A 39 -6.83 -2.25 2.13
CA ASP A 39 -7.22 -0.92 1.62
C ASP A 39 -7.18 -0.86 0.08
N ILE A 40 -6.21 -1.59 -0.52
CA ILE A 40 -6.13 -1.78 -1.98
C ILE A 40 -7.34 -2.61 -2.46
N ASN A 41 -7.86 -3.48 -1.56
CA ASN A 41 -9.03 -4.35 -1.85
C ASN A 41 -10.35 -3.55 -1.83
N ARG A 42 -10.25 -2.23 -1.56
CA ARG A 42 -11.36 -1.28 -1.61
C ARG A 42 -11.20 -0.26 -2.75
N LEU A 43 -9.96 -0.09 -3.24
CA LEU A 43 -9.58 0.94 -4.23
C LEU A 43 -10.09 0.59 -5.67
N PRO A 44 -10.20 1.63 -6.58
CA PRO A 44 -10.47 1.43 -8.04
C PRO A 44 -9.56 0.40 -8.72
N GLY A 45 -10.05 -0.26 -9.78
CA GLY A 45 -9.23 -1.13 -10.65
C GLY A 45 -8.08 -0.37 -11.31
N GLU A 46 -8.29 0.94 -11.51
CA GLU A 46 -7.24 1.90 -11.91
C GLU A 46 -6.13 1.98 -10.85
N LYS A 47 -6.55 2.12 -9.57
CA LYS A 47 -5.66 2.21 -8.40
C LYS A 47 -4.95 0.86 -8.13
N LEU A 48 -5.60 -0.24 -8.53
CA LEU A 48 -5.02 -1.61 -8.51
C LEU A 48 -3.90 -1.71 -9.55
N GLY A 49 -4.16 -1.15 -10.74
CA GLY A 49 -3.16 -1.07 -11.80
C GLY A 49 -2.04 -0.09 -11.45
N ARG A 50 -2.36 0.88 -10.56
CA ARG A 50 -1.42 1.94 -10.17
C ARG A 50 -0.41 1.42 -9.15
N VAL A 51 -0.88 0.64 -8.15
CA VAL A 51 0.03 -0.04 -7.20
C VAL A 51 0.98 -1.02 -7.94
N VAL A 52 0.48 -1.59 -9.07
CA VAL A 52 1.31 -2.39 -10.00
C VAL A 52 2.31 -1.48 -10.74
N HIS A 53 1.87 -0.29 -11.16
CA HIS A 53 2.72 0.67 -11.89
C HIS A 53 3.89 1.15 -11.00
N ILE A 54 3.64 1.22 -9.67
CA ILE A 54 4.65 1.65 -8.69
C ILE A 54 5.68 0.52 -8.42
N ILE A 55 5.21 -0.77 -8.33
CA ILE A 55 6.14 -1.92 -8.15
C ILE A 55 7.04 -2.07 -9.39
N GLN A 56 6.51 -1.69 -10.57
CA GLN A 56 7.27 -1.68 -11.82
C GLN A 56 8.37 -0.60 -11.76
N SER A 57 8.09 0.53 -11.09
CA SER A 57 9.08 1.61 -10.87
C SER A 57 10.10 1.26 -9.77
N ARG A 58 9.76 0.25 -8.95
CA ARG A 58 10.49 -0.06 -7.70
C ARG A 58 11.26 -1.37 -7.83
N GLU A 59 10.89 -2.15 -8.84
CA GLU A 59 11.31 -3.53 -8.99
C GLU A 59 11.34 -3.88 -10.50
N PRO A 60 12.57 -3.84 -11.13
CA PRO A 60 12.79 -4.21 -12.56
C PRO A 60 12.33 -5.64 -12.94
N SER A 61 12.45 -6.58 -11.98
CA SER A 61 12.06 -7.99 -12.18
C SER A 61 10.54 -8.14 -12.34
N LEU A 62 9.77 -7.19 -11.77
CA LEU A 62 8.30 -7.14 -11.92
C LEU A 62 7.87 -5.96 -12.79
N ARG A 63 8.86 -5.30 -13.43
CA ARG A 63 8.57 -4.21 -14.35
C ARG A 63 8.28 -4.77 -15.73
N ASP A 64 9.16 -5.67 -16.18
CA ASP A 64 9.06 -6.31 -17.50
C ASP A 64 8.10 -7.50 -17.46
N SER A 65 7.67 -7.88 -16.23
CA SER A 65 6.60 -8.86 -16.03
C SER A 65 5.24 -8.23 -16.36
N ASN A 66 4.37 -9.02 -17.00
CA ASN A 66 3.02 -8.60 -17.42
C ASN A 66 2.15 -8.21 -16.20
N PRO A 67 1.57 -6.95 -16.15
CA PRO A 67 0.71 -6.48 -15.03
C PRO A 67 -0.53 -7.36 -14.81
N ASP A 68 -1.07 -7.89 -15.92
CA ASP A 68 -2.23 -8.78 -15.94
C ASP A 68 -1.91 -10.15 -15.30
N GLU A 69 -0.63 -10.54 -15.39
CA GLU A 69 -0.14 -11.84 -14.93
C GLU A 69 0.35 -11.79 -13.45
N ILE A 70 0.64 -10.56 -12.94
CA ILE A 70 1.24 -10.37 -11.60
C ILE A 70 0.29 -9.64 -10.64
N GLU A 71 0.50 -9.84 -9.33
CA GLU A 71 -0.29 -9.19 -8.25
C GLU A 71 0.72 -8.76 -7.16
N ILE A 72 0.40 -7.65 -6.46
CA ILE A 72 1.31 -7.01 -5.49
C ILE A 72 1.46 -7.82 -4.20
N ASP A 73 2.54 -8.62 -4.15
CA ASP A 73 2.95 -9.31 -2.92
C ASP A 73 3.89 -8.39 -2.14
N PHE A 74 3.51 -8.13 -0.88
CA PHE A 74 4.13 -7.12 0.00
C PHE A 74 5.43 -7.62 0.65
N GLU A 75 5.75 -8.91 0.43
CA GLU A 75 6.94 -9.55 1.01
C GLU A 75 8.12 -9.46 0.03
N THR A 76 7.87 -9.80 -1.25
CA THR A 76 8.93 -10.01 -2.26
C THR A 76 9.49 -8.68 -2.81
N LEU A 77 8.65 -7.61 -2.81
CA LEU A 77 9.09 -6.26 -3.22
C LEU A 77 10.04 -5.65 -2.16
N LYS A 78 10.73 -4.55 -2.50
CA LYS A 78 11.78 -3.96 -1.65
C LYS A 78 11.20 -3.38 -0.34
N PRO A 79 12.03 -3.30 0.77
CA PRO A 79 11.62 -2.65 2.05
C PRO A 79 11.17 -1.18 1.90
N THR A 80 11.62 -0.50 0.82
CA THR A 80 11.14 0.87 0.51
C THR A 80 9.85 0.84 -0.34
N THR A 81 9.62 -0.26 -1.05
CA THR A 81 8.44 -0.41 -1.93
C THR A 81 7.16 -0.59 -1.09
N LEU A 82 7.18 -1.54 -0.13
CA LEU A 82 6.05 -1.76 0.83
C LEU A 82 5.73 -0.47 1.61
N ARG A 83 6.80 0.28 1.90
CA ARG A 83 6.73 1.54 2.67
C ARG A 83 6.05 2.66 1.84
N GLU A 84 6.49 2.81 0.58
CA GLU A 84 5.99 3.86 -0.33
C GLU A 84 4.55 3.57 -0.75
N LEU A 85 4.28 2.29 -1.09
CA LEU A 85 2.92 1.80 -1.45
C LEU A 85 1.93 2.01 -0.30
N GLU A 86 2.39 1.77 0.94
CA GLU A 86 1.57 1.93 2.14
C GLU A 86 1.08 3.37 2.27
N ARG A 87 2.05 4.29 2.17
CA ARG A 87 1.79 5.73 2.25
C ARG A 87 0.98 6.22 1.04
N TYR A 88 1.15 5.53 -0.11
CA TYR A 88 0.39 5.80 -1.34
C TYR A 88 -1.11 5.57 -1.11
N VAL A 89 -1.49 4.39 -0.56
CA VAL A 89 -2.92 4.05 -0.34
C VAL A 89 -3.51 5.01 0.67
N LYS A 90 -2.73 5.32 1.71
CA LYS A 90 -3.13 6.24 2.75
C LYS A 90 -3.13 7.70 2.25
N SER A 91 -2.45 7.96 1.11
CA SER A 91 -2.54 9.24 0.40
C SER A 91 -3.70 9.23 -0.61
N CYS A 92 -4.17 8.04 -1.03
CA CYS A 92 -5.23 7.92 -2.06
C CYS A 92 -6.63 7.99 -1.42
N LEU A 93 -6.86 7.11 -0.43
CA LEU A 93 -8.17 7.01 0.25
C LEU A 93 -8.25 7.87 1.53
N GLN A 94 -7.11 8.46 1.99
CA GLN A 94 -7.11 9.40 3.15
C GLN A 94 -6.43 10.71 2.69
N LYS A 95 -7.20 11.79 2.55
CA LYS A 95 -6.68 13.10 2.10
C LYS A 95 -7.27 14.24 2.92
N LYS A 96 -6.44 15.23 3.22
CA LYS A 96 -6.75 16.38 4.07
C LYS A 96 -6.46 17.69 3.29
N HIS A 1 -14.72 -10.54 -20.94
CA HIS A 1 -14.87 -9.50 -19.90
C HIS A 1 -16.18 -9.70 -19.11
N HIS A 2 -16.20 -9.22 -17.86
CA HIS A 2 -17.39 -9.29 -16.98
C HIS A 2 -17.42 -8.06 -16.05
N HIS A 3 -18.64 -7.65 -15.65
CA HIS A 3 -18.84 -6.52 -14.72
C HIS A 3 -19.90 -6.88 -13.68
N HIS A 4 -19.85 -6.21 -12.53
CA HIS A 4 -20.79 -6.41 -11.41
C HIS A 4 -20.86 -5.14 -10.58
N HIS A 5 -19.74 -4.81 -9.90
CA HIS A 5 -19.54 -3.57 -9.11
C HIS A 5 -20.46 -3.49 -7.87
N HIS A 6 -19.83 -3.26 -6.70
CA HIS A 6 -20.53 -3.04 -5.43
C HIS A 6 -21.04 -1.58 -5.37
N SER A 7 -22.29 -1.39 -5.77
CA SER A 7 -22.95 -0.07 -5.80
C SER A 7 -23.59 0.24 -4.42
N HIS A 8 -22.86 1.02 -3.61
CA HIS A 8 -23.34 1.57 -2.32
C HIS A 8 -22.31 2.54 -1.75
N MET A 9 -22.78 3.46 -0.90
CA MET A 9 -21.91 4.43 -0.21
C MET A 9 -21.21 3.77 0.99
N GLY A 10 -20.06 4.32 1.37
CA GLY A 10 -19.31 3.90 2.55
C GLY A 10 -18.37 5.00 2.99
N LYS A 11 -18.91 6.24 3.04
CA LYS A 11 -18.16 7.46 3.31
C LYS A 11 -17.58 7.47 4.75
N GLN A 12 -16.31 7.09 4.87
CA GLN A 12 -15.55 7.16 6.12
C GLN A 12 -14.60 8.37 6.07
N ALA A 13 -14.58 9.15 7.16
CA ALA A 13 -13.62 10.25 7.35
C ALA A 13 -12.23 9.67 7.70
N SER A 14 -11.60 9.06 6.69
CA SER A 14 -10.34 8.35 6.82
C SER A 14 -9.16 9.35 6.85
N ALA A 15 -8.39 9.32 7.94
CA ALA A 15 -7.31 10.28 8.23
C ALA A 15 -6.08 9.54 8.77
N SER A 16 -4.90 9.92 8.26
CA SER A 16 -3.60 9.32 8.66
C SER A 16 -2.49 10.38 8.64
N TYR A 17 -1.29 9.98 9.05
CA TYR A 17 -0.09 10.85 9.01
C TYR A 17 0.82 10.46 7.83
N ASP A 18 1.79 11.34 7.55
CA ASP A 18 2.94 11.05 6.65
C ASP A 18 4.10 11.97 7.01
N SER A 19 5.33 11.49 6.75
CA SER A 19 6.59 12.21 7.05
C SER A 19 6.94 13.22 5.93
N GLU A 20 8.11 13.88 6.07
CA GLU A 20 8.59 14.91 5.12
C GLU A 20 9.09 14.23 3.82
N GLU A 21 10.34 13.71 3.85
CA GLU A 21 11.00 13.10 2.68
C GLU A 21 12.13 12.15 3.16
N GLU A 22 11.78 10.87 3.28
CA GLU A 22 12.67 9.73 3.58
C GLU A 22 12.04 8.50 2.90
N GLU A 23 12.73 7.36 2.94
CA GLU A 23 12.19 6.10 2.40
C GLU A 23 11.47 5.32 3.50
N GLU A 24 12.00 5.42 4.75
CA GLU A 24 11.44 4.75 5.94
C GLU A 24 11.30 3.25 5.70
N GLY A 25 12.36 2.69 5.10
CA GLY A 25 12.38 1.34 4.61
C GLY A 25 12.75 0.31 5.66
N LEU A 26 11.89 0.20 6.67
CA LEU A 26 12.03 -0.80 7.72
C LEU A 26 11.25 -2.07 7.32
N PRO A 27 11.72 -3.28 7.70
CA PRO A 27 10.89 -4.50 7.63
C PRO A 27 9.73 -4.37 8.63
N MET A 28 8.59 -3.84 8.15
CA MET A 28 7.40 -3.61 8.98
C MET A 28 6.65 -4.93 9.25
N SER A 29 5.77 -4.92 10.27
CA SER A 29 5.00 -6.11 10.68
C SER A 29 4.02 -6.56 9.57
N TYR A 30 3.56 -7.82 9.65
CA TYR A 30 2.63 -8.38 8.63
C TYR A 30 1.28 -7.64 8.66
N ASP A 31 0.91 -7.13 9.84
CA ASP A 31 -0.32 -6.33 10.05
C ASP A 31 -0.32 -5.04 9.18
N GLU A 32 0.89 -4.51 8.91
CA GLU A 32 1.07 -3.34 8.03
C GLU A 32 0.80 -3.69 6.55
N LYS A 33 1.40 -4.79 6.10
CA LYS A 33 1.36 -5.24 4.69
C LYS A 33 -0.02 -5.80 4.31
N ARG A 34 -0.72 -6.37 5.30
CA ARG A 34 -2.11 -6.81 5.14
C ARG A 34 -3.03 -5.57 5.13
N GLN A 35 -2.62 -4.49 5.83
CA GLN A 35 -3.34 -3.19 5.85
C GLN A 35 -3.22 -2.51 4.48
N LEU A 36 -2.05 -2.66 3.80
CA LEU A 36 -1.89 -2.26 2.38
C LEU A 36 -3.00 -2.92 1.54
N SER A 37 -3.01 -4.28 1.57
CA SER A 37 -3.99 -5.12 0.85
C SER A 37 -5.44 -4.71 1.20
N LEU A 38 -5.67 -4.48 2.50
CA LEU A 38 -7.00 -4.16 3.07
C LEU A 38 -7.54 -2.82 2.53
N ASP A 39 -6.67 -1.82 2.46
CA ASP A 39 -7.04 -0.47 1.96
C ASP A 39 -7.21 -0.48 0.43
N ILE A 40 -6.45 -1.37 -0.25
CA ILE A 40 -6.57 -1.56 -1.71
C ILE A 40 -7.96 -2.19 -2.08
N ASN A 41 -8.60 -2.89 -1.10
CA ASN A 41 -10.00 -3.40 -1.24
C ASN A 41 -11.03 -2.24 -1.29
N ARG A 42 -10.61 -1.02 -0.89
CA ARG A 42 -11.42 0.22 -1.03
C ARG A 42 -11.03 1.00 -2.31
N LEU A 43 -9.94 0.57 -2.96
CA LEU A 43 -9.40 1.22 -4.17
C LEU A 43 -9.93 0.58 -5.47
N PRO A 44 -10.22 1.42 -6.52
CA PRO A 44 -10.50 0.98 -7.92
C PRO A 44 -9.53 -0.09 -8.49
N GLY A 45 -9.95 -0.73 -9.59
CA GLY A 45 -9.08 -1.61 -10.38
C GLY A 45 -7.94 -0.85 -11.07
N GLU A 46 -8.21 0.43 -11.40
CA GLU A 46 -7.19 1.38 -11.94
C GLU A 46 -6.13 1.70 -10.85
N LYS A 47 -6.62 1.96 -9.63
CA LYS A 47 -5.78 2.23 -8.45
C LYS A 47 -4.95 0.99 -8.06
N LEU A 48 -5.50 -0.19 -8.34
CA LEU A 48 -4.78 -1.47 -8.20
C LEU A 48 -3.70 -1.54 -9.31
N GLY A 49 -4.03 -1.05 -10.51
CA GLY A 49 -3.06 -0.95 -11.60
C GLY A 49 -1.92 0.03 -11.29
N ARG A 50 -2.23 1.03 -10.44
CA ARG A 50 -1.26 2.05 -10.02
C ARG A 50 -0.24 1.48 -9.05
N VAL A 51 -0.69 0.61 -8.08
CA VAL A 51 0.24 -0.06 -7.14
C VAL A 51 1.31 -0.87 -7.89
N VAL A 52 0.87 -1.46 -9.03
CA VAL A 52 1.74 -2.22 -9.93
C VAL A 52 2.79 -1.28 -10.55
N HIS A 53 2.35 -0.12 -11.04
CA HIS A 53 3.23 0.84 -11.73
C HIS A 53 4.36 1.36 -10.82
N ILE A 54 4.06 1.49 -9.50
CA ILE A 54 5.03 2.02 -8.50
C ILE A 54 6.13 0.98 -8.19
N ILE A 55 5.72 -0.29 -7.91
CA ILE A 55 6.69 -1.38 -7.61
C ILE A 55 7.58 -1.70 -8.84
N GLN A 56 6.96 -1.81 -10.04
CA GLN A 56 7.66 -2.20 -11.28
C GLN A 56 8.57 -1.05 -11.80
N SER A 57 8.32 0.18 -11.30
CA SER A 57 9.20 1.35 -11.54
C SER A 57 10.53 1.19 -10.76
N ARG A 58 10.45 0.54 -9.59
CA ARG A 58 11.63 0.27 -8.73
C ARG A 58 12.20 -1.13 -9.01
N GLU A 59 11.39 -1.97 -9.69
CA GLU A 59 11.77 -3.33 -10.15
C GLU A 59 11.76 -3.39 -11.70
N PRO A 60 12.86 -2.95 -12.39
CA PRO A 60 12.97 -3.10 -13.87
C PRO A 60 13.16 -4.57 -14.28
N SER A 61 13.83 -5.34 -13.40
CA SER A 61 14.10 -6.77 -13.57
C SER A 61 12.80 -7.56 -13.72
N LEU A 62 11.79 -7.19 -12.92
CA LEU A 62 10.48 -7.84 -12.90
C LEU A 62 9.39 -6.96 -13.48
N ARG A 63 9.76 -5.87 -14.16
CA ARG A 63 8.77 -5.02 -14.87
C ARG A 63 8.30 -5.74 -16.15
N ASP A 64 9.09 -6.72 -16.61
CA ASP A 64 8.72 -7.62 -17.71
C ASP A 64 7.47 -8.46 -17.36
N SER A 65 7.30 -8.75 -16.04
CA SER A 65 6.13 -9.48 -15.53
C SER A 65 4.80 -8.75 -15.86
N ASN A 66 3.91 -9.44 -16.61
CA ASN A 66 2.61 -8.92 -17.08
C ASN A 66 1.70 -8.52 -15.88
N PRO A 67 1.27 -7.21 -15.79
CA PRO A 67 0.43 -6.71 -14.65
C PRO A 67 -0.97 -7.37 -14.58
N ASP A 68 -1.36 -8.06 -15.66
CA ASP A 68 -2.60 -8.86 -15.72
C ASP A 68 -2.36 -10.26 -15.10
N GLU A 69 -1.22 -10.87 -15.45
CA GLU A 69 -0.89 -12.25 -15.05
C GLU A 69 -0.51 -12.34 -13.56
N ILE A 70 0.15 -11.29 -13.04
CA ILE A 70 0.61 -11.23 -11.64
C ILE A 70 0.00 -10.02 -10.91
N GLU A 71 -0.15 -10.17 -9.58
CA GLU A 71 -0.56 -9.09 -8.67
C GLU A 71 0.58 -8.85 -7.67
N ILE A 72 0.49 -7.74 -6.93
CA ILE A 72 1.61 -7.24 -6.10
C ILE A 72 1.65 -7.89 -4.71
N ASP A 73 2.71 -8.68 -4.48
CA ASP A 73 2.99 -9.27 -3.17
C ASP A 73 3.78 -8.28 -2.30
N PHE A 74 3.28 -8.06 -1.09
CA PHE A 74 3.75 -7.01 -0.15
C PHE A 74 5.02 -7.43 0.62
N GLU A 75 5.47 -8.68 0.43
CA GLU A 75 6.67 -9.22 1.08
C GLU A 75 7.88 -9.13 0.13
N THR A 76 7.64 -9.47 -1.16
CA THR A 76 8.72 -9.66 -2.16
C THR A 76 9.27 -8.31 -2.68
N LEU A 77 8.44 -7.26 -2.62
CA LEU A 77 8.88 -5.88 -2.94
C LEU A 77 9.88 -5.36 -1.88
N LYS A 78 10.50 -4.19 -2.16
CA LYS A 78 11.52 -3.61 -1.27
C LYS A 78 10.91 -3.20 0.09
N PRO A 79 11.71 -3.17 1.21
CA PRO A 79 11.24 -2.64 2.53
C PRO A 79 10.79 -1.15 2.47
N THR A 80 11.22 -0.47 1.39
CA THR A 80 10.84 0.91 1.11
C THR A 80 9.52 0.97 0.29
N THR A 81 9.29 -0.05 -0.55
CA THR A 81 8.17 -0.09 -1.49
C THR A 81 6.85 -0.44 -0.77
N LEU A 82 6.92 -1.27 0.29
CA LEU A 82 5.74 -1.52 1.17
C LEU A 82 5.35 -0.25 1.94
N ARG A 83 6.37 0.53 2.33
CA ARG A 83 6.20 1.83 2.98
C ARG A 83 5.59 2.84 2.02
N GLU A 84 6.11 2.85 0.77
CA GLU A 84 5.74 3.84 -0.25
C GLU A 84 4.30 3.62 -0.73
N LEU A 85 3.95 2.34 -0.94
CA LEU A 85 2.59 1.93 -1.28
C LEU A 85 1.61 2.14 -0.12
N GLU A 86 2.11 2.02 1.10
CA GLU A 86 1.32 2.29 2.31
C GLU A 86 0.92 3.78 2.35
N ARG A 87 1.90 4.63 2.01
CA ARG A 87 1.71 6.10 1.89
C ARG A 87 0.69 6.41 0.79
N TYR A 88 0.84 5.67 -0.33
CA TYR A 88 -0.03 5.81 -1.52
C TYR A 88 -1.51 5.60 -1.16
N VAL A 89 -1.84 4.49 -0.46
CA VAL A 89 -3.25 4.17 -0.11
C VAL A 89 -3.82 5.22 0.84
N LYS A 90 -3.01 5.60 1.82
CA LYS A 90 -3.37 6.61 2.80
C LYS A 90 -3.47 8.03 2.18
N SER A 91 -2.88 8.20 1.00
CA SER A 91 -3.04 9.40 0.17
C SER A 91 -4.28 9.28 -0.75
N CYS A 92 -4.52 8.06 -1.26
CA CYS A 92 -5.43 7.81 -2.39
C CYS A 92 -6.90 7.74 -1.95
N LEU A 93 -7.17 6.96 -0.89
CA LEU A 93 -8.54 6.79 -0.34
C LEU A 93 -8.76 7.64 0.93
N GLN A 94 -7.83 8.57 1.23
CA GLN A 94 -7.94 9.44 2.42
C GLN A 94 -7.62 10.90 2.06
N LYS A 95 -8.11 11.82 2.92
CA LYS A 95 -7.81 13.28 2.87
C LYS A 95 -8.38 13.96 1.61
N LYS A 96 -7.67 13.78 0.50
CA LYS A 96 -7.90 14.48 -0.77
C LYS A 96 -8.64 13.54 -1.76
N HIS A 1 15.38 -8.41 -27.41
CA HIS A 1 14.73 -9.05 -26.25
C HIS A 1 14.61 -8.01 -25.12
N HIS A 2 13.44 -7.34 -25.04
CA HIS A 2 13.18 -6.26 -24.06
C HIS A 2 13.19 -6.81 -22.63
N HIS A 3 14.38 -6.73 -22.00
CA HIS A 3 14.67 -7.21 -20.64
C HIS A 3 14.40 -8.73 -20.49
N HIS A 4 13.20 -9.11 -19.96
CA HIS A 4 12.90 -10.51 -19.56
C HIS A 4 11.43 -10.60 -19.09
N HIS A 5 11.08 -11.59 -18.23
CA HIS A 5 9.73 -11.74 -17.65
C HIS A 5 9.80 -12.77 -16.51
N HIS A 6 9.63 -12.36 -15.24
CA HIS A 6 9.68 -13.28 -14.08
C HIS A 6 9.03 -12.65 -12.84
N SER A 7 8.17 -13.43 -12.16
CA SER A 7 7.44 -13.02 -10.96
C SER A 7 8.23 -13.35 -9.68
N HIS A 8 8.15 -12.46 -8.67
CA HIS A 8 8.82 -12.64 -7.36
C HIS A 8 7.78 -12.76 -6.22
N MET A 9 8.05 -13.64 -5.24
CA MET A 9 7.29 -13.73 -3.97
C MET A 9 8.29 -13.98 -2.82
N GLY A 10 8.01 -13.41 -1.62
CA GLY A 10 8.95 -13.45 -0.50
C GLY A 10 8.30 -13.93 0.78
N LYS A 11 7.52 -13.03 1.40
CA LYS A 11 6.83 -13.25 2.69
C LYS A 11 7.79 -13.56 3.87
N GLN A 12 8.07 -12.51 4.68
CA GLN A 12 8.82 -12.61 5.94
C GLN A 12 7.92 -12.16 7.11
N ALA A 13 7.42 -13.15 7.89
CA ALA A 13 6.60 -12.92 9.09
C ALA A 13 7.42 -12.14 10.14
N SER A 14 7.34 -10.81 10.07
CA SER A 14 8.16 -9.89 10.87
C SER A 14 7.33 -8.67 11.28
N ALA A 15 7.77 -8.01 12.36
CA ALA A 15 7.10 -6.82 12.91
C ALA A 15 8.14 -5.78 13.35
N SER A 16 7.76 -4.51 13.23
CA SER A 16 8.58 -3.34 13.64
C SER A 16 7.64 -2.15 13.84
N TYR A 17 7.95 -1.27 14.81
CA TYR A 17 7.19 -0.02 15.01
C TYR A 17 7.62 1.03 13.97
N ASP A 18 6.78 2.06 13.76
CA ASP A 18 7.00 3.06 12.70
C ASP A 18 7.84 4.23 13.23
N SER A 19 9.16 4.08 13.09
CA SER A 19 10.14 5.11 13.48
C SER A 19 10.03 6.38 12.60
N GLU A 20 10.22 7.55 13.23
CA GLU A 20 10.14 8.86 12.54
C GLU A 20 11.53 9.39 12.17
N GLU A 21 11.53 10.56 11.48
CA GLU A 21 12.76 11.29 11.01
C GLU A 21 13.47 10.54 9.85
N GLU A 22 12.92 9.37 9.48
CA GLU A 22 13.39 8.44 8.46
C GLU A 22 12.43 7.26 8.47
N GLU A 23 12.42 6.46 7.41
CA GLU A 23 11.56 5.27 7.33
C GLU A 23 12.43 4.01 7.25
N GLU A 24 13.60 4.16 6.57
CA GLU A 24 14.68 3.13 6.52
C GLU A 24 14.27 1.90 5.68
N GLY A 25 12.97 1.84 5.34
CA GLY A 25 12.36 0.60 4.93
C GLY A 25 12.37 -0.44 6.04
N LEU A 26 11.80 -0.06 7.19
CA LEU A 26 11.63 -0.99 8.32
C LEU A 26 10.69 -2.14 7.90
N PRO A 27 11.04 -3.42 8.20
CA PRO A 27 10.11 -4.56 8.04
C PRO A 27 8.86 -4.37 8.92
N MET A 28 7.87 -3.64 8.37
CA MET A 28 6.62 -3.26 9.08
C MET A 28 5.89 -4.51 9.60
N SER A 29 4.97 -4.33 10.56
CA SER A 29 4.18 -5.43 11.12
C SER A 29 3.30 -6.07 10.04
N TYR A 30 3.03 -7.39 10.16
CA TYR A 30 2.19 -8.11 9.18
C TYR A 30 0.79 -7.47 9.09
N ASP A 31 0.34 -6.88 10.22
CA ASP A 31 -0.90 -6.09 10.26
C ASP A 31 -0.92 -4.98 9.20
N GLU A 32 0.22 -4.28 9.06
CA GLU A 32 0.38 -3.19 8.07
C GLU A 32 0.34 -3.71 6.63
N LYS A 33 0.82 -4.94 6.42
CA LYS A 33 0.94 -5.57 5.08
C LYS A 33 -0.45 -6.03 4.57
N ARG A 34 -1.23 -6.67 5.46
CA ARG A 34 -2.59 -7.16 5.13
C ARG A 34 -3.60 -5.99 5.08
N GLN A 35 -3.35 -4.95 5.91
CA GLN A 35 -4.11 -3.68 5.90
C GLN A 35 -3.95 -3.01 4.51
N LEU A 36 -2.67 -2.95 4.08
CA LEU A 36 -2.22 -2.37 2.79
C LEU A 36 -2.96 -3.03 1.61
N SER A 37 -2.86 -4.38 1.54
CA SER A 37 -3.48 -5.19 0.47
C SER A 37 -4.99 -4.94 0.39
N LEU A 38 -5.62 -4.95 1.57
CA LEU A 38 -7.07 -4.78 1.75
C LEU A 38 -7.53 -3.38 1.33
N ASP A 39 -6.69 -2.37 1.58
CA ASP A 39 -6.97 -0.97 1.21
C ASP A 39 -6.94 -0.80 -0.32
N ILE A 40 -6.01 -1.52 -0.98
CA ILE A 40 -5.92 -1.58 -2.44
C ILE A 40 -7.21 -2.15 -3.05
N ASN A 41 -7.83 -3.14 -2.35
CA ASN A 41 -9.08 -3.80 -2.83
C ASN A 41 -10.29 -2.83 -2.74
N ARG A 42 -10.18 -1.84 -1.84
CA ARG A 42 -11.19 -0.77 -1.66
C ARG A 42 -11.04 0.33 -2.72
N LEU A 43 -9.82 0.45 -3.25
CA LEU A 43 -9.43 1.50 -4.22
C LEU A 43 -9.93 1.19 -5.65
N PRO A 44 -9.94 2.23 -6.58
CA PRO A 44 -10.26 2.05 -8.03
C PRO A 44 -9.45 0.94 -8.73
N GLY A 45 -10.03 0.36 -9.80
CA GLY A 45 -9.32 -0.61 -10.65
C GLY A 45 -8.03 -0.03 -11.27
N GLU A 46 -8.00 1.32 -11.43
CA GLU A 46 -6.80 2.08 -11.80
C GLU A 46 -5.72 1.89 -10.72
N LYS A 47 -6.13 2.10 -9.45
CA LYS A 47 -5.26 2.02 -8.29
C LYS A 47 -4.69 0.60 -8.09
N LEU A 48 -5.50 -0.43 -8.44
CA LEU A 48 -5.04 -1.84 -8.46
C LEU A 48 -3.88 -2.06 -9.45
N GLY A 49 -3.92 -1.36 -10.60
CA GLY A 49 -2.83 -1.39 -11.57
C GLY A 49 -1.72 -0.40 -11.27
N ARG A 50 -2.05 0.64 -10.47
CA ARG A 50 -1.14 1.73 -10.12
C ARG A 50 -0.14 1.27 -9.06
N VAL A 51 -0.62 0.47 -8.10
CA VAL A 51 0.24 -0.15 -7.07
C VAL A 51 1.27 -1.09 -7.74
N VAL A 52 0.83 -1.76 -8.81
CA VAL A 52 1.71 -2.60 -9.61
C VAL A 52 2.65 -1.74 -10.44
N HIS A 53 2.16 -0.58 -10.90
CA HIS A 53 2.97 0.40 -11.67
C HIS A 53 4.10 0.99 -10.80
N ILE A 54 3.93 0.90 -9.45
CA ILE A 54 4.97 1.28 -8.47
C ILE A 54 6.06 0.19 -8.36
N ILE A 55 5.67 -1.12 -8.25
CA ILE A 55 6.70 -2.23 -8.21
C ILE A 55 7.45 -2.33 -9.56
N GLN A 56 6.74 -2.01 -10.66
CA GLN A 56 7.28 -2.04 -12.01
C GLN A 56 8.23 -0.86 -12.24
N SER A 57 7.86 0.31 -11.67
CA SER A 57 8.73 1.50 -11.66
C SER A 57 10.00 1.25 -10.85
N ARG A 58 9.86 0.41 -9.80
CA ARG A 58 10.95 0.11 -8.88
C ARG A 58 11.97 -0.85 -9.52
N GLU A 59 11.50 -2.04 -9.92
CA GLU A 59 12.38 -3.09 -10.47
C GLU A 59 11.87 -3.57 -11.85
N PRO A 60 12.74 -3.51 -12.92
CA PRO A 60 12.49 -4.12 -14.25
C PRO A 60 12.20 -5.65 -14.21
N SER A 61 12.42 -6.27 -13.03
CA SER A 61 12.09 -7.68 -12.78
C SER A 61 10.58 -7.95 -12.98
N LEU A 62 9.77 -7.07 -12.38
CA LEU A 62 8.30 -7.17 -12.38
C LEU A 62 7.67 -6.23 -13.38
N ARG A 63 8.51 -5.37 -13.97
CA ARG A 63 8.05 -4.36 -14.94
C ARG A 63 7.67 -5.02 -16.25
N ASP A 64 8.51 -5.94 -16.70
CA ASP A 64 8.28 -6.71 -17.92
C ASP A 64 7.38 -7.93 -17.66
N SER A 65 7.11 -8.21 -16.37
CA SER A 65 6.04 -9.14 -15.98
C SER A 65 4.68 -8.39 -16.04
N ASN A 66 3.64 -9.07 -16.55
CA ASN A 66 2.32 -8.46 -16.83
C ASN A 66 1.62 -8.03 -15.52
N PRO A 67 1.23 -6.71 -15.35
CA PRO A 67 0.59 -6.19 -14.11
C PRO A 67 -0.70 -6.92 -13.72
N ASP A 68 -1.43 -7.42 -14.72
CA ASP A 68 -2.69 -8.15 -14.53
C ASP A 68 -2.41 -9.58 -14.03
N GLU A 69 -1.31 -10.16 -14.51
CA GLU A 69 -0.88 -11.53 -14.18
C GLU A 69 -0.24 -11.60 -12.78
N ILE A 70 0.53 -10.56 -12.42
CA ILE A 70 1.29 -10.52 -11.15
C ILE A 70 0.50 -9.75 -10.08
N GLU A 71 0.82 -10.04 -8.81
CA GLU A 71 0.26 -9.34 -7.65
C GLU A 71 1.37 -8.68 -6.83
N ILE A 72 0.99 -7.76 -5.93
CA ILE A 72 1.93 -7.08 -5.05
C ILE A 72 2.16 -7.91 -3.78
N ASP A 73 3.24 -8.71 -3.82
CA ASP A 73 3.80 -9.32 -2.61
C ASP A 73 4.70 -8.24 -1.99
N PHE A 74 4.23 -7.65 -0.89
CA PHE A 74 4.86 -6.47 -0.26
C PHE A 74 6.23 -6.81 0.38
N GLU A 75 6.50 -8.10 0.54
CA GLU A 75 7.64 -8.59 1.33
C GLU A 75 8.78 -9.10 0.42
N THR A 76 8.54 -9.19 -0.90
CA THR A 76 9.58 -9.55 -1.89
C THR A 76 10.20 -8.29 -2.51
N LEU A 77 9.38 -7.23 -2.70
CA LEU A 77 9.86 -5.95 -3.24
C LEU A 77 10.66 -5.19 -2.17
N LYS A 78 11.38 -4.14 -2.59
CA LYS A 78 12.32 -3.40 -1.74
C LYS A 78 11.67 -2.90 -0.43
N PRO A 79 12.41 -2.87 0.71
CA PRO A 79 11.84 -2.52 2.04
C PRO A 79 11.24 -1.10 2.10
N THR A 80 11.73 -0.17 1.26
CA THR A 80 11.16 1.18 1.15
C THR A 80 9.97 1.22 0.17
N THR A 81 9.88 0.21 -0.73
CA THR A 81 8.80 0.13 -1.73
C THR A 81 7.47 -0.28 -1.06
N LEU A 82 7.50 -1.25 -0.10
CA LEU A 82 6.28 -1.63 0.68
C LEU A 82 5.75 -0.43 1.47
N ARG A 83 6.68 0.42 1.90
CA ARG A 83 6.39 1.68 2.58
C ARG A 83 5.81 2.72 1.60
N GLU A 84 6.32 2.72 0.34
CA GLU A 84 5.86 3.61 -0.74
C GLU A 84 4.42 3.26 -1.14
N LEU A 85 4.13 1.94 -1.17
CA LEU A 85 2.80 1.39 -1.45
C LEU A 85 1.80 1.81 -0.36
N GLU A 86 2.23 1.69 0.90
CA GLU A 86 1.36 1.93 2.06
C GLU A 86 0.93 3.39 2.13
N ARG A 87 1.90 4.29 1.98
CA ARG A 87 1.67 5.75 2.02
C ARG A 87 0.80 6.19 0.85
N TYR A 88 0.96 5.51 -0.30
CA TYR A 88 0.15 5.76 -1.49
C TYR A 88 -1.35 5.52 -1.20
N VAL A 89 -1.69 4.31 -0.71
CA VAL A 89 -3.09 3.93 -0.43
C VAL A 89 -3.70 4.85 0.60
N LYS A 90 -2.92 5.15 1.65
CA LYS A 90 -3.38 6.00 2.74
C LYS A 90 -3.64 7.42 2.25
N SER A 91 -2.87 7.87 1.24
CA SER A 91 -3.01 9.21 0.66
C SER A 91 -4.11 9.21 -0.41
N CYS A 92 -4.44 8.02 -0.95
CA CYS A 92 -5.44 7.87 -2.00
C CYS A 92 -6.85 7.90 -1.39
N LEU A 93 -7.09 7.03 -0.40
CA LEU A 93 -8.40 6.96 0.31
C LEU A 93 -8.50 7.94 1.52
N GLN A 94 -7.38 8.63 1.90
CA GLN A 94 -7.41 9.72 2.94
C GLN A 94 -6.56 10.90 2.49
N LYS A 95 -7.18 12.05 2.32
CA LYS A 95 -6.49 13.26 1.86
C LYS A 95 -7.38 14.50 2.04
N LYS A 96 -6.78 15.66 1.76
CA LYS A 96 -7.43 16.98 1.86
C LYS A 96 -7.21 17.78 0.56
N HIS A 1 -3.32 -30.57 -6.09
CA HIS A 1 -2.56 -30.03 -4.93
C HIS A 1 -2.64 -28.49 -4.86
N HIS A 2 -3.56 -27.87 -5.63
CA HIS A 2 -3.80 -26.41 -5.60
C HIS A 2 -5.25 -26.13 -5.13
N HIS A 3 -5.36 -25.49 -3.97
CA HIS A 3 -6.62 -24.93 -3.43
C HIS A 3 -6.28 -23.57 -2.83
N HIS A 4 -6.50 -22.52 -3.63
CA HIS A 4 -6.05 -21.15 -3.33
C HIS A 4 -7.13 -20.38 -2.56
N HIS A 5 -6.71 -19.78 -1.44
CA HIS A 5 -7.58 -19.01 -0.54
C HIS A 5 -6.73 -18.17 0.42
N HIS A 6 -7.07 -16.88 0.53
CA HIS A 6 -6.55 -15.98 1.56
C HIS A 6 -7.56 -14.84 1.81
N SER A 7 -8.56 -15.14 2.66
CA SER A 7 -9.56 -14.15 3.06
C SER A 7 -8.94 -13.19 4.09
N HIS A 8 -8.37 -12.07 3.59
CA HIS A 8 -7.77 -11.01 4.44
C HIS A 8 -8.82 -10.43 5.40
N MET A 9 -10.08 -10.34 4.91
CA MET A 9 -11.28 -9.90 5.67
C MET A 9 -11.10 -8.51 6.32
N GLY A 10 -12.00 -8.18 7.26
CA GLY A 10 -11.89 -6.98 8.06
C GLY A 10 -12.37 -5.71 7.36
N LYS A 11 -12.66 -4.68 8.17
CA LYS A 11 -13.06 -3.35 7.70
C LYS A 11 -12.10 -2.27 8.23
N GLN A 12 -11.18 -2.68 9.13
CA GLN A 12 -10.19 -1.77 9.75
C GLN A 12 -9.25 -1.20 8.68
N ALA A 13 -9.55 0.03 8.25
CA ALA A 13 -8.70 0.80 7.33
C ALA A 13 -7.45 1.33 8.05
N SER A 14 -6.44 1.77 7.27
CA SER A 14 -5.22 2.38 7.82
C SER A 14 -5.60 3.67 8.58
N ALA A 15 -6.15 4.66 7.84
CA ALA A 15 -6.58 5.98 8.40
C ALA A 15 -5.48 6.62 9.27
N SER A 16 -4.24 6.55 8.77
CA SER A 16 -3.03 6.90 9.54
C SER A 16 -2.17 7.92 8.80
N TYR A 17 -1.53 8.81 9.56
CA TYR A 17 -0.59 9.83 9.03
C TYR A 17 0.82 9.23 8.97
N ASP A 18 1.74 9.96 8.29
CA ASP A 18 3.19 9.64 8.27
C ASP A 18 3.98 10.78 7.63
N SER A 19 5.30 10.77 7.82
CA SER A 19 6.18 11.83 7.36
C SER A 19 6.76 11.51 5.97
N GLU A 20 6.13 12.08 4.92
CA GLU A 20 6.59 11.94 3.51
C GLU A 20 7.91 12.71 3.25
N GLU A 21 8.39 13.46 4.27
CA GLU A 21 9.71 14.17 4.25
C GLU A 21 10.85 13.21 4.66
N GLU A 22 10.65 11.94 4.33
CA GLU A 22 11.45 10.82 4.80
C GLU A 22 11.19 9.63 3.87
N GLU A 23 11.79 8.47 4.17
CA GLU A 23 11.49 7.23 3.48
C GLU A 23 10.70 6.30 4.41
N GLU A 24 11.11 6.29 5.70
CA GLU A 24 10.50 5.45 6.76
C GLU A 24 10.41 3.98 6.34
N GLY A 25 11.37 3.59 5.48
CA GLY A 25 11.41 2.28 4.87
C GLY A 25 11.85 1.20 5.82
N LEU A 26 10.90 0.78 6.63
CA LEU A 26 11.05 -0.31 7.58
C LEU A 26 10.25 -1.51 7.07
N PRO A 27 10.79 -2.76 7.15
CA PRO A 27 10.01 -3.97 6.83
C PRO A 27 8.88 -4.13 7.86
N MET A 28 7.72 -3.53 7.55
CA MET A 28 6.58 -3.45 8.47
C MET A 28 6.00 -4.84 8.78
N SER A 29 5.28 -4.96 9.90
CA SER A 29 4.69 -6.25 10.36
C SER A 29 3.60 -6.75 9.39
N TYR A 30 3.20 -8.03 9.54
CA TYR A 30 2.17 -8.64 8.69
C TYR A 30 0.82 -7.90 8.81
N ASP A 31 0.55 -7.35 10.00
CA ASP A 31 -0.68 -6.56 10.25
C ASP A 31 -0.70 -5.31 9.36
N GLU A 32 0.48 -4.74 9.11
CA GLU A 32 0.62 -3.59 8.21
C GLU A 32 0.50 -4.03 6.74
N LYS A 33 0.99 -5.25 6.43
CA LYS A 33 0.96 -5.80 5.06
C LYS A 33 -0.47 -6.19 4.62
N ARG A 34 -1.28 -6.71 5.56
CA ARG A 34 -2.69 -7.04 5.30
C ARG A 34 -3.53 -5.74 5.29
N GLN A 35 -3.01 -4.70 5.99
CA GLN A 35 -3.57 -3.35 6.02
C GLN A 35 -3.50 -2.74 4.60
N LEU A 36 -2.30 -2.83 3.98
CA LEU A 36 -2.10 -2.52 2.54
C LEU A 36 -3.16 -3.24 1.69
N SER A 37 -3.14 -4.59 1.76
CA SER A 37 -4.02 -5.48 0.97
C SER A 37 -5.48 -4.99 0.98
N LEU A 38 -5.96 -4.70 2.18
CA LEU A 38 -7.35 -4.31 2.43
C LEU A 38 -7.66 -2.91 1.87
N ASP A 39 -6.73 -1.94 2.05
CA ASP A 39 -6.90 -0.55 1.56
C ASP A 39 -6.84 -0.50 0.02
N ILE A 40 -5.96 -1.34 -0.56
CA ILE A 40 -5.83 -1.50 -2.02
C ILE A 40 -7.13 -2.11 -2.60
N ASN A 41 -7.79 -2.98 -1.80
CA ASN A 41 -9.08 -3.60 -2.19
C ASN A 41 -10.21 -2.57 -2.18
N ARG A 42 -10.06 -1.52 -1.36
CA ARG A 42 -11.00 -0.39 -1.29
C ARG A 42 -10.80 0.58 -2.48
N LEU A 43 -9.57 0.59 -3.02
CA LEU A 43 -9.15 1.51 -4.10
C LEU A 43 -9.81 1.20 -5.48
N PRO A 44 -9.88 2.22 -6.40
CA PRO A 44 -10.28 2.06 -7.83
C PRO A 44 -9.55 0.92 -8.58
N GLY A 45 -10.12 0.51 -9.73
CA GLY A 45 -9.49 -0.50 -10.60
C GLY A 45 -8.18 -0.01 -11.23
N GLU A 46 -8.13 1.29 -11.56
CA GLU A 46 -6.89 1.96 -12.02
C GLU A 46 -5.83 1.92 -10.92
N LYS A 47 -6.27 2.14 -9.68
CA LYS A 47 -5.41 2.14 -8.49
C LYS A 47 -4.88 0.72 -8.18
N LEU A 48 -5.68 -0.30 -8.55
CA LEU A 48 -5.26 -1.73 -8.51
C LEU A 48 -4.12 -1.99 -9.51
N GLY A 49 -4.14 -1.26 -10.63
CA GLY A 49 -3.09 -1.33 -11.61
C GLY A 49 -1.90 -0.48 -11.24
N ARG A 50 -2.14 0.63 -10.53
CA ARG A 50 -1.09 1.62 -10.23
C ARG A 50 -0.17 1.13 -9.10
N VAL A 51 -0.71 0.33 -8.14
CA VAL A 51 0.14 -0.35 -7.14
C VAL A 51 1.19 -1.26 -7.84
N VAL A 52 0.76 -1.85 -8.97
CA VAL A 52 1.62 -2.67 -9.82
C VAL A 52 2.66 -1.77 -10.49
N HIS A 53 2.23 -0.62 -11.02
CA HIS A 53 3.14 0.35 -11.70
C HIS A 53 4.30 0.78 -10.78
N ILE A 54 4.02 0.81 -9.46
CA ILE A 54 5.00 1.23 -8.44
C ILE A 54 6.06 0.12 -8.18
N ILE A 55 5.61 -1.16 -8.10
CA ILE A 55 6.56 -2.29 -7.97
C ILE A 55 7.37 -2.46 -9.28
N GLN A 56 6.77 -2.06 -10.43
CA GLN A 56 7.42 -2.11 -11.75
C GLN A 56 8.49 -1.00 -11.85
N SER A 57 8.21 0.17 -11.24
CA SER A 57 9.16 1.30 -11.18
C SER A 57 10.41 0.91 -10.38
N ARG A 58 10.17 0.19 -9.27
CA ARG A 58 11.22 -0.24 -8.36
C ARG A 58 12.03 -1.40 -8.99
N GLU A 59 11.32 -2.47 -9.35
CA GLU A 59 11.91 -3.72 -9.84
C GLU A 59 11.89 -3.74 -11.38
N PRO A 60 13.07 -3.69 -12.06
CA PRO A 60 13.13 -3.81 -13.55
C PRO A 60 12.75 -5.22 -14.06
N SER A 61 12.78 -6.21 -13.14
CA SER A 61 12.57 -7.64 -13.45
C SER A 61 11.12 -7.90 -13.89
N LEU A 62 10.15 -7.30 -13.16
CA LEU A 62 8.72 -7.41 -13.49
C LEU A 62 8.17 -6.06 -13.98
N ARG A 63 9.08 -5.17 -14.46
CA ARG A 63 8.68 -3.82 -14.94
C ARG A 63 7.79 -3.89 -16.19
N ASP A 64 8.17 -4.78 -17.12
CA ASP A 64 7.46 -4.98 -18.39
C ASP A 64 6.31 -5.99 -18.24
N SER A 65 6.19 -6.60 -17.05
CA SER A 65 5.23 -7.69 -16.79
C SER A 65 3.81 -7.16 -16.63
N ASN A 66 2.85 -7.94 -17.13
CA ASN A 66 1.42 -7.63 -17.07
C ASN A 66 0.90 -7.88 -15.62
N PRO A 67 0.02 -6.96 -15.08
CA PRO A 67 -0.47 -7.03 -13.65
C PRO A 67 -1.28 -8.30 -13.30
N ASP A 68 -1.68 -9.08 -14.30
CA ASP A 68 -2.42 -10.35 -14.08
C ASP A 68 -1.44 -11.53 -13.88
N GLU A 69 -0.23 -11.37 -14.42
CA GLU A 69 0.82 -12.42 -14.39
C GLU A 69 1.55 -12.43 -13.04
N ILE A 70 1.77 -11.22 -12.48
CA ILE A 70 2.40 -11.04 -11.15
C ILE A 70 1.44 -10.31 -10.21
N GLU A 71 1.53 -10.61 -8.90
CA GLU A 71 0.70 -9.96 -7.86
C GLU A 71 1.58 -9.09 -6.96
N ILE A 72 0.92 -8.22 -6.18
CA ILE A 72 1.63 -7.30 -5.27
C ILE A 72 1.77 -7.95 -3.90
N ASP A 73 2.92 -8.59 -3.69
CA ASP A 73 3.30 -9.14 -2.40
C ASP A 73 4.13 -8.08 -1.66
N PHE A 74 3.75 -7.85 -0.41
CA PHE A 74 4.18 -6.68 0.37
C PHE A 74 5.56 -6.87 1.02
N GLU A 75 6.14 -8.10 0.95
CA GLU A 75 7.52 -8.37 1.44
C GLU A 75 8.54 -8.66 0.33
N THR A 76 8.08 -8.96 -0.91
CA THR A 76 8.99 -9.37 -2.02
C THR A 76 9.72 -8.13 -2.60
N LEU A 77 9.06 -6.98 -2.52
CA LEU A 77 9.64 -5.67 -2.90
C LEU A 77 10.41 -5.06 -1.70
N LYS A 78 11.18 -3.98 -1.96
CA LYS A 78 12.12 -3.38 -0.98
C LYS A 78 11.40 -2.90 0.32
N PRO A 79 12.14 -2.81 1.49
CA PRO A 79 11.57 -2.35 2.80
C PRO A 79 10.92 -0.95 2.73
N THR A 80 11.39 -0.13 1.78
CA THR A 80 10.84 1.21 1.54
C THR A 80 9.67 1.17 0.55
N THR A 81 9.68 0.19 -0.36
CA THR A 81 8.67 0.07 -1.42
C THR A 81 7.32 -0.39 -0.85
N LEU A 82 7.33 -1.32 0.12
CA LEU A 82 6.10 -1.74 0.85
C LEU A 82 5.49 -0.56 1.61
N ARG A 83 6.39 0.29 2.11
CA ARG A 83 6.01 1.47 2.88
C ARG A 83 5.53 2.57 1.91
N GLU A 84 6.04 2.56 0.68
CA GLU A 84 5.67 3.50 -0.38
C GLU A 84 4.31 3.13 -0.98
N LEU A 85 4.01 1.81 -1.03
CA LEU A 85 2.69 1.31 -1.44
C LEU A 85 1.64 1.67 -0.39
N GLU A 86 2.05 1.62 0.90
CA GLU A 86 1.19 2.02 2.00
C GLU A 86 0.94 3.53 1.97
N ARG A 87 2.02 4.29 1.71
CA ARG A 87 1.96 5.77 1.56
C ARG A 87 1.02 6.14 0.42
N TYR A 88 1.06 5.34 -0.65
CA TYR A 88 0.25 5.51 -1.84
C TYR A 88 -1.24 5.41 -1.50
N VAL A 89 -1.65 4.36 -0.75
CA VAL A 89 -3.07 4.18 -0.34
C VAL A 89 -3.50 5.30 0.61
N LYS A 90 -2.58 5.68 1.50
CA LYS A 90 -2.84 6.74 2.48
C LYS A 90 -2.91 8.13 1.79
N SER A 91 -2.29 8.21 0.60
CA SER A 91 -2.29 9.40 -0.26
C SER A 91 -3.51 9.39 -1.19
N CYS A 92 -4.00 8.18 -1.54
CA CYS A 92 -5.04 8.00 -2.57
C CYS A 92 -6.45 8.09 -1.96
N LEU A 93 -6.71 7.32 -0.89
CA LEU A 93 -8.07 7.21 -0.29
C LEU A 93 -8.25 8.06 1.00
N GLN A 94 -7.20 8.79 1.48
CA GLN A 94 -7.32 9.60 2.74
C GLN A 94 -7.08 11.09 2.46
N LYS A 95 -5.80 11.47 2.31
CA LYS A 95 -5.38 12.88 2.22
C LYS A 95 -4.14 13.03 1.31
N LYS A 96 -3.48 14.20 1.40
CA LYS A 96 -2.22 14.51 0.68
C LYS A 96 -1.13 13.39 0.83
N HIS A 1 0.85 -25.07 13.02
CA HIS A 1 0.95 -23.60 12.82
C HIS A 1 2.03 -23.32 11.77
N HIS A 2 2.30 -22.01 11.50
CA HIS A 2 3.22 -21.55 10.42
C HIS A 2 4.66 -22.09 10.57
N HIS A 3 4.88 -23.27 10.01
CA HIS A 3 6.20 -23.83 9.72
C HIS A 3 6.57 -23.43 8.28
N HIS A 4 5.58 -23.59 7.37
CA HIS A 4 5.71 -23.26 5.95
C HIS A 4 5.73 -21.72 5.76
N HIS A 5 6.15 -21.30 4.56
CA HIS A 5 6.34 -19.88 4.15
C HIS A 5 7.66 -19.29 4.69
N HIS A 6 8.02 -19.65 5.96
CA HIS A 6 9.19 -19.07 6.67
C HIS A 6 9.01 -17.54 6.79
N SER A 7 7.74 -17.16 7.03
CA SER A 7 7.23 -15.78 6.91
C SER A 7 7.87 -14.82 7.93
N HIS A 8 9.09 -14.35 7.58
CA HIS A 8 9.87 -13.38 8.37
C HIS A 8 10.68 -12.49 7.41
N MET A 9 10.10 -12.26 6.20
CA MET A 9 10.75 -11.47 5.12
C MET A 9 10.97 -10.03 5.58
N GLY A 10 12.21 -9.72 5.97
CA GLY A 10 12.57 -8.42 6.48
C GLY A 10 14.08 -8.19 6.52
N LYS A 11 14.48 -6.94 6.24
CA LYS A 11 15.88 -6.49 6.29
C LYS A 11 16.32 -6.34 7.76
N GLN A 12 17.56 -6.76 8.06
CA GLN A 12 18.17 -6.64 9.42
C GLN A 12 18.80 -5.23 9.61
N ALA A 13 17.99 -4.19 9.34
CA ALA A 13 18.43 -2.78 9.41
C ALA A 13 18.50 -2.28 10.86
N SER A 14 18.97 -1.03 11.02
CA SER A 14 19.07 -0.36 12.33
C SER A 14 17.66 -0.03 12.85
N ALA A 15 17.54 0.05 14.19
CA ALA A 15 16.26 0.28 14.88
C ALA A 15 15.91 1.78 14.95
N SER A 16 16.12 2.48 13.83
CA SER A 16 15.82 3.91 13.69
C SER A 16 15.46 4.20 12.22
N TYR A 17 16.52 4.32 11.38
CA TYR A 17 16.47 4.59 9.91
C TYR A 17 17.87 5.09 9.47
N ASP A 18 18.02 5.47 8.19
CA ASP A 18 19.21 6.19 7.70
C ASP A 18 18.82 7.04 6.50
N SER A 19 18.68 8.37 6.70
CA SER A 19 18.28 9.31 5.64
C SER A 19 19.44 9.52 4.64
N GLU A 20 19.59 8.53 3.76
CA GLU A 20 20.61 8.49 2.70
C GLU A 20 20.27 7.31 1.80
N GLU A 21 20.16 6.12 2.42
CA GLU A 21 19.84 4.85 1.72
C GLU A 21 18.32 4.56 1.77
N GLU A 22 17.58 5.22 2.70
CA GLU A 22 16.21 4.86 3.04
C GLU A 22 15.49 6.04 3.72
N GLU A 23 14.15 6.04 3.67
CA GLU A 23 13.31 7.04 4.35
C GLU A 23 12.93 6.43 5.72
N GLU A 24 11.97 5.50 5.65
CA GLU A 24 11.60 4.62 6.76
C GLU A 24 11.68 3.21 6.16
N GLY A 25 12.89 2.87 5.72
CA GLY A 25 13.20 1.57 5.12
C GLY A 25 13.41 0.48 6.16
N LEU A 26 12.55 0.48 7.17
CA LEU A 26 12.49 -0.57 8.18
C LEU A 26 11.39 -1.55 7.74
N PRO A 27 11.67 -2.89 7.74
CA PRO A 27 10.67 -3.89 7.35
C PRO A 27 9.47 -3.89 8.32
N MET A 28 8.34 -3.35 7.83
CA MET A 28 7.07 -3.37 8.56
C MET A 28 6.54 -4.82 8.68
N SER A 29 5.58 -5.04 9.58
CA SER A 29 5.05 -6.40 9.88
C SER A 29 3.89 -6.75 8.94
N TYR A 30 3.39 -8.01 9.05
CA TYR A 30 2.32 -8.54 8.19
C TYR A 30 1.01 -7.74 8.37
N ASP A 31 0.79 -7.18 9.57
CA ASP A 31 -0.46 -6.46 9.94
C ASP A 31 -0.78 -5.30 8.99
N GLU A 32 0.21 -4.43 8.78
CA GLU A 32 0.07 -3.31 7.85
C GLU A 32 0.15 -3.81 6.39
N LYS A 33 0.90 -4.90 6.14
CA LYS A 33 1.06 -5.48 4.77
C LYS A 33 -0.29 -6.04 4.23
N ARG A 34 -1.10 -6.65 5.12
CA ARG A 34 -2.46 -7.14 4.74
C ARG A 34 -3.45 -5.97 4.72
N GLN A 35 -3.12 -4.89 5.48
CA GLN A 35 -3.84 -3.61 5.42
C GLN A 35 -3.62 -2.95 4.05
N LEU A 36 -2.40 -3.10 3.47
CA LEU A 36 -2.11 -2.70 2.08
C LEU A 36 -3.06 -3.43 1.12
N SER A 37 -3.03 -4.80 1.16
CA SER A 37 -3.86 -5.67 0.30
C SER A 37 -5.34 -5.27 0.37
N LEU A 38 -5.79 -5.07 1.62
CA LEU A 38 -7.16 -4.70 1.96
C LEU A 38 -7.53 -3.34 1.33
N ASP A 39 -6.67 -2.33 1.55
CA ASP A 39 -6.90 -0.95 1.06
C ASP A 39 -6.95 -0.90 -0.48
N ILE A 40 -6.05 -1.66 -1.12
CA ILE A 40 -5.96 -1.75 -2.60
C ILE A 40 -7.21 -2.43 -3.19
N ASN A 41 -7.88 -3.28 -2.36
CA ASN A 41 -9.08 -4.03 -2.77
C ASN A 41 -10.36 -3.18 -2.53
N ARG A 42 -10.18 -1.98 -1.93
CA ARG A 42 -11.26 -0.99 -1.75
C ARG A 42 -11.05 0.17 -2.72
N LEU A 43 -9.76 0.38 -3.05
CA LEU A 43 -9.32 1.33 -4.09
C LEU A 43 -9.83 0.93 -5.51
N PRO A 44 -9.87 1.91 -6.47
CA PRO A 44 -10.15 1.65 -7.91
C PRO A 44 -9.31 0.51 -8.52
N GLY A 45 -9.81 -0.05 -9.64
CA GLY A 45 -9.03 -0.97 -10.47
C GLY A 45 -7.83 -0.26 -11.11
N GLU A 46 -8.00 1.06 -11.35
CA GLU A 46 -6.91 1.96 -11.77
C GLU A 46 -5.78 1.96 -10.73
N LYS A 47 -6.17 2.11 -9.44
CA LYS A 47 -5.25 2.14 -8.31
C LYS A 47 -4.60 0.75 -8.09
N LEU A 48 -5.35 -0.31 -8.44
CA LEU A 48 -4.85 -1.69 -8.42
C LEU A 48 -3.76 -1.89 -9.50
N GLY A 49 -3.88 -1.14 -10.61
CA GLY A 49 -2.86 -1.12 -11.65
C GLY A 49 -1.73 -0.16 -11.35
N ARG A 50 -2.05 0.91 -10.59
CA ARG A 50 -1.09 1.98 -10.27
C ARG A 50 -0.07 1.52 -9.24
N VAL A 51 -0.54 0.71 -8.26
CA VAL A 51 0.35 0.10 -7.25
C VAL A 51 1.37 -0.84 -7.93
N VAL A 52 0.94 -1.48 -9.05
CA VAL A 52 1.85 -2.26 -9.89
C VAL A 52 2.84 -1.33 -10.60
N HIS A 53 2.34 -0.20 -11.14
CA HIS A 53 3.18 0.80 -11.84
C HIS A 53 4.34 1.29 -10.93
N ILE A 54 4.09 1.28 -9.61
CA ILE A 54 5.08 1.65 -8.59
C ILE A 54 6.13 0.52 -8.45
N ILE A 55 5.69 -0.77 -8.33
CA ILE A 55 6.63 -1.92 -8.17
C ILE A 55 7.46 -2.15 -9.46
N GLN A 56 6.89 -1.74 -10.61
CA GLN A 56 7.56 -1.76 -11.92
C GLN A 56 8.69 -0.70 -11.94
N SER A 57 8.40 0.45 -11.29
CA SER A 57 9.35 1.56 -11.12
C SER A 57 10.47 1.21 -10.11
N ARG A 58 10.16 0.30 -9.16
CA ARG A 58 11.15 -0.16 -8.17
C ARG A 58 12.13 -1.13 -8.82
N GLU A 59 11.57 -2.22 -9.33
CA GLU A 59 12.32 -3.37 -9.85
C GLU A 59 11.77 -3.76 -11.24
N PRO A 60 12.58 -3.49 -12.34
CA PRO A 60 12.20 -3.82 -13.75
C PRO A 60 11.94 -5.32 -14.01
N SER A 61 12.28 -6.20 -13.03
CA SER A 61 11.93 -7.63 -13.05
C SER A 61 10.41 -7.80 -13.09
N LEU A 62 9.71 -7.02 -12.24
CA LEU A 62 8.24 -7.04 -12.15
C LEU A 62 7.60 -6.01 -13.05
N ARG A 63 8.38 -5.40 -13.94
CA ARG A 63 7.85 -4.55 -15.01
C ARG A 63 7.52 -5.42 -16.21
N ASP A 64 8.38 -6.43 -16.48
CA ASP A 64 8.18 -7.41 -17.56
C ASP A 64 6.92 -8.25 -17.32
N SER A 65 6.62 -8.46 -16.04
CA SER A 65 5.40 -9.12 -15.60
C SER A 65 4.16 -8.22 -15.86
N ASN A 66 3.13 -8.81 -16.51
CA ASN A 66 1.83 -8.16 -16.75
C ASN A 66 1.17 -7.77 -15.39
N PRO A 67 0.73 -6.48 -15.21
CA PRO A 67 0.05 -6.00 -13.98
C PRO A 67 -1.14 -6.89 -13.52
N ASP A 68 -1.86 -7.48 -14.48
CA ASP A 68 -3.00 -8.38 -14.21
C ASP A 68 -2.50 -9.79 -13.84
N GLU A 69 -1.31 -10.15 -14.33
CA GLU A 69 -0.71 -11.48 -14.10
C GLU A 69 -0.18 -11.58 -12.66
N ILE A 70 0.38 -10.48 -12.15
CA ILE A 70 1.02 -10.43 -10.82
C ILE A 70 0.15 -9.73 -9.78
N GLU A 71 0.41 -10.06 -8.51
CA GLU A 71 -0.04 -9.32 -7.34
C GLU A 71 1.13 -8.47 -6.80
N ILE A 72 0.82 -7.50 -5.94
CA ILE A 72 1.83 -6.78 -5.17
C ILE A 72 2.12 -7.62 -3.91
N ASP A 73 3.18 -8.44 -3.97
CA ASP A 73 3.61 -9.25 -2.82
C ASP A 73 4.42 -8.34 -1.88
N PHE A 74 3.84 -8.10 -0.70
CA PHE A 74 4.32 -7.09 0.27
C PHE A 74 5.56 -7.56 1.05
N GLU A 75 5.96 -8.82 0.82
CA GLU A 75 7.08 -9.44 1.53
C GLU A 75 8.37 -9.39 0.69
N THR A 76 8.24 -9.70 -0.62
CA THR A 76 9.41 -9.87 -1.52
C THR A 76 9.90 -8.53 -2.11
N LEU A 77 9.12 -7.45 -1.91
CA LEU A 77 9.50 -6.09 -2.35
C LEU A 77 10.54 -5.47 -1.37
N LYS A 78 11.14 -4.34 -1.76
CA LYS A 78 12.21 -3.68 -0.95
C LYS A 78 11.63 -2.95 0.29
N PRO A 79 12.46 -2.71 1.37
CA PRO A 79 11.99 -2.12 2.67
C PRO A 79 11.43 -0.69 2.53
N THR A 80 11.80 0.04 1.47
CA THR A 80 11.23 1.35 1.16
C THR A 80 10.00 1.24 0.23
N THR A 81 9.92 0.12 -0.53
CA THR A 81 8.81 -0.13 -1.47
C THR A 81 7.48 -0.26 -0.69
N LEU A 82 7.48 -1.08 0.38
CA LEU A 82 6.29 -1.26 1.25
C LEU A 82 5.80 0.08 1.82
N ARG A 83 6.76 0.97 2.15
CA ARG A 83 6.49 2.29 2.73
C ARG A 83 5.86 3.23 1.69
N GLU A 84 6.27 3.08 0.42
CA GLU A 84 5.79 3.88 -0.71
C GLU A 84 4.38 3.46 -1.11
N LEU A 85 4.14 2.14 -1.15
CA LEU A 85 2.87 1.55 -1.57
C LEU A 85 1.76 1.87 -0.55
N GLU A 86 2.09 1.76 0.75
CA GLU A 86 1.12 2.00 1.82
C GLU A 86 0.80 3.49 1.90
N ARG A 87 1.83 4.35 1.77
CA ARG A 87 1.64 5.82 1.86
C ARG A 87 0.78 6.32 0.68
N TYR A 88 0.87 5.59 -0.45
CA TYR A 88 0.09 5.86 -1.65
C TYR A 88 -1.40 5.61 -1.40
N VAL A 89 -1.76 4.40 -0.89
CA VAL A 89 -3.16 4.05 -0.59
C VAL A 89 -3.75 4.98 0.47
N LYS A 90 -2.91 5.33 1.44
CA LYS A 90 -3.30 6.19 2.55
C LYS A 90 -3.43 7.65 2.09
N SER A 91 -2.81 7.98 0.95
CA SER A 91 -3.02 9.28 0.29
C SER A 91 -4.26 9.21 -0.63
N CYS A 92 -4.51 8.04 -1.23
CA CYS A 92 -5.53 7.89 -2.27
C CYS A 92 -6.94 7.87 -1.66
N LEU A 93 -7.18 6.99 -0.67
CA LEU A 93 -8.52 6.82 -0.07
C LEU A 93 -8.76 7.69 1.18
N GLN A 94 -7.69 8.14 1.89
CA GLN A 94 -7.87 9.00 3.11
C GLN A 94 -7.91 10.49 2.72
N LYS A 95 -6.77 11.02 2.26
CA LYS A 95 -6.64 12.44 1.85
C LYS A 95 -5.37 12.64 1.02
N LYS A 96 -5.43 13.54 0.04
CA LYS A 96 -4.24 13.96 -0.74
C LYS A 96 -3.52 15.10 0.01
#